data_7UKH
#
_entry.id   7UKH
#
_cell.length_a   1.00
_cell.length_b   1.00
_cell.length_c   1.00
_cell.angle_alpha   90.00
_cell.angle_beta   90.00
_cell.angle_gamma   90.00
#
_symmetry.space_group_name_H-M   'P 1'
#
loop_
_entity.id
_entity.type
_entity.pdbx_description
1 polymer 'Potassium voltage-gated channel subfamily D member 2'
2 polymer 'Isoform 2 of Kv channel-interacting protein 2'
3 non-polymer 'ZINC ION'
4 non-polymer 'CALCIUM ION'
#
loop_
_entity_poly.entity_id
_entity_poly.type
_entity_poly.pdbx_seq_one_letter_code
_entity_poly.pdbx_strand_id
1 'polypeptide(L)'
;MAAGVAAWLPFARAAAIGWMPVASGPMPAPPRQERKRTQDALIVLNVSGTRFQTWQDTLERYPDTLLGSSERDFFYHPET
QQYFFDRDPDIFRHILNFYRTGKLHYPRHECISAYDEELAFFGLIPEIIGDCCYEEYKDRRRENAERLQDDADTDTAGES
ALPTMTARQRVWRAFENPHTSTMALVFYYVTGFFIAVSVIANVVETVPCGSSPGHIKELPCGERYAVAFFCLDTACVMIF
TVEYLLRLAAAPSRYRFVRSVMSIIDVVAILPYYIGLVMTDNEDVSGAFVTLRVFRVFRIFKFSRHSQGLRILGYTLKSC
ASELGFLLFSLTMAIIIFATVMFYAEKGSSASKFTSIPAAFWYTIVTMTTLGYGDMVPKTIAGKIFGSICSLSGVLVIAL
PVPVIVSNFSRIYHQNQRADKRRAQKKARLARIRAAKSGSANAYMQSKRNGLLSNQLQSSEDEQAFVSKSGSSFETQHHH
LLHCLEKTTNHEFVDEQVFEESCMEVATVNRPSSHSPSLSSQQG
;
A,B,C,D
2 'polypeptide(L)'
;MRGQGRKESLSDSRDLDGSYDQLTGHPPGPTKKALKQRFLKLLPCCGPQALPSVSENSVDDEFELSTVCHRPEGLEQLQE
QTKFTRKELQVLYRGFKNECPSGIVNEENFKQIYSQFFPQGDSSTYATFLFNAFDTNHDGSVSFEDFVAGLSVILRGTVD
DRLNWAFNLYDLNKDGCITKEEMLDIMKSIYDMMGKYTYPALREEAPREHVESFFQKMDRNKDGVVTIEEFIESCQKDEN
IMRSMQLFDNVI
;
I,J,K,L
#
# COMPACT_ATOMS: atom_id res chain seq x y z
N GLY A 4 -13.96 5.93 24.94
CA GLY A 4 -13.85 7.09 24.07
C GLY A 4 -12.48 7.73 24.13
N VAL A 5 -12.14 8.27 25.30
CA VAL A 5 -10.82 8.85 25.56
C VAL A 5 -10.30 8.18 26.83
N ALA A 6 -9.60 7.06 26.68
CA ALA A 6 -9.00 6.35 27.80
C ALA A 6 -7.59 6.87 28.11
N ALA A 7 -7.06 7.75 27.28
CA ALA A 7 -5.70 8.23 27.46
C ALA A 7 -5.61 9.25 28.58
N TRP A 8 -6.66 10.05 28.76
CA TRP A 8 -6.72 11.04 29.82
C TRP A 8 -7.49 10.55 31.02
N LEU A 9 -7.92 9.29 31.03
CA LEU A 9 -8.55 8.72 32.22
C LEU A 9 -7.62 8.73 33.44
N PRO A 10 -6.35 8.35 33.35
CA PRO A 10 -5.46 8.54 34.51
C PRO A 10 -5.37 9.98 34.94
N PHE A 11 -5.44 10.93 34.00
CA PHE A 11 -5.45 12.34 34.38
C PHE A 11 -6.68 12.69 35.20
N ALA A 12 -7.85 12.21 34.79
CA ALA A 12 -9.07 12.48 35.55
C ALA A 12 -9.03 11.84 36.92
N ARG A 13 -8.53 10.60 36.99
CA ARG A 13 -8.40 9.93 38.28
C ARG A 13 -7.44 10.68 39.19
N ALA A 14 -6.36 11.21 38.64
CA ALA A 14 -5.46 12.05 39.43
C ALA A 14 -6.13 13.35 39.85
N ALA A 15 -6.90 13.96 38.95
CA ALA A 15 -7.58 15.21 39.24
C ALA A 15 -8.59 15.06 40.36
N ALA A 16 -9.13 13.86 40.56
CA ALA A 16 -9.98 13.58 41.71
C ALA A 16 -9.33 13.94 43.05
N ILE A 17 -8.01 14.11 43.08
CA ILE A 17 -7.32 14.47 44.32
C ILE A 17 -7.80 15.81 44.85
N GLY A 18 -8.38 16.66 44.00
CA GLY A 18 -8.98 17.88 44.50
C GLY A 18 -10.29 17.64 45.23
N TRP A 19 -11.00 16.57 44.87
CA TRP A 19 -12.16 16.13 45.63
C TRP A 19 -11.77 15.42 46.92
N MET A 20 -10.65 14.72 46.91
CA MET A 20 -10.35 13.75 47.96
C MET A 20 -10.37 14.32 49.37
N PRO A 21 -9.74 15.46 49.67
CA PRO A 21 -9.74 15.93 51.06
C PRO A 21 -11.07 16.51 51.52
N VAL A 22 -11.81 17.18 50.64
CA VAL A 22 -13.04 17.86 51.05
C VAL A 22 -14.22 16.91 51.19
N ALA A 23 -14.07 15.64 50.83
CA ALA A 23 -15.16 14.69 50.98
C ALA A 23 -15.46 14.44 52.45
N SER A 24 -16.74 14.29 52.76
CA SER A 24 -17.20 13.97 54.11
C SER A 24 -17.80 12.57 54.07
N GLY A 25 -17.04 11.58 54.53
CA GLY A 25 -17.46 10.20 54.46
C GLY A 25 -16.42 9.33 53.78
N PRO A 26 -16.69 8.03 53.71
CA PRO A 26 -15.70 7.10 53.15
C PRO A 26 -15.66 7.17 51.63
N MET A 27 -14.82 6.33 51.05
CA MET A 27 -14.61 6.23 49.62
C MET A 27 -14.78 4.79 49.16
N PRO A 28 -15.21 4.59 47.91
CA PRO A 28 -15.42 3.23 47.40
C PRO A 28 -14.11 2.49 47.22
N ALA A 29 -14.24 1.21 46.92
CA ALA A 29 -13.07 0.36 46.69
C ALA A 29 -12.59 0.54 45.25
N PRO A 30 -11.30 0.84 45.04
CA PRO A 30 -10.81 1.01 43.67
C PRO A 30 -10.85 -0.29 42.90
N PRO A 31 -11.00 -0.24 41.58
CA PRO A 31 -11.06 -1.47 40.80
C PRO A 31 -9.73 -2.22 40.83
N ARG A 32 -9.82 -3.54 40.69
CA ARG A 32 -8.62 -4.37 40.67
C ARG A 32 -7.73 -4.02 39.48
N GLN A 33 -8.31 -3.98 38.28
CA GLN A 33 -7.58 -3.64 37.06
C GLN A 33 -6.35 -4.53 36.89
N GLU A 34 -6.51 -5.81 37.17
CA GLU A 34 -5.40 -6.77 37.08
C GLU A 34 -5.50 -7.51 35.76
N ARG A 35 -5.07 -6.83 34.70
CA ARG A 35 -5.06 -7.41 33.35
C ARG A 35 -3.75 -7.05 32.64
N LYS A 36 -2.66 -6.97 33.40
CA LYS A 36 -1.35 -6.60 32.87
C LYS A 36 -1.38 -5.23 32.18
N ARG A 37 -2.25 -4.35 32.67
CA ARG A 37 -2.39 -2.97 32.21
C ARG A 37 -2.86 -2.88 30.75
N THR A 38 -3.07 -4.03 30.11
CA THR A 38 -3.55 -4.09 28.73
C THR A 38 -2.73 -3.18 27.80
N GLN A 39 -1.42 -3.14 28.03
CA GLN A 39 -0.54 -2.24 27.33
C GLN A 39 0.50 -3.02 26.54
N ASP A 40 1.09 -2.35 25.55
CA ASP A 40 2.14 -2.93 24.71
C ASP A 40 1.66 -4.16 23.96
N ALA A 41 0.36 -4.22 23.66
CA ALA A 41 -0.17 -5.36 22.91
C ALA A 41 0.28 -5.31 21.45
N LEU A 42 -0.13 -4.27 20.73
CA LEU A 42 0.15 -4.14 19.30
C LEU A 42 -0.38 -5.35 18.52
N ILE A 43 -1.70 -5.47 18.50
CA ILE A 43 -2.32 -6.56 17.77
C ILE A 43 -2.27 -6.29 16.26
N VAL A 44 -2.30 -7.39 15.50
CA VAL A 44 -2.20 -7.39 14.05
C VAL A 44 -3.57 -7.71 13.46
N LEU A 45 -4.04 -6.84 12.58
CA LEU A 45 -5.25 -7.04 11.80
C LEU A 45 -4.80 -7.25 10.37
N ASN A 46 -4.89 -8.49 9.91
CA ASN A 46 -4.51 -8.84 8.54
C ASN A 46 -5.73 -8.71 7.65
N VAL A 47 -5.76 -7.69 6.80
CA VAL A 47 -6.87 -7.44 5.90
C VAL A 47 -6.40 -7.78 4.50
N SER A 48 -6.80 -8.96 4.02
CA SER A 48 -6.52 -9.43 2.66
C SER A 48 -5.02 -9.42 2.37
N GLY A 49 -4.21 -9.76 3.36
CA GLY A 49 -2.78 -9.78 3.21
C GLY A 49 -2.07 -8.52 3.62
N THR A 50 -2.78 -7.42 3.82
CA THR A 50 -2.18 -6.18 4.27
C THR A 50 -2.18 -6.16 5.80
N ARG A 51 -1.01 -6.00 6.39
CA ARG A 51 -0.88 -5.97 7.84
C ARG A 51 -1.20 -4.57 8.35
N PHE A 52 -2.16 -4.47 9.25
CA PHE A 52 -2.39 -3.28 10.04
C PHE A 52 -2.03 -3.62 11.47
N GLN A 53 -1.44 -2.68 12.18
CA GLN A 53 -1.09 -2.90 13.58
C GLN A 53 -1.70 -1.78 14.40
N THR A 54 -2.22 -2.15 15.57
CA THR A 54 -2.81 -1.13 16.42
C THR A 54 -2.74 -1.59 17.86
N TRP A 55 -2.85 -0.64 18.77
CA TRP A 55 -2.98 -0.97 20.18
C TRP A 55 -4.37 -1.50 20.46
N GLN A 56 -4.45 -2.46 21.39
CA GLN A 56 -5.74 -3.06 21.69
C GLN A 56 -6.69 -2.05 22.33
N ASP A 57 -6.17 -1.15 23.18
CA ASP A 57 -7.01 -0.15 23.80
C ASP A 57 -7.60 0.82 22.77
N THR A 58 -6.86 1.08 21.69
CA THR A 58 -7.40 1.88 20.61
C THR A 58 -8.68 1.27 20.06
N LEU A 59 -8.69 -0.04 19.87
CA LEU A 59 -9.91 -0.71 19.42
C LEU A 59 -10.98 -0.74 20.51
N GLU A 60 -10.55 -0.88 21.77
CA GLU A 60 -11.51 -0.88 22.88
C GLU A 60 -12.15 0.47 23.09
N ARG A 61 -11.62 1.54 22.48
CA ARG A 61 -12.24 2.86 22.60
C ARG A 61 -13.69 2.85 22.13
N TYR A 62 -14.01 2.02 21.14
CA TYR A 62 -15.35 2.01 20.53
C TYR A 62 -15.92 0.61 20.53
N PRO A 63 -16.57 0.20 21.61
CA PRO A 63 -17.36 -1.04 21.58
C PRO A 63 -18.58 -0.84 20.71
N ASP A 64 -19.43 -1.86 20.59
CA ASP A 64 -20.61 -1.86 19.73
C ASP A 64 -20.24 -1.88 18.25
N THR A 65 -18.95 -1.85 17.93
CA THR A 65 -18.46 -2.10 16.59
C THR A 65 -17.79 -3.47 16.56
N LEU A 66 -17.50 -3.95 15.35
CA LEU A 66 -16.87 -5.26 15.22
C LEU A 66 -15.51 -5.31 15.92
N LEU A 67 -14.64 -4.35 15.60
CA LEU A 67 -13.28 -4.40 16.13
C LEU A 67 -13.23 -4.10 17.63
N GLY A 68 -14.21 -3.36 18.14
CA GLY A 68 -14.21 -3.03 19.56
C GLY A 68 -14.91 -4.04 20.43
N SER A 69 -15.55 -5.04 19.84
CA SER A 69 -16.34 -5.99 20.59
C SER A 69 -15.72 -7.38 20.51
N SER A 70 -16.40 -8.35 21.13
CA SER A 70 -15.97 -9.74 21.08
C SER A 70 -16.28 -10.40 19.75
N GLU A 71 -17.08 -9.75 18.89
CA GLU A 71 -17.28 -10.22 17.52
C GLU A 71 -15.96 -10.38 16.79
N ARG A 72 -14.98 -9.55 17.12
CA ARG A 72 -13.64 -9.67 16.57
C ARG A 72 -13.09 -11.08 16.72
N ASP A 73 -13.46 -11.78 17.79
CA ASP A 73 -12.93 -13.12 18.04
C ASP A 73 -13.28 -14.09 16.92
N PHE A 74 -14.34 -13.83 16.16
CA PHE A 74 -14.70 -14.70 15.06
C PHE A 74 -13.66 -14.68 13.95
N PHE A 75 -12.77 -13.71 13.94
CA PHE A 75 -11.80 -13.55 12.87
C PHE A 75 -10.37 -13.79 13.34
N TYR A 76 -10.19 -14.24 14.58
CA TYR A 76 -8.85 -14.49 15.10
C TYR A 76 -8.30 -15.81 14.59
N HIS A 77 -7.00 -15.81 14.27
CA HIS A 77 -6.30 -17.02 13.84
C HIS A 77 -5.23 -17.33 14.86
N PRO A 78 -5.49 -18.23 15.82
CA PRO A 78 -4.48 -18.53 16.84
C PRO A 78 -3.19 -19.10 16.28
N GLU A 79 -3.26 -19.77 15.12
CA GLU A 79 -2.05 -20.32 14.52
C GLU A 79 -1.07 -19.22 14.14
N THR A 80 -1.56 -18.16 13.51
CA THR A 80 -0.74 -17.03 13.12
C THR A 80 -0.76 -15.89 14.14
N GLN A 81 -1.58 -16.01 15.19
CA GLN A 81 -1.71 -14.98 16.22
C GLN A 81 -2.11 -13.64 15.63
N GLN A 82 -3.07 -13.66 14.72
CA GLN A 82 -3.54 -12.43 14.09
C GLN A 82 -5.00 -12.60 13.72
N TYR A 83 -5.67 -11.46 13.55
CA TYR A 83 -7.02 -11.43 13.00
C TYR A 83 -6.91 -11.31 11.49
N PHE A 84 -7.67 -12.12 10.78
CA PHE A 84 -7.71 -12.04 9.32
C PHE A 84 -9.09 -11.61 8.87
N PHE A 85 -9.13 -10.64 7.97
CA PHE A 85 -10.37 -10.17 7.38
C PHE A 85 -10.23 -10.25 5.87
N ASP A 86 -11.19 -10.91 5.23
CA ASP A 86 -11.22 -11.01 3.77
C ASP A 86 -11.96 -9.82 3.16
N ARG A 87 -11.47 -8.64 3.49
CA ARG A 87 -12.11 -7.38 3.12
C ARG A 87 -11.13 -6.50 2.36
N ASP A 88 -11.58 -5.32 1.99
CA ASP A 88 -10.77 -4.38 1.23
C ASP A 88 -9.85 -3.61 2.17
N PRO A 89 -8.52 -3.65 1.96
CA PRO A 89 -7.62 -2.96 2.89
C PRO A 89 -7.62 -1.44 2.77
N ASP A 90 -7.83 -0.90 1.57
CA ASP A 90 -7.81 0.55 1.40
C ASP A 90 -8.91 1.23 2.20
N ILE A 91 -10.13 0.69 2.17
CA ILE A 91 -11.20 1.23 2.98
C ILE A 91 -10.96 0.93 4.46
N PHE A 92 -10.35 -0.21 4.75
CA PHE A 92 -10.03 -0.53 6.13
C PHE A 92 -9.10 0.50 6.76
N ARG A 93 -8.27 1.16 5.95
CA ARG A 93 -7.46 2.25 6.48
C ARG A 93 -8.32 3.31 7.15
N HIS A 94 -9.39 3.75 6.49
CA HIS A 94 -10.30 4.73 7.08
C HIS A 94 -11.05 4.14 8.27
N ILE A 95 -11.41 2.86 8.19
CA ILE A 95 -12.04 2.20 9.34
C ILE A 95 -11.14 2.32 10.57
N LEU A 96 -9.85 2.03 10.42
CA LEU A 96 -8.91 2.08 11.54
C LEU A 96 -8.67 3.52 12.00
N ASN A 97 -8.57 4.46 11.04
CA ASN A 97 -8.41 5.86 11.39
C ASN A 97 -9.56 6.34 12.27
N PHE A 98 -10.76 5.81 12.06
CA PHE A 98 -11.87 6.17 12.93
C PHE A 98 -11.56 5.83 14.39
N TYR A 99 -11.05 4.63 14.64
CA TYR A 99 -10.72 4.25 16.01
C TYR A 99 -9.63 5.14 16.57
N ARG A 100 -8.65 5.48 15.75
CA ARG A 100 -7.55 6.30 16.26
C ARG A 100 -7.99 7.72 16.58
N THR A 101 -8.89 8.31 15.78
CA THR A 101 -9.28 9.70 15.98
C THR A 101 -10.68 9.90 16.52
N GLY A 102 -11.61 8.99 16.21
CA GLY A 102 -13.01 9.19 16.54
C GLY A 102 -13.86 9.69 15.41
N LYS A 103 -13.25 10.19 14.34
CA LYS A 103 -13.97 10.71 13.19
C LYS A 103 -13.70 9.83 11.98
N LEU A 104 -14.71 9.69 11.12
CA LEU A 104 -14.63 8.90 9.92
C LEU A 104 -14.51 9.82 8.71
N HIS A 105 -13.52 9.57 7.86
CA HIS A 105 -13.33 10.32 6.63
C HIS A 105 -13.81 9.49 5.46
N TYR A 106 -14.32 10.17 4.44
CA TYR A 106 -14.79 9.50 3.24
C TYR A 106 -13.83 9.75 2.09
N PRO A 107 -13.20 8.72 1.54
CA PRO A 107 -12.33 8.92 0.37
C PRO A 107 -13.14 9.12 -0.90
N ARG A 108 -12.90 10.25 -1.57
CA ARG A 108 -13.71 10.62 -2.72
C ARG A 108 -13.49 9.69 -3.90
N HIS A 109 -12.34 9.02 -3.96
CA HIS A 109 -12.00 8.20 -5.13
C HIS A 109 -12.58 6.79 -5.06
N GLU A 110 -13.19 6.40 -3.95
CA GLU A 110 -13.73 5.06 -3.82
C GLU A 110 -15.23 5.06 -4.10
N CYS A 111 -15.72 3.91 -4.56
CA CYS A 111 -17.14 3.75 -4.80
C CYS A 111 -17.92 3.85 -3.49
N ILE A 112 -19.05 4.56 -3.55
CA ILE A 112 -19.86 4.75 -2.36
C ILE A 112 -20.45 3.43 -1.89
N SER A 113 -20.80 2.55 -2.83
CA SER A 113 -21.36 1.25 -2.45
C SER A 113 -20.35 0.39 -1.70
N ALA A 114 -19.10 0.35 -2.19
CA ALA A 114 -18.07 -0.41 -1.52
C ALA A 114 -17.80 0.17 -0.13
N TYR A 115 -17.74 1.49 -0.03
CA TYR A 115 -17.52 2.14 1.25
C TYR A 115 -18.63 1.82 2.23
N ASP A 116 -19.89 1.87 1.78
CA ASP A 116 -21.00 1.58 2.66
C ASP A 116 -21.03 0.11 3.08
N GLU A 117 -20.66 -0.79 2.17
CA GLU A 117 -20.60 -2.20 2.52
C GLU A 117 -19.52 -2.46 3.56
N GLU A 118 -18.37 -1.81 3.43
CA GLU A 118 -17.32 -1.96 4.44
C GLU A 118 -17.72 -1.34 5.77
N LEU A 119 -18.45 -0.21 5.74
CA LEU A 119 -18.96 0.37 6.97
C LEU A 119 -19.94 -0.57 7.67
N ALA A 120 -20.85 -1.17 6.90
CA ALA A 120 -21.82 -2.10 7.48
C ALA A 120 -21.14 -3.33 8.03
N PHE A 121 -20.14 -3.86 7.33
CA PHE A 121 -19.45 -5.06 7.80
C PHE A 121 -18.79 -4.83 9.16
N PHE A 122 -18.15 -3.69 9.34
CA PHE A 122 -17.40 -3.41 10.55
C PHE A 122 -18.24 -2.69 11.60
N GLY A 123 -19.53 -2.53 11.36
CA GLY A 123 -20.42 -1.98 12.37
C GLY A 123 -20.35 -0.49 12.54
N LEU A 124 -19.86 0.24 11.54
CA LEU A 124 -19.77 1.69 11.62
C LEU A 124 -21.01 2.31 11.00
N ILE A 125 -21.57 3.30 11.68
CA ILE A 125 -22.77 3.98 11.21
C ILE A 125 -22.36 5.20 10.39
N PRO A 126 -22.97 5.43 9.23
CA PRO A 126 -22.53 6.55 8.37
C PRO A 126 -22.68 7.92 9.01
N GLU A 127 -23.49 8.05 10.06
CA GLU A 127 -23.65 9.32 10.75
C GLU A 127 -22.43 9.72 11.57
N ILE A 128 -21.44 8.84 11.73
CA ILE A 128 -20.22 9.22 12.44
C ILE A 128 -19.18 9.81 11.51
N ILE A 129 -19.50 10.01 10.23
CA ILE A 129 -18.59 10.69 9.33
C ILE A 129 -18.46 12.15 9.74
N GLY A 130 -17.23 12.62 9.84
CA GLY A 130 -17.00 13.99 10.26
C GLY A 130 -17.53 15.00 9.27
N ASP A 131 -17.77 16.21 9.78
CA ASP A 131 -18.32 17.28 8.95
C ASP A 131 -17.41 17.65 7.79
N CYS A 132 -16.11 17.33 7.91
CA CYS A 132 -15.17 17.57 6.82
C CYS A 132 -15.56 16.79 5.57
N CYS A 133 -16.10 15.59 5.75
CA CYS A 133 -16.40 14.70 4.63
C CYS A 133 -17.88 14.43 4.46
N TYR A 134 -18.73 14.95 5.34
CA TYR A 134 -20.13 14.54 5.34
C TYR A 134 -20.87 15.03 4.12
N GLU A 135 -20.62 16.27 3.67
CA GLU A 135 -21.29 16.77 2.48
C GLU A 135 -20.90 15.97 1.25
N GLU A 136 -19.60 15.67 1.11
CA GLU A 136 -19.13 14.83 0.02
C GLU A 136 -19.82 13.47 0.03
N TYR A 137 -19.84 12.83 1.20
CA TYR A 137 -20.46 11.52 1.32
C TYR A 137 -21.94 11.57 1.00
N LYS A 138 -22.64 12.59 1.51
CA LYS A 138 -24.07 12.72 1.29
C LYS A 138 -24.38 12.92 -0.18
N ASP A 139 -23.60 13.74 -0.87
CA ASP A 139 -23.81 13.95 -2.29
C ASP A 139 -23.60 12.66 -3.08
N ARG A 140 -22.52 11.93 -2.78
CA ARG A 140 -22.27 10.69 -3.50
C ARG A 140 -23.36 9.67 -3.23
N ARG A 141 -23.80 9.56 -1.98
CA ARG A 141 -24.88 8.65 -1.64
C ARG A 141 -26.18 9.04 -2.32
N ARG A 142 -26.41 10.35 -2.49
CA ARG A 142 -27.60 10.80 -3.21
C ARG A 142 -27.55 10.39 -4.68
N GLU A 143 -26.40 10.53 -5.33
CA GLU A 143 -26.31 10.08 -6.72
C GLU A 143 -26.53 8.57 -6.83
N ASN A 144 -25.96 7.79 -5.91
CA ASN A 144 -26.12 6.35 -5.99
C ASN A 144 -27.55 5.91 -5.65
N ALA A 145 -28.23 6.61 -4.70
CA ALA A 145 -29.69 6.39 -4.48
C ALA A 145 -30.50 6.75 -5.72
N GLU A 146 -30.14 7.84 -6.40
CA GLU A 146 -30.86 8.22 -7.61
C GLU A 146 -30.73 7.14 -8.66
N ARG A 147 -29.52 6.60 -8.84
CA ARG A 147 -29.35 5.49 -9.78
C ARG A 147 -30.19 4.28 -9.39
N LEU A 148 -30.17 3.92 -8.11
CA LEU A 148 -30.91 2.74 -7.67
C LEU A 148 -32.41 2.93 -7.85
N GLN A 149 -32.92 4.13 -7.57
CA GLN A 149 -34.35 4.40 -7.75
C GLN A 149 -34.72 4.43 -9.23
N ASP A 150 -33.87 5.02 -10.07
CA ASP A 150 -34.14 5.02 -11.50
C ASP A 150 -34.20 3.60 -12.05
N ASP A 151 -33.35 2.72 -11.54
CA ASP A 151 -33.47 1.30 -11.87
C ASP A 151 -34.78 0.73 -11.32
N ALA A 152 -35.13 1.08 -10.08
CA ALA A 152 -36.32 0.49 -9.46
C ALA A 152 -37.60 0.86 -10.21
N ASP A 153 -37.70 2.11 -10.64
CA ASP A 153 -38.89 2.57 -11.35
C ASP A 153 -38.67 2.58 -12.85
N GLN A 425 -31.79 -0.54 -19.41
CA GLN A 425 -30.39 -0.93 -19.24
C GLN A 425 -30.27 -1.99 -18.14
N LYS A 426 -31.32 -2.12 -17.33
CA LYS A 426 -31.42 -3.23 -16.40
C LYS A 426 -31.55 -4.55 -17.15
N LYS A 427 -32.16 -4.51 -18.32
CA LYS A 427 -32.45 -5.75 -19.06
C LYS A 427 -31.20 -6.50 -19.45
N ALA A 428 -30.06 -5.80 -19.59
CA ALA A 428 -28.80 -6.52 -19.74
C ALA A 428 -28.48 -7.34 -18.51
N ARG A 429 -28.68 -6.77 -17.31
CA ARG A 429 -28.49 -7.52 -16.08
C ARG A 429 -29.44 -8.70 -15.99
N LEU A 430 -30.70 -8.47 -16.36
CA LEU A 430 -31.70 -9.54 -16.29
C LEU A 430 -31.38 -10.67 -17.25
N ALA A 431 -30.97 -10.33 -18.47
CA ALA A 431 -30.55 -11.35 -19.43
C ALA A 431 -29.32 -12.10 -18.94
N ARG A 432 -28.37 -11.38 -18.32
CA ARG A 432 -27.18 -12.05 -17.80
C ARG A 432 -27.53 -13.02 -16.69
N ILE A 433 -28.41 -12.63 -15.77
CA ILE A 433 -28.75 -13.54 -14.67
C ILE A 433 -29.55 -14.73 -15.17
N ARG A 434 -30.46 -14.49 -16.13
CA ARG A 434 -31.19 -15.63 -16.70
C ARG A 434 -30.25 -16.57 -17.45
N ALA A 435 -29.27 -16.02 -18.16
CA ALA A 435 -28.27 -16.85 -18.82
C ALA A 435 -27.46 -17.64 -17.80
N ALA A 436 -27.16 -17.03 -16.66
CA ALA A 436 -26.43 -17.73 -15.61
C ALA A 436 -27.24 -18.91 -15.05
N LYS A 437 -28.53 -18.69 -14.80
CA LYS A 437 -29.37 -19.79 -14.32
C LYS A 437 -29.50 -20.89 -15.37
N SER A 438 -29.65 -20.50 -16.64
CA SER A 438 -29.71 -21.49 -17.70
C SER A 438 -28.40 -22.27 -17.79
N GLY A 439 -27.27 -21.60 -17.61
CA GLY A 439 -25.99 -22.29 -17.62
C GLY A 439 -25.83 -23.24 -16.46
N SER A 440 -26.32 -22.84 -15.28
CA SER A 440 -26.28 -23.75 -14.13
C SER A 440 -27.14 -24.98 -14.37
N ALA A 441 -28.35 -24.78 -14.90
CA ALA A 441 -29.23 -25.91 -15.20
C ALA A 441 -28.61 -26.82 -16.25
N ASN A 442 -28.01 -26.24 -17.29
CA ASN A 442 -27.35 -27.04 -18.32
C ASN A 442 -26.15 -27.77 -17.77
N ALA A 443 -25.40 -27.16 -16.86
CA ALA A 443 -24.27 -27.84 -16.24
C ALA A 443 -24.74 -29.03 -15.43
N TYR A 444 -25.83 -28.88 -14.69
CA TYR A 444 -26.37 -30.01 -13.96
C TYR A 444 -26.86 -31.10 -14.91
N MET A 445 -27.50 -30.71 -16.02
CA MET A 445 -27.95 -31.69 -17.01
C MET A 445 -26.77 -32.43 -17.63
N GLN A 446 -25.68 -31.72 -17.92
CA GLN A 446 -24.50 -32.37 -18.50
C GLN A 446 -23.84 -33.29 -17.48
N SER A 447 -23.86 -32.90 -16.20
CA SER A 447 -23.39 -33.79 -15.15
C SER A 447 -24.24 -35.06 -15.10
N LYS A 448 -25.55 -34.92 -15.26
CA LYS A 448 -26.41 -36.09 -15.32
C LYS A 448 -26.08 -36.96 -16.53
N ARG A 449 -25.85 -36.34 -17.68
CA ARG A 449 -25.52 -37.10 -18.89
C ARG A 449 -24.22 -37.87 -18.74
N ASN A 450 -23.19 -37.22 -18.16
CA ASN A 450 -21.93 -37.92 -17.93
C ASN A 450 -22.10 -39.07 -16.96
N GLY A 451 -22.88 -38.87 -15.90
CA GLY A 451 -23.12 -39.91 -14.92
C GLY A 451 -21.90 -40.29 -14.12
N SER A 472 -13.89 -28.37 -7.95
CA SER A 472 -15.32 -28.34 -8.24
C SER A 472 -16.12 -29.06 -7.17
N SER A 473 -15.67 -28.95 -5.92
CA SER A 473 -16.42 -29.56 -4.82
C SER A 473 -17.80 -28.94 -4.69
N PHE A 474 -17.87 -27.60 -4.80
CA PHE A 474 -19.16 -26.93 -4.71
C PHE A 474 -20.14 -27.44 -5.75
N GLU A 475 -19.67 -27.60 -7.00
CA GLU A 475 -20.54 -28.07 -8.06
C GLU A 475 -21.05 -29.47 -7.77
N THR A 476 -20.18 -30.34 -7.25
CA THR A 476 -20.58 -31.70 -6.95
C THR A 476 -21.63 -31.75 -5.84
N GLN A 477 -21.42 -30.99 -4.76
CA GLN A 477 -22.41 -30.97 -3.68
C GLN A 477 -23.72 -30.34 -4.12
N HIS A 478 -23.66 -29.28 -4.93
CA HIS A 478 -24.88 -28.65 -5.42
C HIS A 478 -25.66 -29.59 -6.34
N HIS A 479 -24.95 -30.33 -7.20
CA HIS A 479 -25.63 -31.29 -8.07
C HIS A 479 -26.21 -32.43 -7.25
N HIS A 480 -25.54 -32.83 -6.17
CA HIS A 480 -26.11 -33.83 -5.27
C HIS A 480 -27.39 -33.32 -4.64
N LEU A 481 -27.42 -32.05 -4.24
CA LEU A 481 -28.63 -31.48 -3.67
C LEU A 481 -29.77 -31.46 -4.68
N LEU A 482 -29.44 -31.11 -5.94
CA LEU A 482 -30.47 -31.09 -6.98
C LEU A 482 -30.98 -32.50 -7.28
N HIS A 483 -30.09 -33.49 -7.27
CA HIS A 483 -30.52 -34.88 -7.44
C HIS A 483 -31.40 -35.34 -6.28
N CYS A 484 -31.08 -34.88 -5.07
CA CYS A 484 -31.94 -35.18 -3.92
C CYS A 484 -33.32 -34.57 -4.10
N LEU A 485 -33.38 -33.34 -4.63
CA LEU A 485 -34.66 -32.74 -4.93
C LEU A 485 -35.43 -33.56 -5.96
N GLU A 486 -34.75 -34.02 -7.00
CA GLU A 486 -35.37 -34.91 -7.98
C GLU A 486 -35.97 -36.13 -7.30
N LYS A 487 -35.18 -36.80 -6.46
CA LYS A 487 -35.67 -38.00 -5.78
C LYS A 487 -36.81 -37.69 -4.84
N THR A 488 -36.83 -36.50 -4.26
CA THR A 488 -37.93 -36.10 -3.40
C THR A 488 -39.23 -35.97 -4.18
N THR A 489 -39.19 -35.27 -5.31
CA THR A 489 -40.39 -35.02 -6.09
C THR A 489 -40.72 -36.13 -7.07
N ASN A 490 -39.86 -37.15 -7.20
CA ASN A 490 -40.01 -38.24 -8.17
C ASN A 490 -40.08 -37.73 -9.60
N HIS A 491 -39.71 -36.47 -9.82
CA HIS A 491 -39.63 -35.86 -11.13
C HIS A 491 -38.17 -35.58 -11.44
N GLU A 492 -37.87 -35.50 -12.73
CA GLU A 492 -36.52 -35.18 -13.18
C GLU A 492 -36.55 -33.93 -14.03
N PHE A 493 -35.45 -33.18 -13.99
CA PHE A 493 -35.29 -32.05 -14.88
C PHE A 493 -35.04 -32.54 -16.30
N VAL A 494 -35.24 -31.64 -17.26
CA VAL A 494 -34.91 -31.88 -18.66
C VAL A 494 -34.24 -30.64 -19.23
N ASP A 495 -33.45 -30.86 -20.29
CA ASP A 495 -32.69 -29.77 -20.89
C ASP A 495 -33.62 -28.76 -21.54
N GLU A 496 -33.35 -27.47 -21.34
CA GLU A 496 -34.21 -26.42 -21.85
C GLU A 496 -34.15 -26.30 -23.37
N GLN A 497 -33.16 -26.88 -24.01
CA GLN A 497 -33.02 -26.79 -25.46
C GLN A 497 -32.68 -28.14 -26.07
N GLY B 4 19.98 20.38 6.33
CA GLY B 4 19.27 20.65 5.09
C GLY B 4 19.80 19.83 3.93
N VAL B 5 21.04 20.08 3.55
CA VAL B 5 21.74 19.30 2.52
C VAL B 5 23.05 18.83 3.13
N ALA B 6 23.03 17.67 3.76
CA ALA B 6 24.23 17.07 4.33
C ALA B 6 24.99 16.21 3.33
N ALA B 7 24.43 16.00 2.14
CA ALA B 7 25.05 15.14 1.15
C ALA B 7 26.22 15.83 0.47
N TRP B 8 26.12 17.13 0.28
CA TRP B 8 27.19 17.92 -0.33
C TRP B 8 28.07 18.61 0.70
N LEU B 9 27.84 18.34 1.99
CA LEU B 9 28.75 18.87 3.01
C LEU B 9 30.18 18.39 2.84
N PRO B 10 30.45 17.10 2.59
CA PRO B 10 31.83 16.71 2.27
C PRO B 10 32.38 17.44 1.06
N PHE B 11 31.54 17.76 0.08
CA PHE B 11 32.00 18.53 -1.07
C PHE B 11 32.43 19.93 -0.65
N ALA B 12 31.65 20.59 0.22
CA ALA B 12 32.01 21.92 0.67
C ALA B 12 33.29 21.89 1.52
N ARG B 13 33.42 20.88 2.38
CA ARG B 13 34.63 20.74 3.18
C ARG B 13 35.85 20.51 2.29
N ALA B 14 35.69 19.74 1.22
CA ALA B 14 36.77 19.57 0.26
C ALA B 14 37.07 20.86 -0.49
N ALA B 15 36.02 21.60 -0.87
CA ALA B 15 36.19 22.86 -1.58
C ALA B 15 36.94 23.90 -0.76
N ALA B 16 36.87 23.80 0.57
CA ALA B 16 37.68 24.65 1.44
C ALA B 16 39.17 24.58 1.12
N ILE B 17 39.62 23.55 0.38
CA ILE B 17 41.03 23.45 0.01
C ILE B 17 41.49 24.63 -0.82
N GLY B 18 40.57 25.34 -1.47
CA GLY B 18 40.95 26.56 -2.16
C GLY B 18 41.23 27.71 -1.21
N TRP B 19 40.60 27.69 -0.03
CA TRP B 19 40.93 28.63 1.03
C TRP B 19 42.22 28.25 1.74
N MET B 20 42.50 26.96 1.84
CA MET B 20 43.52 26.48 2.78
C MET B 20 44.90 27.10 2.58
N PRO B 21 45.45 27.20 1.36
CA PRO B 21 46.82 27.76 1.25
C PRO B 21 46.88 29.26 1.46
N VAL B 22 45.87 30.01 1.02
CA VAL B 22 45.94 31.47 1.07
C VAL B 22 45.63 32.04 2.44
N ALA B 23 45.26 31.20 3.39
CA ALA B 23 44.99 31.67 4.75
C ALA B 23 46.29 32.15 5.41
N SER B 24 46.18 33.22 6.19
CA SER B 24 47.30 33.76 6.95
C SER B 24 46.98 33.58 8.43
N GLY B 25 47.57 32.56 9.04
CA GLY B 25 47.27 32.22 10.41
C GLY B 25 46.88 30.77 10.56
N PRO B 26 46.63 30.33 11.78
CA PRO B 26 46.33 28.92 12.04
C PRO B 26 44.90 28.56 11.64
N MET B 27 44.55 27.31 11.87
CA MET B 27 43.25 26.76 11.57
C MET B 27 42.65 26.10 12.79
N PRO B 28 41.32 26.06 12.90
CA PRO B 28 40.67 25.46 14.06
C PRO B 28 40.84 23.95 14.08
N ALA B 29 40.43 23.36 15.19
CA ALA B 29 40.49 21.92 15.35
C ALA B 29 39.29 21.26 14.67
N PRO B 30 39.49 20.28 13.79
CA PRO B 30 38.36 19.64 13.14
C PRO B 30 37.52 18.85 14.13
N PRO B 31 36.23 18.70 13.87
CA PRO B 31 35.38 17.96 14.81
C PRO B 31 35.75 16.49 14.86
N ARG B 32 35.49 15.88 16.02
CA ARG B 32 35.77 14.46 16.19
C ARG B 32 34.95 13.61 15.25
N GLN B 33 33.63 13.84 15.21
CA GLN B 33 32.71 13.12 14.34
C GLN B 33 32.86 11.60 14.51
N GLU B 34 32.99 11.18 15.76
CA GLU B 34 33.17 9.76 16.08
C GLU B 34 31.82 9.17 16.49
N ARG B 35 30.99 8.89 15.48
CA ARG B 35 29.68 8.29 15.69
C ARG B 35 29.42 7.21 14.65
N LYS B 36 30.48 6.50 14.26
CA LYS B 36 30.41 5.47 13.22
C LYS B 36 29.85 6.00 11.91
N ARG B 37 30.12 7.28 11.63
CA ARG B 37 29.74 7.96 10.40
C ARG B 37 28.22 8.07 10.23
N THR B 38 27.46 7.54 11.18
CA THR B 38 25.99 7.59 11.17
C THR B 38 25.44 7.13 9.82
N GLN B 39 26.05 6.11 9.24
CA GLN B 39 25.71 5.64 7.91
C GLN B 39 25.23 4.20 7.96
N ASP B 40 24.51 3.81 6.91
CA ASP B 40 23.99 2.45 6.75
C ASP B 40 23.04 2.07 7.89
N ALA B 41 22.35 3.07 8.45
CA ALA B 41 21.40 2.79 9.52
C ALA B 41 20.16 2.10 8.97
N LEU B 42 19.42 2.78 8.10
CA LEU B 42 18.15 2.28 7.56
C LEU B 42 17.17 1.95 8.69
N ILE B 43 16.74 3.00 9.38
CA ILE B 43 15.76 2.82 10.45
C ILE B 43 14.38 2.56 9.87
N VAL B 44 13.57 1.88 10.68
CA VAL B 44 12.22 1.46 10.33
C VAL B 44 11.22 2.32 11.09
N LEU B 45 10.30 2.93 10.36
CA LEU B 45 9.18 3.67 10.92
C LEU B 45 7.93 2.86 10.59
N ASN B 46 7.38 2.22 11.62
CA ASN B 46 6.18 1.41 11.45
C ASN B 46 4.96 2.31 11.70
N VAL B 47 4.23 2.63 10.65
CA VAL B 47 3.05 3.48 10.75
C VAL B 47 1.84 2.60 10.54
N SER B 48 1.17 2.25 11.64
CA SER B 48 -0.06 1.47 11.62
C SER B 48 0.11 0.13 10.89
N GLY B 49 1.28 -0.48 11.03
CA GLY B 49 1.56 -1.73 10.38
C GLY B 49 2.27 -1.62 9.05
N THR B 50 2.31 -0.43 8.46
CA THR B 50 3.03 -0.22 7.21
C THR B 50 4.47 0.14 7.52
N ARG B 51 5.41 -0.62 6.97
CA ARG B 51 6.82 -0.39 7.20
C ARG B 51 7.31 0.68 6.23
N PHE B 52 7.89 1.75 6.77
CA PHE B 52 8.66 2.71 6.00
C PHE B 52 10.09 2.57 6.43
N GLN B 53 11.02 2.69 5.50
CA GLN B 53 12.43 2.61 5.83
C GLN B 53 13.12 3.86 5.31
N THR B 54 14.04 4.40 6.10
CA THR B 54 14.75 5.58 5.66
C THR B 54 16.10 5.63 6.34
N TRP B 55 17.01 6.40 5.75
CA TRP B 55 18.27 6.67 6.39
C TRP B 55 18.08 7.64 7.54
N GLN B 56 18.87 7.45 8.60
CA GLN B 56 18.72 8.32 9.77
C GLN B 56 19.11 9.75 9.44
N ASP B 57 20.14 9.94 8.62
CA ASP B 57 20.55 11.30 8.25
C ASP B 57 19.47 12.02 7.46
N THR B 58 18.69 11.28 6.67
CA THR B 58 17.55 11.88 5.98
C THR B 58 16.60 12.54 6.98
N LEU B 59 16.31 11.86 8.10
CA LEU B 59 15.47 12.44 9.12
C LEU B 59 16.18 13.58 9.85
N GLU B 60 17.49 13.45 10.05
CA GLU B 60 18.26 14.50 10.71
C GLU B 60 18.36 15.76 9.86
N ARG B 61 18.02 15.70 8.58
CA ARG B 61 18.05 16.89 7.74
C ARG B 61 17.15 17.98 8.29
N TYR B 62 16.06 17.63 8.96
CA TYR B 62 15.08 18.61 9.42
C TYR B 62 14.80 18.40 10.91
N PRO B 63 15.60 18.99 11.78
CA PRO B 63 15.24 19.05 13.20
C PRO B 63 14.05 19.97 13.40
N ASP B 64 13.61 20.16 14.63
CA ASP B 64 12.43 20.94 14.98
C ASP B 64 11.13 20.28 14.51
N THR B 65 11.22 19.14 13.84
CA THR B 65 10.07 18.30 13.56
C THR B 65 10.15 17.06 14.45
N LEU B 66 9.07 16.30 14.47
CA LEU B 66 9.03 15.10 15.30
C LEU B 66 10.10 14.11 14.88
N LEU B 67 10.14 13.75 13.59
CA LEU B 67 11.05 12.71 13.15
C LEU B 67 12.51 13.17 13.17
N GLY B 68 12.76 14.46 13.07
CA GLY B 68 14.12 14.96 13.09
C GLY B 68 14.67 15.25 14.46
N SER B 69 13.83 15.17 15.50
CA SER B 69 14.23 15.53 16.85
C SER B 69 14.24 14.31 17.75
N SER B 70 14.56 14.55 19.02
CA SER B 70 14.53 13.50 20.03
C SER B 70 13.12 13.12 20.46
N GLU B 71 12.12 13.92 20.07
CA GLU B 71 10.72 13.54 20.28
C GLU B 71 10.41 12.19 19.68
N ARG B 72 11.10 11.84 18.59
CA ARG B 72 10.97 10.54 17.96
C ARG B 72 11.17 9.41 18.98
N ASP B 73 12.02 9.63 19.98
CA ASP B 73 12.32 8.59 20.95
C ASP B 73 11.09 8.15 21.72
N PHE B 74 10.06 8.99 21.81
CA PHE B 74 8.83 8.61 22.49
C PHE B 74 8.09 7.49 21.78
N PHE B 75 8.43 7.22 20.52
CA PHE B 75 7.72 6.23 19.73
C PHE B 75 8.59 5.03 19.40
N TYR B 76 9.78 4.93 19.96
CA TYR B 76 10.67 3.81 19.69
C TYR B 76 10.26 2.58 20.49
N HIS B 77 10.34 1.42 19.85
CA HIS B 77 10.06 0.13 20.49
C HIS B 77 11.34 -0.68 20.50
N PRO B 78 12.09 -0.69 21.59
CA PRO B 78 13.35 -1.44 21.62
C PRO B 78 13.16 -2.93 21.41
N GLU B 79 12.01 -3.47 21.79
CA GLU B 79 11.75 -4.90 21.60
C GLU B 79 11.77 -5.28 20.13
N THR B 80 11.11 -4.49 19.28
CA THR B 80 11.07 -4.72 17.85
C THR B 80 12.10 -3.90 17.09
N GLN B 81 12.84 -3.03 17.78
CA GLN B 81 13.87 -2.18 17.17
C GLN B 81 13.28 -1.32 16.04
N GLN B 82 12.12 -0.73 16.30
CA GLN B 82 11.47 0.12 15.31
C GLN B 82 10.66 1.18 16.04
N TYR B 83 10.38 2.26 15.32
CA TYR B 83 9.46 3.28 15.78
C TYR B 83 8.06 2.91 15.31
N PHE B 84 7.09 2.98 16.20
CA PHE B 84 5.71 2.71 15.85
C PHE B 84 4.89 3.99 15.99
N PHE B 85 4.10 4.29 14.98
CA PHE B 85 3.19 5.42 14.99
C PHE B 85 1.79 4.92 14.69
N ASP B 86 0.84 5.26 15.55
CA ASP B 86 -0.56 4.89 15.35
C ASP B 86 -1.26 5.96 14.52
N ARG B 87 -0.72 6.20 13.33
CA ARG B 87 -1.18 7.27 12.46
C ARG B 87 -1.53 6.70 11.10
N ASP B 88 -1.94 7.58 10.20
CA ASP B 88 -2.34 7.18 8.85
C ASP B 88 -1.11 7.00 7.97
N PRO B 89 -0.91 5.82 7.37
CA PRO B 89 0.30 5.61 6.56
C PRO B 89 0.29 6.33 5.21
N ASP B 90 -0.87 6.49 4.58
CA ASP B 90 -0.92 7.14 3.27
C ASP B 90 -0.45 8.59 3.34
N ILE B 91 -0.88 9.34 4.36
CA ILE B 91 -0.39 10.70 4.54
C ILE B 91 1.06 10.69 5.02
N PHE B 92 1.44 9.68 5.79
CA PHE B 92 2.83 9.58 6.21
C PHE B 92 3.77 9.44 5.02
N ARG B 93 3.30 8.89 3.91
CA ARG B 93 4.14 8.85 2.71
C ARG B 93 4.59 10.26 2.32
N HIS B 94 3.66 11.21 2.28
CA HIS B 94 4.04 12.59 1.96
C HIS B 94 4.89 13.20 3.06
N ILE B 95 4.61 12.87 4.32
CA ILE B 95 5.46 13.34 5.41
C ILE B 95 6.92 12.93 5.17
N LEU B 96 7.14 11.67 4.81
CA LEU B 96 8.49 11.16 4.58
C LEU B 96 9.10 11.76 3.32
N ASN B 97 8.29 11.91 2.26
CA ASN B 97 8.78 12.56 1.05
C ASN B 97 9.31 13.96 1.33
N PHE B 98 8.70 14.66 2.29
CA PHE B 98 9.23 15.97 2.65
C PHE B 98 10.67 15.88 3.12
N TYR B 99 10.98 14.92 3.98
CA TYR B 99 12.35 14.77 4.46
C TYR B 99 13.28 14.42 3.31
N ARG B 100 12.82 13.58 2.40
CA ARG B 100 13.70 13.18 1.30
C ARG B 100 13.97 14.31 0.33
N THR B 101 12.99 15.17 0.05
CA THR B 101 13.17 16.22 -0.94
C THR B 101 13.26 17.62 -0.37
N GLY B 102 12.62 17.89 0.76
CA GLY B 102 12.53 19.23 1.30
C GLY B 102 11.23 19.93 1.01
N LYS B 103 10.44 19.43 0.07
CA LYS B 103 9.16 20.02 -0.29
C LYS B 103 8.02 19.08 0.10
N LEU B 104 6.90 19.67 0.49
CA LEU B 104 5.72 18.93 0.88
C LEU B 104 4.67 19.01 -0.22
N HIS B 105 4.16 17.85 -0.63
CA HIS B 105 3.10 17.78 -1.63
C HIS B 105 1.77 17.51 -0.95
N TYR B 106 0.70 18.04 -1.52
CA TYR B 106 -0.62 17.82 -0.97
C TYR B 106 -1.41 16.88 -1.87
N PRO B 107 -1.82 15.72 -1.37
CA PRO B 107 -2.64 14.81 -2.18
C PRO B 107 -4.09 15.31 -2.27
N ARG B 108 -4.56 15.49 -3.49
CA ARG B 108 -5.89 16.09 -3.70
C ARG B 108 -7.01 15.17 -3.24
N HIS B 109 -6.76 13.87 -3.18
CA HIS B 109 -7.82 12.92 -2.87
C HIS B 109 -8.04 12.73 -1.37
N GLU B 110 -7.20 13.30 -0.52
CA GLU B 110 -7.35 13.13 0.92
C GLU B 110 -8.06 14.33 1.53
N CYS B 111 -8.73 14.07 2.65
CA CYS B 111 -9.40 15.13 3.38
C CYS B 111 -8.39 16.14 3.91
N ILE B 112 -8.73 17.42 3.79
CA ILE B 112 -7.83 18.47 4.23
C ILE B 112 -7.67 18.43 5.75
N SER B 113 -8.73 18.07 6.48
CA SER B 113 -8.64 17.99 7.94
C SER B 113 -7.68 16.90 8.37
N ALA B 114 -7.78 15.72 7.76
CA ALA B 114 -6.87 14.62 8.09
C ALA B 114 -5.43 15.00 7.77
N TYR B 115 -5.22 15.62 6.61
CA TYR B 115 -3.88 16.05 6.22
C TYR B 115 -3.31 17.06 7.21
N ASP B 116 -4.13 18.03 7.62
CA ASP B 116 -3.65 19.04 8.57
C ASP B 116 -3.37 18.43 9.94
N GLU B 117 -4.19 17.47 10.37
CA GLU B 117 -3.94 16.81 11.64
C GLU B 117 -2.63 16.02 11.61
N GLU B 118 -2.37 15.34 10.50
CA GLU B 118 -1.11 14.62 10.37
C GLU B 118 0.08 15.57 10.28
N LEU B 119 -0.08 16.71 9.63
CA LEU B 119 0.97 17.72 9.61
C LEU B 119 1.27 18.23 11.01
N ALA B 120 0.22 18.54 11.78
CA ALA B 120 0.40 19.02 13.14
C ALA B 120 1.05 17.97 14.03
N PHE B 121 0.65 16.71 13.88
CA PHE B 121 1.21 15.66 14.72
C PHE B 121 2.72 15.53 14.52
N PHE B 122 3.17 15.59 13.27
CA PHE B 122 4.57 15.38 12.95
C PHE B 122 5.37 16.67 12.92
N GLY B 123 4.76 17.79 13.31
CA GLY B 123 5.49 19.03 13.45
C GLY B 123 5.79 19.74 12.15
N LEU B 124 5.04 19.46 11.09
CA LEU B 124 5.24 20.12 9.81
C LEU B 124 4.33 21.32 9.69
N ILE B 125 4.87 22.43 9.22
CA ILE B 125 4.12 23.67 9.07
C ILE B 125 3.54 23.72 7.66
N PRO B 126 2.27 24.08 7.48
CA PRO B 126 1.68 24.07 6.14
C PRO B 126 2.34 25.02 5.15
N GLU B 127 3.10 26.00 5.62
CA GLU B 127 3.81 26.92 4.74
C GLU B 127 4.98 26.28 4.01
N ILE B 128 5.38 25.05 4.37
CA ILE B 128 6.44 24.36 3.65
C ILE B 128 5.92 23.57 2.46
N ILE B 129 4.63 23.64 2.17
CA ILE B 129 4.09 23.00 0.98
C ILE B 129 4.62 23.71 -0.26
N GLY B 130 5.14 22.92 -1.21
CA GLY B 130 5.71 23.49 -2.40
C GLY B 130 4.68 24.21 -3.25
N ASP B 131 5.18 25.12 -4.09
CA ASP B 131 4.30 25.91 -4.95
C ASP B 131 3.51 25.06 -5.92
N CYS B 132 3.99 23.85 -6.20
CA CYS B 132 3.26 22.93 -7.06
C CYS B 132 1.90 22.57 -6.47
N CYS B 133 1.81 22.49 -5.15
CA CYS B 133 0.60 22.05 -4.48
C CYS B 133 -0.04 23.12 -3.62
N TYR B 134 0.58 24.30 -3.51
CA TYR B 134 0.13 25.27 -2.52
C TYR B 134 -1.23 25.84 -2.87
N GLU B 135 -1.48 26.13 -4.15
CA GLU B 135 -2.79 26.68 -4.54
C GLU B 135 -3.90 25.66 -4.28
N GLU B 136 -3.66 24.41 -4.63
CA GLU B 136 -4.61 23.34 -4.33
C GLU B 136 -4.91 23.26 -2.84
N TYR B 137 -3.85 23.23 -2.03
CA TYR B 137 -4.02 23.13 -0.59
C TYR B 137 -4.77 24.34 -0.04
N LYS B 138 -4.42 25.54 -0.50
CA LYS B 138 -5.06 26.76 -0.01
C LYS B 138 -6.53 26.77 -0.37
N ASP B 139 -6.89 26.36 -1.58
CA ASP B 139 -8.29 26.32 -1.96
C ASP B 139 -9.06 25.33 -1.10
N ARG B 140 -8.51 24.13 -0.89
CA ARG B 140 -9.21 23.14 -0.07
C ARG B 140 -9.36 23.62 1.37
N ARG B 141 -8.31 24.23 1.91
CA ARG B 141 -8.38 24.76 3.26
C ARG B 141 -9.40 25.89 3.35
N ARG B 142 -9.53 26.68 2.28
CA ARG B 142 -10.54 27.74 2.28
C ARG B 142 -11.95 27.16 2.31
N GLU B 143 -12.21 26.12 1.52
CA GLU B 143 -13.54 25.49 1.59
C GLU B 143 -13.83 24.93 2.98
N ASN B 144 -12.84 24.27 3.58
CA ASN B 144 -13.07 23.68 4.89
C ASN B 144 -13.20 24.75 5.98
N ALA B 145 -12.46 25.87 5.90
CA ALA B 145 -12.71 27.04 6.78
C ALA B 145 -14.11 27.61 6.56
N GLU B 146 -14.56 27.70 5.31
CA GLU B 146 -15.90 28.20 5.05
C GLU B 146 -16.95 27.32 5.71
N ARG B 147 -16.79 26.00 5.61
CA ARG B 147 -17.71 25.09 6.29
C ARG B 147 -17.68 25.31 7.79
N LEU B 148 -16.49 25.41 8.37
CA LEU B 148 -16.38 25.55 9.82
C LEU B 148 -17.01 26.87 10.30
N GLN B 149 -16.79 27.94 9.54
CA GLN B 149 -17.38 29.23 9.91
C GLN B 149 -18.90 29.22 9.74
N ASP B 150 -19.39 28.61 8.67
CA ASP B 150 -20.84 28.50 8.48
C ASP B 150 -21.48 27.73 9.62
N ASP B 151 -20.79 26.69 10.12
CA ASP B 151 -21.25 26.03 11.33
C ASP B 151 -21.17 26.98 12.53
N ALA B 152 -20.08 27.73 12.66
CA ALA B 152 -19.89 28.58 13.82
C ALA B 152 -20.96 29.66 13.92
N ASP B 153 -21.32 30.28 12.79
CA ASP B 153 -22.32 31.33 12.78
C ASP B 153 -23.68 30.80 12.35
N GLN B 425 -28.05 21.98 10.58
CA GLN B 425 -27.49 20.65 10.34
C GLN B 425 -26.49 20.28 11.43
N LYS B 426 -26.05 21.29 12.18
CA LYS B 426 -25.27 21.03 13.40
C LYS B 426 -26.11 20.33 14.45
N LYS B 427 -27.42 20.59 14.44
CA LYS B 427 -28.29 20.07 15.48
C LYS B 427 -28.34 18.55 15.49
N ALA B 428 -28.07 17.90 14.35
CA ALA B 428 -27.89 16.46 14.37
C ALA B 428 -26.68 16.08 15.21
N ARG B 429 -25.57 16.80 15.04
CA ARG B 429 -24.40 16.54 15.87
C ARG B 429 -24.69 16.80 17.34
N LEU B 430 -25.41 17.88 17.63
CA LEU B 430 -25.72 18.21 19.02
C LEU B 430 -26.62 17.16 19.65
N ALA B 431 -27.63 16.70 18.92
CA ALA B 431 -28.49 15.63 19.41
C ALA B 431 -27.70 14.34 19.62
N ARG B 432 -26.77 14.04 18.70
CA ARG B 432 -25.97 12.84 18.85
C ARG B 432 -25.09 12.90 20.09
N ILE B 433 -24.45 14.05 20.34
CA ILE B 433 -23.57 14.15 21.51
C ILE B 433 -24.39 14.12 22.81
N ARG B 434 -25.56 14.78 22.82
CA ARG B 434 -26.41 14.69 24.00
C ARG B 434 -26.90 13.28 24.23
N ALA B 435 -27.24 12.56 23.17
CA ALA B 435 -27.63 11.16 23.31
C ALA B 435 -26.47 10.33 23.84
N ALA B 436 -25.24 10.65 23.42
CA ALA B 436 -24.08 9.92 23.92
C ALA B 436 -23.88 10.16 25.41
N LYS B 437 -24.01 11.41 25.87
CA LYS B 437 -23.90 11.68 27.29
C LYS B 437 -25.02 11.02 28.09
N SER B 438 -26.24 11.04 27.55
CA SER B 438 -27.34 10.35 28.21
C SER B 438 -27.09 8.85 28.29
N GLY B 439 -26.53 8.27 27.23
CA GLY B 439 -26.20 6.86 27.25
C GLY B 439 -25.11 6.53 28.25
N SER B 440 -24.11 7.40 28.38
CA SER B 440 -23.07 7.18 29.39
C SER B 440 -23.65 7.26 30.80
N ALA B 441 -24.51 8.25 31.05
CA ALA B 441 -25.14 8.36 32.36
C ALA B 441 -26.03 7.15 32.65
N ASN B 442 -26.77 6.69 31.66
CA ASN B 442 -27.62 5.52 31.84
C ASN B 442 -26.79 4.27 32.06
N ALA B 443 -25.65 4.15 31.38
CA ALA B 443 -24.77 3.01 31.59
C ALA B 443 -24.23 3.00 33.01
N TYR B 444 -23.85 4.17 33.53
CA TYR B 444 -23.40 4.24 34.92
C TYR B 444 -24.53 3.90 35.87
N MET B 445 -25.75 4.37 35.58
CA MET B 445 -26.90 4.03 36.43
C MET B 445 -27.19 2.53 36.41
N GLN B 446 -27.08 1.90 35.25
CA GLN B 446 -27.32 0.46 35.16
C GLN B 446 -26.22 -0.31 35.87
N SER B 447 -24.98 0.19 35.82
CA SER B 447 -23.91 -0.39 36.61
C SER B 447 -24.21 -0.30 38.09
N LYS B 448 -24.76 0.84 38.53
CA LYS B 448 -25.16 0.98 39.92
C LYS B 448 -26.27 0.00 40.28
N ARG B 449 -27.25 -0.17 39.38
CA ARG B 449 -28.35 -1.08 39.64
C ARG B 449 -27.87 -2.52 39.76
N ASN B 450 -26.96 -2.94 38.86
CA ASN B 450 -26.42 -4.29 38.95
C ASN B 450 -25.63 -4.49 40.23
N GLY B 451 -24.85 -3.49 40.62
CA GLY B 451 -24.06 -3.56 41.85
C GLY B 451 -22.95 -4.59 41.79
N SER B 472 -13.78 -4.06 29.15
CA SER B 472 -14.50 -2.92 29.70
C SER B 472 -13.77 -2.35 30.93
N SER B 473 -12.44 -2.39 30.89
CA SER B 473 -11.67 -1.81 31.97
C SER B 473 -11.91 -0.31 32.09
N PHE B 474 -11.95 0.39 30.94
CA PHE B 474 -12.20 1.82 30.94
C PHE B 474 -13.53 2.14 31.61
N GLU B 475 -14.58 1.38 31.27
CA GLU B 475 -15.88 1.64 31.85
C GLU B 475 -15.88 1.45 33.36
N THR B 476 -15.18 0.42 33.83
CA THR B 476 -15.11 0.16 35.26
C THR B 476 -14.38 1.27 36.00
N GLN B 477 -13.24 1.71 35.47
CA GLN B 477 -12.51 2.80 36.13
C GLN B 477 -13.28 4.11 36.08
N HIS B 478 -13.95 4.39 34.96
CA HIS B 478 -14.74 5.61 34.86
C HIS B 478 -15.92 5.60 35.83
N HIS B 479 -16.58 4.46 35.97
CA HIS B 479 -17.67 4.34 36.94
C HIS B 479 -17.16 4.46 38.35
N HIS B 480 -15.95 3.95 38.63
CA HIS B 480 -15.35 4.14 39.93
C HIS B 480 -15.09 5.62 40.21
N LEU B 481 -14.63 6.36 39.20
CA LEU B 481 -14.42 7.79 39.37
C LEU B 481 -15.73 8.52 39.63
N LEU B 482 -16.80 8.13 38.94
CA LEU B 482 -18.10 8.76 39.16
C LEU B 482 -18.64 8.43 40.55
N HIS B 483 -18.44 7.20 41.01
CA HIS B 483 -18.84 6.84 42.36
C HIS B 483 -18.04 7.62 43.40
N CYS B 484 -16.74 7.86 43.13
CA CYS B 484 -15.94 8.69 44.01
C CYS B 484 -16.48 10.12 44.06
N LEU B 485 -16.91 10.64 42.91
CA LEU B 485 -17.54 11.95 42.90
C LEU B 485 -18.81 11.97 43.73
N GLU B 486 -19.63 10.92 43.61
CA GLU B 486 -20.81 10.78 44.45
C GLU B 486 -20.45 10.84 45.93
N LYS B 487 -19.46 10.05 46.34
CA LYS B 487 -19.05 10.02 47.75
C LYS B 487 -18.48 11.36 48.19
N THR B 488 -17.85 12.09 47.27
CA THR B 488 -17.33 13.41 47.60
C THR B 488 -18.46 14.38 47.90
N THR B 489 -19.46 14.43 47.04
CA THR B 489 -20.55 15.38 47.20
C THR B 489 -21.66 14.88 48.12
N ASN B 490 -21.60 13.63 48.58
CA ASN B 490 -22.65 13.01 49.40
C ASN B 490 -24.00 12.97 48.68
N HIS B 491 -24.00 13.24 47.38
CA HIS B 491 -25.17 13.17 46.54
C HIS B 491 -25.00 12.01 45.57
N GLU B 492 -26.13 11.49 45.09
CA GLU B 492 -26.13 10.42 44.12
C GLU B 492 -26.85 10.86 42.86
N PHE B 493 -26.42 10.30 41.73
CA PHE B 493 -27.13 10.53 40.49
C PHE B 493 -28.45 9.75 40.49
N VAL B 494 -29.35 10.14 39.60
CA VAL B 494 -30.60 9.41 39.37
C VAL B 494 -30.84 9.33 37.87
N ASP B 495 -31.62 8.33 37.48
CA ASP B 495 -31.89 8.07 36.07
C ASP B 495 -32.72 9.20 35.48
N GLU B 496 -32.34 9.64 34.28
CA GLU B 496 -33.01 10.77 33.64
C GLU B 496 -34.42 10.43 33.18
N GLN B 497 -34.78 9.16 33.10
CA GLN B 497 -36.11 8.76 32.66
C GLN B 497 -36.68 7.66 33.56
N GLY C 4 13.47 -5.36 -25.33
CA GLY C 4 12.09 -4.93 -25.50
C GLY C 4 11.10 -6.04 -25.26
N VAL C 5 11.13 -7.06 -26.12
CA VAL C 5 10.30 -8.25 -25.97
C VAL C 5 11.25 -9.45 -26.03
N ALA C 6 11.76 -9.85 -24.87
CA ALA C 6 12.62 -11.02 -24.77
C ALA C 6 11.84 -12.31 -24.57
N ALA C 7 10.52 -12.21 -24.37
CA ALA C 7 9.70 -13.39 -24.11
C ALA C 7 9.45 -14.19 -25.38
N TRP C 8 9.34 -13.52 -26.51
CA TRP C 8 9.14 -14.17 -27.79
C TRP C 8 10.43 -14.34 -28.57
N LEU C 9 11.56 -13.99 -27.98
CA LEU C 9 12.84 -14.25 -28.63
C LEU C 9 13.08 -15.73 -28.88
N PRO C 10 12.83 -16.65 -27.94
CA PRO C 10 12.91 -18.07 -28.29
C PRO C 10 11.99 -18.46 -29.42
N PHE C 11 10.82 -17.83 -29.51
CA PHE C 11 9.93 -18.10 -30.63
C PHE C 11 10.55 -17.68 -31.96
N ALA C 12 11.18 -16.51 -32.01
CA ALA C 12 11.83 -16.06 -33.23
C ALA C 12 13.01 -16.95 -33.60
N ARG C 13 13.79 -17.35 -32.60
CA ARG C 13 14.90 -18.25 -32.86
C ARG C 13 14.42 -19.59 -33.39
N ALA C 14 13.30 -20.09 -32.86
CA ALA C 14 12.69 -21.30 -33.40
C ALA C 14 12.17 -21.09 -34.81
N ALA C 15 11.54 -19.94 -35.07
CA ALA C 15 11.00 -19.63 -36.38
C ALA C 15 12.08 -19.56 -37.45
N ALA C 16 13.32 -19.25 -37.06
CA ALA C 16 14.44 -19.32 -37.98
C ALA C 16 14.59 -20.68 -38.66
N ILE C 17 13.95 -21.73 -38.12
CA ILE C 17 14.02 -23.05 -38.73
C ILE C 17 13.44 -23.06 -40.14
N GLY C 18 12.59 -22.08 -40.47
CA GLY C 18 12.14 -21.96 -41.85
C GLY C 18 13.21 -21.42 -42.78
N TRP C 19 14.13 -20.62 -42.24
CA TRP C 19 15.32 -20.21 -42.99
C TRP C 19 16.34 -21.31 -43.09
N MET C 20 16.44 -22.16 -42.06
CA MET C 20 17.60 -23.03 -41.92
C MET C 20 17.88 -23.94 -43.12
N PRO C 21 16.90 -24.64 -43.71
CA PRO C 21 17.24 -25.53 -44.81
C PRO C 21 17.55 -24.82 -46.12
N VAL C 22 16.89 -23.70 -46.40
CA VAL C 22 17.06 -23.03 -47.69
C VAL C 22 18.31 -22.18 -47.77
N ALA C 23 19.05 -22.04 -46.67
CA ALA C 23 20.29 -21.28 -46.69
C ALA C 23 21.33 -21.99 -47.54
N SER C 24 22.11 -21.20 -48.28
CA SER C 24 23.22 -21.70 -49.08
C SER C 24 24.51 -21.17 -48.48
N GLY C 25 25.20 -22.03 -47.73
CA GLY C 25 26.39 -21.64 -47.02
C GLY C 25 26.31 -21.98 -45.55
N PRO C 26 27.38 -21.70 -44.80
CA PRO C 26 27.44 -22.08 -43.40
C PRO C 26 26.60 -21.14 -42.53
N MET C 27 26.62 -21.40 -41.23
CA MET C 27 25.90 -20.64 -40.23
C MET C 27 26.84 -20.18 -39.12
N PRO C 28 26.53 -19.05 -38.48
CA PRO C 28 27.41 -18.53 -37.43
C PRO C 28 27.37 -19.40 -36.19
N ALA C 29 28.26 -19.09 -35.26
CA ALA C 29 28.33 -19.82 -34.00
C ALA C 29 27.28 -19.27 -33.03
N PRO C 30 26.44 -20.13 -32.45
CA PRO C 30 25.42 -19.64 -31.53
C PRO C 30 26.07 -19.09 -30.26
N PRO C 31 25.41 -18.13 -29.61
CA PRO C 31 26.00 -17.56 -28.39
C PRO C 31 26.06 -18.58 -27.25
N ARG C 32 27.04 -18.39 -26.37
CA ARG C 32 27.19 -19.29 -25.23
C ARG C 32 25.98 -19.22 -24.32
N GLN C 33 25.57 -18.01 -23.94
CA GLN C 33 24.41 -17.79 -23.07
C GLN C 33 24.51 -18.61 -21.79
N GLU C 34 25.72 -18.64 -21.21
CA GLU C 34 25.97 -19.41 -19.99
C GLU C 34 25.91 -18.47 -18.79
N ARG C 35 24.69 -18.14 -18.39
CA ARG C 35 24.44 -17.28 -17.23
C ARG C 35 23.31 -17.83 -16.39
N LYS C 36 23.19 -19.16 -16.33
CA LYS C 36 22.12 -19.85 -15.60
C LYS C 36 20.75 -19.41 -16.09
N ARG C 37 20.65 -19.07 -17.38
CA ARG C 37 19.40 -18.71 -18.05
C ARG C 37 18.79 -17.42 -17.51
N THR C 38 19.44 -16.81 -16.51
CA THR C 38 18.98 -15.56 -15.90
C THR C 38 17.50 -15.62 -15.54
N GLN C 39 17.06 -16.78 -15.04
CA GLN C 39 15.67 -17.02 -14.76
C GLN C 39 15.46 -17.30 -13.27
N ASP C 40 14.22 -17.13 -12.83
CA ASP C 40 13.83 -17.40 -11.44
C ASP C 40 14.59 -16.52 -10.46
N ALA C 41 14.99 -15.33 -10.90
CA ALA C 41 15.70 -14.41 -10.01
C ALA C 41 14.76 -13.83 -8.97
N LEU C 42 13.75 -13.07 -9.40
CA LEU C 42 12.82 -12.38 -8.52
C LEU C 42 13.57 -11.45 -7.56
N ILE C 43 14.18 -10.42 -8.13
CA ILE C 43 14.89 -9.45 -7.31
C ILE C 43 13.90 -8.54 -6.59
N VAL C 44 14.38 -7.99 -5.47
CA VAL C 44 13.61 -7.15 -4.58
C VAL C 44 14.10 -5.72 -4.72
N LEU C 45 13.17 -4.81 -4.99
CA LEU C 45 13.41 -3.38 -5.01
C LEU C 45 12.68 -2.79 -3.82
N ASN C 46 13.43 -2.40 -2.81
CA ASN C 46 12.86 -1.81 -1.60
C ASN C 46 12.80 -0.31 -1.78
N VAL C 47 11.60 0.23 -1.94
CA VAL C 47 11.40 1.65 -2.14
C VAL C 47 10.76 2.19 -0.86
N SER C 48 11.59 2.84 -0.03
CA SER C 48 11.15 3.49 1.20
C SER C 48 10.41 2.54 2.12
N GLY C 49 10.86 1.28 2.15
CA GLY C 49 10.23 0.28 2.99
C GLY C 49 9.19 -0.56 2.30
N THR C 50 8.73 -0.16 1.12
CA THR C 50 7.76 -0.95 0.36
C THR C 50 8.51 -1.91 -0.54
N ARG C 51 8.22 -3.20 -0.39
CA ARG C 51 8.88 -4.23 -1.20
C ARG C 51 8.19 -4.35 -2.54
N PHE C 52 8.94 -4.18 -3.62
CA PHE C 52 8.51 -4.54 -4.96
C PHE C 52 9.34 -5.72 -5.38
N GLN C 53 8.75 -6.65 -6.10
CA GLN C 53 9.48 -7.80 -6.60
C GLN C 53 9.29 -7.89 -8.10
N THR C 54 10.34 -8.22 -8.81
CA THR C 54 10.22 -8.33 -10.25
C THR C 54 11.28 -9.30 -10.76
N TRP C 55 11.04 -9.82 -11.96
CA TRP C 55 12.06 -10.62 -12.63
C TRP C 55 13.15 -9.71 -13.15
N GLN C 56 14.40 -10.21 -13.12
CA GLN C 56 15.52 -9.41 -13.57
C GLN C 56 15.43 -9.11 -15.06
N ASP C 57 14.96 -10.07 -15.86
CA ASP C 57 14.84 -9.84 -17.30
C ASP C 57 13.81 -8.76 -17.60
N THR C 58 12.77 -8.64 -16.77
CA THR C 58 11.82 -7.55 -16.92
C THR C 58 12.52 -6.20 -16.86
N LEU C 59 13.45 -6.04 -15.92
CA LEU C 59 14.21 -4.80 -15.84
C LEU C 59 15.20 -4.68 -16.99
N GLU C 60 15.78 -5.80 -17.42
CA GLU C 60 16.70 -5.77 -18.55
C GLU C 60 16.03 -5.45 -19.86
N ARG C 61 14.69 -5.49 -19.92
CA ARG C 61 13.98 -5.12 -21.13
C ARG C 61 14.31 -3.70 -21.59
N TYR C 62 14.59 -2.80 -20.65
CA TYR C 62 14.82 -1.40 -20.96
C TYR C 62 16.12 -0.92 -20.35
N PRO C 63 17.23 -1.10 -21.05
CA PRO C 63 18.48 -0.45 -20.63
C PRO C 63 18.37 1.05 -20.87
N ASP C 64 19.44 1.80 -20.58
CA ASP C 64 19.47 3.26 -20.68
C ASP C 64 18.59 3.91 -19.61
N THR C 65 17.89 3.13 -18.79
CA THR C 65 17.22 3.62 -17.60
C THR C 65 17.99 3.15 -16.38
N LEU C 66 17.64 3.70 -15.22
CA LEU C 66 18.34 3.34 -13.99
C LEU C 66 18.20 1.85 -13.69
N LEU C 67 16.95 1.36 -13.67
CA LEU C 67 16.72 -0.03 -13.26
C LEU C 67 17.22 -1.02 -14.30
N GLY C 68 17.30 -0.62 -15.56
CA GLY C 68 17.76 -1.52 -16.60
C GLY C 68 19.25 -1.53 -16.82
N SER C 69 19.97 -0.64 -16.16
CA SER C 69 21.40 -0.47 -16.38
C SER C 69 22.18 -0.87 -15.13
N SER C 70 23.50 -0.73 -15.22
CA SER C 70 24.38 -0.99 -14.08
C SER C 70 24.33 0.12 -13.04
N GLU C 71 23.72 1.26 -13.36
CA GLU C 71 23.48 2.30 -12.37
C GLU C 71 22.70 1.76 -11.17
N ARG C 72 21.85 0.77 -11.40
CA ARG C 72 21.14 0.09 -10.33
C ARG C 72 22.08 -0.39 -9.24
N ASP C 73 23.31 -0.77 -9.61
CA ASP C 73 24.25 -1.30 -8.64
C ASP C 73 24.58 -0.30 -7.54
N PHE C 74 24.41 0.99 -7.80
CA PHE C 74 24.67 1.99 -6.77
C PHE C 74 23.69 1.91 -5.62
N PHE C 75 22.58 1.21 -5.79
CA PHE C 75 21.54 1.13 -4.78
C PHE C 75 21.39 -0.26 -4.18
N TYR C 76 22.30 -1.17 -4.52
CA TYR C 76 22.21 -2.53 -3.99
C TYR C 76 22.76 -2.61 -2.58
N HIS C 77 22.10 -3.39 -1.74
CA HIS C 77 22.53 -3.63 -0.37
C HIS C 77 22.87 -5.10 -0.22
N PRO C 78 24.14 -5.49 -0.33
CA PRO C 78 24.49 -6.92 -0.23
C PRO C 78 24.13 -7.53 1.11
N GLU C 79 24.10 -6.73 2.18
CA GLU C 79 23.74 -7.26 3.49
C GLU C 79 22.32 -7.79 3.50
N THR C 80 21.38 -7.04 2.94
CA THR C 80 19.99 -7.46 2.87
C THR C 80 19.63 -8.10 1.53
N GLN C 81 20.58 -8.15 0.59
CA GLN C 81 20.35 -8.73 -0.74
C GLN C 81 19.17 -8.08 -1.45
N GLN C 82 19.12 -6.75 -1.39
CA GLN C 82 18.04 -6.03 -2.05
C GLN C 82 18.56 -4.66 -2.46
N TYR C 83 17.86 -4.06 -3.43
CA TYR C 83 18.10 -2.68 -3.80
C TYR C 83 17.20 -1.79 -2.95
N PHE C 84 17.76 -0.74 -2.39
CA PHE C 84 16.99 0.22 -1.62
C PHE C 84 16.97 1.56 -2.33
N PHE C 85 15.79 2.14 -2.44
CA PHE C 85 15.61 3.46 -3.02
C PHE C 85 14.86 4.33 -2.02
N ASP C 86 15.43 5.49 -1.71
CA ASP C 86 14.79 6.44 -0.80
C ASP C 86 13.86 7.36 -1.59
N ARG C 87 12.91 6.76 -2.28
CA ARG C 87 12.02 7.46 -3.19
C ARG C 87 10.58 7.17 -2.82
N ASP C 88 9.65 7.73 -3.59
CA ASP C 88 8.23 7.56 -3.34
C ASP C 88 7.75 6.23 -3.91
N PRO C 89 7.15 5.35 -3.10
CA PRO C 89 6.73 4.04 -3.62
C PRO C 89 5.50 4.09 -4.52
N ASP C 90 4.56 5.01 -4.27
CA ASP C 90 3.35 5.06 -5.08
C ASP C 90 3.66 5.38 -6.54
N ILE C 91 4.55 6.35 -6.79
CA ILE C 91 4.97 6.64 -8.16
C ILE C 91 5.85 5.52 -8.70
N PHE C 92 6.63 4.89 -7.83
CA PHE C 92 7.44 3.77 -8.27
C PHE C 92 6.59 2.64 -8.83
N ARG C 93 5.34 2.50 -8.36
CA ARG C 93 4.46 1.51 -8.95
C ARG C 93 4.31 1.72 -10.45
N HIS C 94 4.07 2.96 -10.88
CA HIS C 94 3.98 3.25 -12.31
C HIS C 94 5.32 3.08 -13.01
N ILE C 95 6.40 3.44 -12.33
CA ILE C 95 7.73 3.20 -12.89
C ILE C 95 7.92 1.73 -13.24
N LEU C 96 7.55 0.84 -12.31
CA LEU C 96 7.70 -0.60 -12.53
C LEU C 96 6.73 -1.11 -13.59
N ASN C 97 5.49 -0.61 -13.58
CA ASN C 97 4.52 -0.97 -14.60
C ASN C 97 5.05 -0.67 -15.99
N PHE C 98 5.83 0.40 -16.13
CA PHE C 98 6.43 0.69 -17.44
C PHE C 98 7.30 -0.46 -17.91
N TYR C 99 8.14 -1.00 -17.03
CA TYR C 99 9.00 -2.12 -17.42
C TYR C 99 8.17 -3.33 -17.77
N ARG C 100 7.10 -3.58 -17.01
CA ARG C 100 6.29 -4.76 -17.28
C ARG C 100 5.54 -4.66 -18.60
N THR C 101 5.04 -3.48 -18.97
CA THR C 101 4.21 -3.34 -20.16
C THR C 101 4.89 -2.60 -21.31
N GLY C 102 5.80 -1.67 -21.02
CA GLY C 102 6.37 -0.82 -22.04
C GLY C 102 5.74 0.56 -22.13
N LYS C 103 4.58 0.76 -21.52
CA LYS C 103 3.89 2.03 -21.53
C LYS C 103 3.85 2.62 -20.13
N LEU C 104 3.92 3.94 -20.06
CA LEU C 104 3.90 4.67 -18.80
C LEU C 104 2.53 5.33 -18.64
N HIS C 105 1.91 5.11 -17.48
CA HIS C 105 0.64 5.73 -17.15
C HIS C 105 0.87 6.88 -16.19
N TYR C 106 0.04 7.91 -16.28
CA TYR C 106 0.14 9.05 -15.38
C TYR C 106 -1.01 9.03 -14.39
N PRO C 107 -0.74 8.93 -13.10
CA PRO C 107 -1.83 8.99 -12.11
C PRO C 107 -2.30 10.43 -11.91
N ARG C 108 -3.60 10.65 -12.12
CA ARG C 108 -4.14 12.00 -12.08
C ARG C 108 -4.11 12.60 -10.69
N HIS C 109 -4.07 11.77 -9.65
CA HIS C 109 -4.16 12.27 -8.28
C HIS C 109 -2.82 12.70 -7.71
N GLU C 110 -1.72 12.47 -8.41
CA GLU C 110 -0.40 12.85 -7.90
C GLU C 110 0.04 14.18 -8.49
N CYS C 111 0.89 14.87 -7.74
CA CYS C 111 1.45 16.12 -8.21
C CYS C 111 2.33 15.88 -9.43
N ILE C 112 2.20 16.77 -10.42
CA ILE C 112 2.98 16.63 -11.64
C ILE C 112 4.47 16.83 -11.37
N SER C 113 4.81 17.71 -10.44
CA SER C 113 6.22 17.93 -10.11
C SER C 113 6.85 16.68 -9.49
N ALA C 114 6.15 16.05 -8.55
CA ALA C 114 6.66 14.83 -7.94
C ALA C 114 6.82 13.73 -8.97
N TYR C 115 5.83 13.59 -9.85
CA TYR C 115 5.88 12.59 -10.91
C TYR C 115 7.07 12.82 -11.83
N ASP C 116 7.29 14.08 -12.23
CA ASP C 116 8.40 14.38 -13.12
C ASP C 116 9.74 14.17 -12.44
N GLU C 117 9.84 14.49 -11.14
CA GLU C 117 11.08 14.25 -10.42
C GLU C 117 11.38 12.76 -10.32
N GLU C 118 10.35 11.94 -10.08
CA GLU C 118 10.56 10.50 -10.04
C GLU C 118 10.91 9.95 -11.42
N LEU C 119 10.31 10.50 -12.48
CA LEU C 119 10.69 10.09 -13.83
C LEU C 119 12.14 10.41 -14.12
N ALA C 120 12.58 11.62 -13.76
CA ALA C 120 13.96 12.02 -13.98
C ALA C 120 14.93 11.17 -13.17
N PHE C 121 14.58 10.85 -11.93
CA PHE C 121 15.46 10.05 -11.09
C PHE C 121 15.71 8.68 -11.70
N PHE C 122 14.68 8.04 -12.21
CA PHE C 122 14.78 6.68 -12.72
C PHE C 122 15.08 6.64 -14.21
N GLY C 123 15.36 7.78 -14.82
CA GLY C 123 15.78 7.81 -16.21
C GLY C 123 14.69 7.61 -17.23
N LEU C 124 13.45 7.86 -16.86
CA LEU C 124 12.32 7.71 -17.79
C LEU C 124 12.02 9.05 -18.44
N ILE C 125 11.82 9.01 -19.75
CA ILE C 125 11.54 10.23 -20.52
C ILE C 125 10.02 10.41 -20.61
N PRO C 126 9.50 11.62 -20.39
CA PRO C 126 8.03 11.79 -20.39
C PRO C 126 7.37 11.46 -21.71
N GLU C 127 8.11 11.42 -22.81
CA GLU C 127 7.55 11.07 -24.10
C GLU C 127 7.17 9.60 -24.22
N ILE C 128 7.53 8.75 -23.26
CA ILE C 128 7.12 7.36 -23.29
C ILE C 128 5.79 7.13 -22.61
N ILE C 129 5.12 8.19 -22.16
CA ILE C 129 3.78 8.06 -21.60
C ILE C 129 2.82 7.65 -22.71
N GLY C 130 2.02 6.63 -22.45
CA GLY C 130 1.09 6.16 -23.45
C GLY C 130 0.02 7.17 -23.79
N ASP C 131 -0.57 7.00 -24.97
CA ASP C 131 -1.58 7.94 -25.45
C ASP C 131 -2.81 7.96 -24.55
N CYS C 132 -3.02 6.90 -23.77
CA CYS C 132 -4.12 6.86 -22.81
C CYS C 132 -3.99 7.97 -21.78
N CYS C 133 -2.77 8.31 -21.39
CA CYS C 133 -2.53 9.27 -20.33
C CYS C 133 -1.82 10.53 -20.79
N TYR C 134 -1.44 10.60 -22.08
CA TYR C 134 -0.58 11.69 -22.53
C TYR C 134 -1.28 13.04 -22.48
N GLU C 135 -2.55 13.09 -22.89
CA GLU C 135 -3.27 14.36 -22.85
C GLU C 135 -3.43 14.87 -21.42
N GLU C 136 -3.79 13.97 -20.51
CA GLU C 136 -3.86 14.32 -19.09
C GLU C 136 -2.55 14.87 -18.58
N TYR C 137 -1.46 14.16 -18.85
CA TYR C 137 -0.14 14.59 -18.41
C TYR C 137 0.25 15.93 -19.00
N LYS C 138 -0.01 16.11 -20.30
CA LYS C 138 0.35 17.36 -20.97
C LYS C 138 -0.42 18.54 -20.40
N ASP C 139 -1.72 18.34 -20.12
CA ASP C 139 -2.51 19.42 -19.54
C ASP C 139 -1.99 19.78 -18.16
N ARG C 140 -1.70 18.78 -17.32
CA ARG C 140 -1.21 19.07 -15.98
C ARG C 140 0.15 19.77 -16.03
N ARG C 141 1.03 19.30 -16.92
CA ARG C 141 2.32 19.94 -17.08
C ARG C 141 2.18 21.37 -17.58
N ARG C 142 1.18 21.62 -18.44
CA ARG C 142 0.94 22.98 -18.89
C ARG C 142 0.51 23.90 -17.76
N GLU C 143 -0.38 23.43 -16.89
CA GLU C 143 -0.77 24.24 -15.74
C GLU C 143 0.43 24.53 -14.84
N ASN C 144 1.25 23.52 -14.58
CA ASN C 144 2.40 23.73 -13.70
C ASN C 144 3.46 24.61 -14.34
N ALA C 145 3.68 24.53 -15.67
CA ALA C 145 4.52 25.51 -16.39
C ALA C 145 3.94 26.90 -16.31
N GLU C 146 2.62 27.04 -16.44
CA GLU C 146 2.00 28.35 -16.33
C GLU C 146 2.25 28.97 -14.96
N ARG C 147 2.11 28.16 -13.91
CA ARG C 147 2.42 28.65 -12.56
C ARG C 147 3.88 29.08 -12.45
N LEU C 148 4.80 28.25 -12.95
CA LEU C 148 6.21 28.57 -12.82
C LEU C 148 6.57 29.84 -13.60
N GLN C 149 5.99 30.02 -14.78
CA GLN C 149 6.26 31.23 -15.56
C GLN C 149 5.63 32.46 -14.91
N ASP C 150 4.42 32.33 -14.37
CA ASP C 150 3.80 33.45 -13.67
C ASP C 150 4.64 33.88 -12.48
N ASP C 151 5.25 32.91 -11.79
CA ASP C 151 6.22 33.25 -10.76
C ASP C 151 7.45 33.93 -11.36
N ALA C 152 7.95 33.41 -12.48
CA ALA C 152 9.17 33.93 -13.07
C ALA C 152 9.02 35.38 -13.51
N ASP C 153 7.88 35.71 -14.11
CA ASP C 153 7.65 37.07 -14.59
C ASP C 153 6.78 37.85 -13.61
N GLN C 425 3.18 36.82 -4.34
CA GLN C 425 3.02 35.65 -3.49
C GLN C 425 4.34 34.88 -3.39
N LYS C 426 5.26 35.17 -4.31
CA LYS C 426 6.63 34.67 -4.18
C LYS C 426 7.32 35.29 -2.97
N LYS C 427 6.94 36.51 -2.62
CA LYS C 427 7.63 37.23 -1.56
C LYS C 427 7.51 36.52 -0.21
N ALA C 428 6.47 35.73 0.00
CA ALA C 428 6.43 34.88 1.17
C ALA C 428 7.57 33.85 1.14
N ARG C 429 7.80 33.24 -0.02
CA ARG C 429 8.92 32.31 -0.16
C ARG C 429 10.25 33.02 0.06
N LEU C 430 10.39 34.22 -0.51
CA LEU C 430 11.64 34.97 -0.37
C LEU C 430 11.89 35.37 1.09
N ALA C 431 10.86 35.82 1.79
CA ALA C 431 11.00 36.13 3.20
C ALA C 431 11.34 34.89 4.00
N ARG C 432 10.73 33.75 3.67
CA ARG C 432 11.03 32.52 4.39
C ARG C 432 12.48 32.09 4.19
N ILE C 433 12.99 32.17 2.96
CA ILE C 433 14.36 31.76 2.72
C ILE C 433 15.34 32.72 3.37
N ARG C 434 15.05 34.03 3.32
CA ARG C 434 15.92 34.98 4.02
C ARG C 434 15.90 34.76 5.52
N ALA C 435 14.73 34.45 6.08
CA ALA C 435 14.64 34.12 7.51
C ALA C 435 15.43 32.86 7.82
N ALA C 436 15.43 31.90 6.91
CA ALA C 436 16.21 30.68 7.13
C ALA C 436 17.70 30.97 7.13
N LYS C 437 18.18 31.79 6.20
CA LYS C 437 19.60 32.15 6.20
C LYS C 437 19.97 32.95 7.44
N SER C 438 19.09 33.87 7.86
CA SER C 438 19.34 34.62 9.09
C SER C 438 19.38 33.69 10.30
N GLY C 439 18.50 32.69 10.33
CA GLY C 439 18.53 31.73 11.42
C GLY C 439 19.78 30.89 11.43
N SER C 440 20.26 30.49 10.25
CA SER C 440 21.51 29.75 10.18
C SER C 440 22.70 30.59 10.67
N ALA C 441 22.75 31.86 10.23
CA ALA C 441 23.81 32.75 10.69
C ALA C 441 23.73 32.97 12.20
N ASN C 442 22.53 33.15 12.73
CA ASN C 442 22.37 33.33 14.17
C ASN C 442 22.73 32.07 14.93
N ALA C 443 22.43 30.90 14.38
CA ALA C 443 22.82 29.66 15.03
C ALA C 443 24.33 29.52 15.08
N TYR C 444 25.02 29.89 14.00
CA TYR C 444 26.47 29.86 14.03
C TYR C 444 27.02 30.87 15.03
N MET C 445 26.41 32.06 15.10
CA MET C 445 26.84 33.05 16.08
C MET C 445 26.64 32.56 17.52
N GLN C 446 25.51 31.89 17.78
CA GLN C 446 25.27 31.37 19.12
C GLN C 446 26.22 30.23 19.44
N SER C 447 26.57 29.42 18.44
CA SER C 447 27.61 28.42 18.63
C SER C 447 28.93 29.07 18.99
N LYS C 448 29.26 30.18 18.34
CA LYS C 448 30.48 30.91 18.68
C LYS C 448 30.41 31.44 20.10
N ARG C 449 29.26 31.98 20.50
CA ARG C 449 29.11 32.53 21.85
C ARG C 449 29.26 31.43 22.91
N ASN C 450 28.65 30.28 22.67
CA ASN C 450 28.80 29.17 23.63
C ASN C 450 30.25 28.71 23.71
N GLY C 451 30.92 28.62 22.57
CA GLY C 451 32.32 28.21 22.54
C GLY C 451 32.53 26.76 22.93
N SER C 472 23.30 16.39 15.75
CA SER C 472 23.70 17.67 15.18
C SER C 472 25.11 17.62 14.62
N SER C 473 25.47 16.47 14.05
CA SER C 473 26.79 16.36 13.42
C SER C 473 26.92 17.32 12.25
N PHE C 474 25.87 17.42 11.43
CA PHE C 474 25.90 18.34 10.30
C PHE C 474 26.15 19.77 10.75
N GLU C 475 25.46 20.20 11.80
CA GLU C 475 25.63 21.57 12.29
C GLU C 475 27.06 21.81 12.76
N THR C 476 27.64 20.82 13.44
CA THR C 476 29.00 20.97 13.93
C THR C 476 30.00 21.07 12.79
N GLN C 477 29.89 20.20 11.79
CA GLN C 477 30.81 20.27 10.65
C GLN C 477 30.62 21.55 9.84
N HIS C 478 29.36 21.99 9.67
CA HIS C 478 29.12 23.23 8.94
C HIS C 478 29.69 24.43 9.68
N HIS C 479 29.55 24.47 11.01
CA HIS C 479 30.12 25.55 11.78
C HIS C 479 31.64 25.51 11.75
N HIS C 480 32.22 24.30 11.70
CA HIS C 480 33.66 24.20 11.53
C HIS C 480 34.10 24.77 10.19
N LEU C 481 33.34 24.50 9.13
CA LEU C 481 33.65 25.06 7.82
C LEU C 481 33.57 26.58 7.84
N LEU C 482 32.55 27.13 8.51
CA LEU C 482 32.42 28.58 8.59
C LEU C 482 33.55 29.20 9.40
N HIS C 483 33.97 28.53 10.48
CA HIS C 483 35.12 29.01 11.24
C HIS C 483 36.40 28.95 10.42
N CYS C 484 36.53 27.92 9.59
CA CYS C 484 37.68 27.85 8.68
C CYS C 484 37.66 29.02 7.69
N LEU C 485 36.48 29.37 7.20
CA LEU C 485 36.37 30.54 6.33
C LEU C 485 36.79 31.81 7.06
N GLU C 486 36.35 31.95 8.31
CA GLU C 486 36.79 33.07 9.14
C GLU C 486 38.30 33.13 9.22
N LYS C 487 38.92 32.01 9.55
CA LYS C 487 40.39 31.98 9.68
C LYS C 487 41.08 32.25 8.36
N THR C 488 40.45 31.86 7.25
CA THR C 488 41.01 32.15 5.94
C THR C 488 41.02 33.65 5.66
N THR C 489 39.90 34.32 5.89
CA THR C 489 39.79 35.73 5.58
C THR C 489 40.29 36.64 6.71
N ASN C 490 40.66 36.08 7.85
CA ASN C 490 41.09 36.85 9.03
C ASN C 490 39.99 37.80 9.52
N HIS C 491 38.78 37.63 9.02
CA HIS C 491 37.62 38.39 9.44
C HIS C 491 36.66 37.46 10.17
N GLU C 492 35.84 38.04 11.03
CA GLU C 492 34.84 37.28 11.76
C GLU C 492 33.46 37.83 11.45
N PHE C 493 32.47 36.93 11.51
CA PHE C 493 31.09 37.36 11.37
C PHE C 493 30.65 38.08 12.64
N VAL C 494 29.55 38.83 12.52
CA VAL C 494 28.90 39.47 13.67
C VAL C 494 27.40 39.29 13.54
N ASP C 495 26.72 39.37 14.68
CA ASP C 495 25.29 39.15 14.73
C ASP C 495 24.55 40.26 14.00
N GLU C 496 23.55 39.87 13.20
CA GLU C 496 22.82 40.84 12.39
C GLU C 496 21.94 41.77 13.21
N GLN C 497 21.67 41.43 14.47
CA GLN C 497 20.82 42.25 15.32
C GLN C 497 21.42 42.40 16.71
N GLY D 4 -20.38 -19.80 -6.65
CA GLY D 4 -20.92 -18.47 -6.44
C GLY D 4 -21.07 -18.11 -4.98
N VAL D 5 -21.95 -18.84 -4.28
CA VAL D 5 -22.14 -18.69 -2.84
C VAL D 5 -22.00 -20.09 -2.24
N ALA D 6 -20.77 -20.45 -1.87
CA ALA D 6 -20.49 -21.73 -1.23
C ALA D 6 -20.64 -21.65 0.28
N ALA D 7 -20.84 -20.45 0.83
CA ALA D 7 -20.92 -20.29 2.27
C ALA D 7 -22.25 -20.76 2.83
N TRP D 8 -23.32 -20.59 2.05
CA TRP D 8 -24.64 -21.04 2.45
C TRP D 8 -25.00 -22.38 1.86
N LEU D 9 -24.08 -23.03 1.16
CA LEU D 9 -24.32 -24.39 0.68
C LEU D 9 -24.60 -25.37 1.80
N PRO D 10 -23.84 -25.39 2.91
CA PRO D 10 -24.25 -26.24 4.03
C PRO D 10 -25.63 -25.91 4.55
N PHE D 11 -26.03 -24.63 4.51
CA PHE D 11 -27.38 -24.28 4.91
C PHE D 11 -28.42 -24.91 4.00
N ALA D 12 -28.19 -24.88 2.69
CA ALA D 12 -29.14 -25.48 1.74
C ALA D 12 -29.19 -26.99 1.91
N ARG D 13 -28.03 -27.62 2.12
CA ARG D 13 -28.00 -29.06 2.35
C ARG D 13 -28.75 -29.42 3.63
N ALA D 14 -28.62 -28.61 4.67
CA ALA D 14 -29.40 -28.82 5.88
C ALA D 14 -30.89 -28.59 5.64
N ALA D 15 -31.24 -27.57 4.86
CA ALA D 15 -32.63 -27.26 4.56
C ALA D 15 -33.31 -28.39 3.80
N ALA D 16 -32.54 -29.17 3.05
CA ALA D 16 -33.09 -30.38 2.42
C ALA D 16 -33.78 -31.32 3.40
N ILE D 17 -33.55 -31.17 4.70
CA ILE D 17 -34.19 -32.02 5.69
C ILE D 17 -35.71 -31.87 5.67
N GLY D 18 -36.21 -30.76 5.13
CA GLY D 18 -37.64 -30.63 4.95
C GLY D 18 -38.17 -31.47 3.81
N TRP D 19 -37.32 -31.74 2.81
CA TRP D 19 -37.65 -32.70 1.76
C TRP D 19 -37.51 -34.14 2.24
N MET D 20 -36.57 -34.38 3.13
CA MET D 20 -36.13 -35.76 3.42
C MET D 20 -37.25 -36.70 3.82
N PRO D 21 -38.15 -36.36 4.75
CA PRO D 21 -39.17 -37.35 5.15
C PRO D 21 -40.26 -37.55 4.11
N VAL D 22 -40.66 -36.52 3.37
CA VAL D 22 -41.79 -36.63 2.45
C VAL D 22 -41.42 -37.29 1.14
N ALA D 23 -40.14 -37.59 0.92
CA ALA D 23 -39.74 -38.26 -0.30
C ALA D 23 -40.28 -39.69 -0.34
N SER D 24 -40.68 -40.13 -1.53
CA SER D 24 -41.15 -41.48 -1.76
C SER D 24 -40.15 -42.18 -2.67
N GLY D 25 -39.28 -43.00 -2.08
CA GLY D 25 -38.22 -43.65 -2.81
C GLY D 25 -36.88 -43.40 -2.17
N PRO D 26 -35.83 -43.99 -2.74
CA PRO D 26 -34.50 -43.90 -2.15
C PRO D 26 -33.86 -42.54 -2.41
N MET D 27 -32.64 -42.39 -1.92
CA MET D 27 -31.84 -41.17 -2.04
C MET D 27 -30.49 -41.48 -2.64
N PRO D 28 -29.89 -40.52 -3.36
CA PRO D 28 -28.59 -40.76 -3.98
C PRO D 28 -27.47 -40.87 -2.95
N ALA D 29 -26.31 -41.25 -3.42
CA ALA D 29 -25.14 -41.37 -2.56
C ALA D 29 -24.49 -40.00 -2.36
N PRO D 30 -24.26 -39.58 -1.12
CA PRO D 30 -23.65 -38.27 -0.90
C PRO D 30 -22.22 -38.24 -1.39
N PRO D 31 -21.71 -37.08 -1.80
CA PRO D 31 -20.35 -37.01 -2.30
C PRO D 31 -19.33 -37.30 -1.21
N ARG D 32 -18.18 -37.83 -1.64
CA ARG D 32 -17.11 -38.13 -0.69
C ARG D 32 -16.61 -36.86 -0.01
N GLN D 33 -16.27 -35.83 -0.81
CA GLN D 33 -15.79 -34.56 -0.29
C GLN D 33 -14.59 -34.75 0.63
N GLU D 34 -13.69 -35.64 0.25
CA GLU D 34 -12.51 -35.95 1.05
C GLU D 34 -11.32 -35.17 0.51
N ARG D 35 -11.28 -33.88 0.86
CA ARG D 35 -10.20 -32.99 0.46
C ARG D 35 -9.78 -32.10 1.63
N LYS D 36 -9.85 -32.65 2.84
CA LYS D 36 -9.54 -31.92 4.07
C LYS D 36 -10.39 -30.65 4.21
N ARG D 37 -11.61 -30.71 3.70
CA ARG D 37 -12.61 -29.64 3.79
C ARG D 37 -12.19 -28.37 3.06
N THR D 38 -10.98 -28.39 2.47
CA THR D 38 -10.46 -27.24 1.70
C THR D 38 -10.57 -25.95 2.50
N GLN D 39 -10.30 -26.03 3.79
CA GLN D 39 -10.48 -24.90 4.70
C GLN D 39 -9.15 -24.54 5.35
N ASP D 40 -9.09 -23.30 5.85
CA ASP D 40 -7.91 -22.77 6.54
C ASP D 40 -6.68 -22.76 5.63
N ALA D 41 -6.90 -22.62 4.32
CA ALA D 41 -5.77 -22.56 3.41
C ALA D 41 -5.02 -21.24 3.54
N LEU D 42 -5.70 -20.13 3.23
CA LEU D 42 -5.08 -18.80 3.24
C LEU D 42 -3.88 -18.75 2.30
N ILE D 43 -4.17 -18.90 1.00
CA ILE D 43 -3.11 -18.83 0.00
C ILE D 43 -2.64 -17.39 -0.19
N VAL D 44 -1.40 -17.26 -0.64
CA VAL D 44 -0.72 -15.99 -0.85
C VAL D 44 -0.61 -15.73 -2.34
N LEU D 45 -1.09 -14.57 -2.77
CA LEU D 45 -0.94 -14.08 -4.13
C LEU D 45 0.02 -12.90 -4.05
N ASN D 46 1.24 -13.10 -4.53
CA ASN D 46 2.25 -12.06 -4.52
C ASN D 46 2.18 -11.31 -5.84
N VAL D 47 1.69 -10.08 -5.80
CA VAL D 47 1.54 -9.25 -6.99
C VAL D 47 2.60 -8.17 -6.91
N SER D 48 3.68 -8.36 -7.68
CA SER D 48 4.77 -7.38 -7.79
C SER D 48 5.35 -7.01 -6.43
N GLY D 49 5.44 -7.99 -5.54
CA GLY D 49 5.96 -7.77 -4.21
C GLY D 49 4.94 -7.46 -3.15
N THR D 50 3.70 -7.14 -3.53
CA THR D 50 2.63 -6.89 -2.58
C THR D 50 1.94 -8.21 -2.26
N ARG D 51 1.89 -8.57 -0.99
CA ARG D 51 1.27 -9.80 -0.56
C ARG D 51 -0.24 -9.59 -0.42
N PHE D 52 -1.02 -10.39 -1.13
CA PHE D 52 -2.44 -10.51 -0.91
C PHE D 52 -2.69 -11.89 -0.35
N GLN D 53 -3.61 -12.01 0.59
CA GLN D 53 -3.95 -13.30 1.16
C GLN D 53 -5.43 -13.53 1.01
N THR D 54 -5.81 -14.75 0.67
CA THR D 54 -7.23 -15.04 0.53
C THR D 54 -7.47 -16.52 0.78
N TRP D 55 -8.71 -16.85 1.10
CA TRP D 55 -9.10 -18.24 1.20
C TRP D 55 -9.19 -18.85 -0.20
N GLN D 56 -8.83 -20.12 -0.31
CA GLN D 56 -8.86 -20.78 -1.61
C GLN D 56 -10.28 -20.90 -2.13
N ASP D 57 -11.25 -21.17 -1.25
CA ASP D 57 -12.63 -21.27 -1.70
C ASP D 57 -13.16 -19.96 -2.24
N THR D 58 -12.68 -18.83 -1.70
CA THR D 58 -13.03 -17.53 -2.25
C THR D 58 -12.67 -17.45 -3.73
N LEU D 59 -11.47 -17.93 -4.09
CA LEU D 59 -11.08 -17.95 -5.49
C LEU D 59 -11.87 -18.98 -6.28
N GLU D 60 -12.19 -20.12 -5.66
CA GLU D 60 -12.97 -21.15 -6.32
C GLU D 60 -14.41 -20.72 -6.58
N ARG D 61 -14.87 -19.63 -5.95
CA ARG D 61 -16.21 -19.14 -6.22
C ARG D 61 -16.43 -18.83 -7.68
N TYR D 62 -15.40 -18.40 -8.40
CA TYR D 62 -15.53 -17.97 -9.78
C TYR D 62 -14.52 -18.69 -10.66
N PRO D 63 -14.87 -19.89 -11.15
CA PRO D 63 -14.04 -20.52 -12.19
C PRO D 63 -14.19 -19.75 -13.50
N ASP D 64 -13.54 -20.20 -14.56
CA ASP D 64 -13.52 -19.53 -15.86
C ASP D 64 -12.72 -18.22 -15.82
N THR D 65 -12.22 -17.84 -14.65
CA THR D 65 -11.26 -16.77 -14.54
C THR D 65 -9.89 -17.36 -14.22
N LEU D 66 -8.86 -16.53 -14.30
CA LEU D 66 -7.50 -17.00 -14.03
C LEU D 66 -7.36 -17.54 -12.62
N LEU D 67 -7.75 -16.74 -11.62
CA LEU D 67 -7.53 -17.13 -10.24
C LEU D 67 -8.44 -18.28 -9.81
N GLY D 68 -9.59 -18.43 -10.46
CA GLY D 68 -10.50 -19.49 -10.09
C GLY D 68 -10.26 -20.81 -10.81
N SER D 69 -9.35 -20.83 -11.77
CA SER D 69 -9.12 -22.00 -12.60
C SER D 69 -7.72 -22.56 -12.33
N SER D 70 -7.40 -23.63 -13.08
CA SER D 70 -6.07 -24.23 -13.01
C SER D 70 -5.02 -23.41 -13.74
N GLU D 71 -5.43 -22.41 -14.52
CA GLU D 71 -4.48 -21.46 -15.10
C GLU D 71 -3.61 -20.80 -14.05
N ARG D 72 -4.16 -20.62 -12.85
CA ARG D 72 -3.40 -20.10 -11.72
C ARG D 72 -2.12 -20.88 -11.49
N ASP D 73 -2.13 -22.18 -11.79
CA ASP D 73 -0.95 -23.01 -11.54
C ASP D 73 0.26 -22.54 -12.33
N PHE D 74 0.05 -21.83 -13.44
CA PHE D 74 1.18 -21.31 -14.21
C PHE D 74 1.97 -20.27 -13.45
N PHE D 75 1.42 -19.72 -12.38
CA PHE D 75 2.06 -18.64 -11.64
C PHE D 75 2.49 -19.07 -10.25
N TYR D 76 2.38 -20.35 -9.92
CA TYR D 76 2.75 -20.83 -8.61
C TYR D 76 4.26 -21.00 -8.49
N HIS D 77 4.80 -20.63 -7.34
CA HIS D 77 6.22 -20.79 -7.03
C HIS D 77 6.35 -21.76 -5.87
N PRO D 78 6.61 -23.05 -6.14
CA PRO D 78 6.71 -24.01 -5.02
C PRO D 78 7.83 -23.70 -4.05
N GLU D 79 8.89 -23.04 -4.51
CA GLU D 79 10.00 -22.70 -3.62
C GLU D 79 9.54 -21.76 -2.51
N THR D 80 8.77 -20.73 -2.86
CA THR D 80 8.25 -19.78 -1.90
C THR D 80 6.83 -20.11 -1.45
N GLN D 81 6.21 -21.14 -2.03
CA GLN D 81 4.85 -21.54 -1.70
C GLN D 81 3.86 -20.40 -1.89
N GLN D 82 3.99 -19.69 -3.00
CA GLN D 82 3.10 -18.58 -3.29
C GLN D 82 2.95 -18.44 -4.79
N TYR D 83 1.87 -17.79 -5.20
CA TYR D 83 1.69 -17.39 -6.58
C TYR D 83 2.28 -16.00 -6.77
N PHE D 84 3.06 -15.83 -7.83
CA PHE D 84 3.63 -14.54 -8.15
C PHE D 84 3.04 -14.04 -9.46
N PHE D 85 2.62 -12.78 -9.45
CA PHE D 85 2.11 -12.11 -10.64
C PHE D 85 2.89 -10.83 -10.85
N ASP D 86 3.44 -10.66 -12.04
CA ASP D 86 4.18 -9.45 -12.39
C ASP D 86 3.21 -8.40 -12.95
N ARG D 87 2.22 -8.06 -12.13
CA ARG D 87 1.14 -7.18 -12.54
C ARG D 87 1.04 -6.02 -11.56
N ASP D 88 0.07 -5.15 -11.80
CA ASP D 88 -0.13 -3.97 -10.95
C ASP D 88 -0.92 -4.35 -9.70
N PRO D 89 -0.39 -4.10 -8.50
CA PRO D 89 -1.11 -4.51 -7.28
C PRO D 89 -2.33 -3.66 -6.95
N ASP D 90 -2.32 -2.36 -7.28
CA ASP D 90 -3.45 -1.50 -6.95
C ASP D 90 -4.72 -1.95 -7.67
N ILE D 91 -4.62 -2.27 -8.96
CA ILE D 91 -5.77 -2.80 -9.69
C ILE D 91 -6.10 -4.21 -9.23
N PHE D 92 -5.09 -4.98 -8.84
CA PHE D 92 -5.35 -6.32 -8.33
C PHE D 92 -6.20 -6.27 -7.07
N ARG D 93 -6.15 -5.19 -6.31
CA ARG D 93 -7.05 -5.07 -5.17
C ARG D 93 -8.50 -5.19 -5.60
N HIS D 94 -8.90 -4.48 -6.66
CA HIS D 94 -10.26 -4.59 -7.16
C HIS D 94 -10.53 -5.97 -7.76
N ILE D 95 -9.53 -6.54 -8.42
CA ILE D 95 -9.67 -7.91 -8.93
C ILE D 95 -10.05 -8.86 -7.80
N LEU D 96 -9.35 -8.78 -6.67
CA LEU D 96 -9.62 -9.66 -5.54
C LEU D 96 -10.95 -9.33 -4.87
N ASN D 97 -11.28 -8.04 -4.76
CA ASN D 97 -12.56 -7.65 -4.21
C ASN D 97 -13.71 -8.26 -5.01
N PHE D 98 -13.53 -8.43 -6.32
CA PHE D 98 -14.57 -9.08 -7.10
C PHE D 98 -14.84 -10.49 -6.59
N TYR D 99 -13.79 -11.26 -6.33
CA TYR D 99 -13.98 -12.62 -5.81
C TYR D 99 -14.65 -12.60 -4.46
N ARG D 100 -14.27 -11.65 -3.61
CA ARG D 100 -14.85 -11.61 -2.28
C ARG D 100 -16.33 -11.22 -2.29
N THR D 101 -16.74 -10.31 -3.17
CA THR D 101 -18.11 -9.84 -3.17
C THR D 101 -18.94 -10.30 -4.35
N GLY D 102 -18.33 -10.53 -5.51
CA GLY D 102 -19.07 -10.84 -6.72
C GLY D 102 -19.24 -9.66 -7.65
N LYS D 103 -19.00 -8.44 -7.18
CA LYS D 103 -19.14 -7.25 -7.98
C LYS D 103 -17.78 -6.59 -8.18
N LEU D 104 -17.59 -6.00 -9.35
CA LEU D 104 -16.35 -5.32 -9.71
C LEU D 104 -16.56 -3.82 -9.64
N HIS D 105 -15.67 -3.14 -8.93
CA HIS D 105 -15.69 -1.69 -8.83
C HIS D 105 -14.62 -1.10 -9.73
N TYR D 106 -14.90 0.09 -10.27
CA TYR D 106 -13.93 0.75 -11.11
C TYR D 106 -13.34 1.95 -10.38
N PRO D 107 -12.03 1.98 -10.14
CA PRO D 107 -11.42 3.15 -9.50
C PRO D 107 -11.27 4.30 -10.50
N ARG D 108 -11.84 5.45 -10.14
CA ARG D 108 -11.88 6.58 -11.07
C ARG D 108 -10.50 7.17 -11.32
N HIS D 109 -9.56 6.97 -10.39
CA HIS D 109 -8.26 7.60 -10.51
C HIS D 109 -7.27 6.82 -11.37
N GLU D 110 -7.62 5.61 -11.81
CA GLU D 110 -6.72 4.81 -12.61
C GLU D 110 -7.04 4.95 -14.10
N CYS D 111 -6.03 4.75 -14.92
CA CYS D 111 -6.22 4.79 -16.36
C CYS D 111 -7.13 3.65 -16.80
N ILE D 112 -8.04 3.96 -17.72
CA ILE D 112 -8.99 2.96 -18.20
C ILE D 112 -8.27 1.87 -18.98
N SER D 113 -7.20 2.23 -19.71
CA SER D 113 -6.46 1.22 -20.46
C SER D 113 -5.76 0.23 -19.54
N ALA D 114 -5.12 0.72 -18.48
CA ALA D 114 -4.47 -0.16 -17.53
C ALA D 114 -5.48 -1.07 -16.85
N TYR D 115 -6.63 -0.51 -16.46
CA TYR D 115 -7.69 -1.29 -15.84
C TYR D 115 -8.19 -2.38 -16.76
N ASP D 116 -8.41 -2.05 -18.04
CA ASP D 116 -8.90 -3.04 -18.99
C ASP D 116 -7.86 -4.12 -19.26
N GLU D 117 -6.59 -3.74 -19.31
CA GLU D 117 -5.53 -4.74 -19.52
C GLU D 117 -5.46 -5.70 -18.34
N GLU D 118 -5.59 -5.17 -17.11
CA GLU D 118 -5.60 -6.04 -15.94
C GLU D 118 -6.84 -6.93 -15.91
N LEU D 119 -7.99 -6.41 -16.33
CA LEU D 119 -9.19 -7.23 -16.43
C LEU D 119 -9.00 -8.37 -17.43
N ALA D 120 -8.44 -8.05 -18.60
CA ALA D 120 -8.21 -9.08 -19.62
C ALA D 120 -7.20 -10.12 -19.14
N PHE D 121 -6.15 -9.69 -18.46
CA PHE D 121 -5.14 -10.63 -17.98
C PHE D 121 -5.74 -11.66 -17.03
N PHE D 122 -6.58 -11.21 -16.10
CA PHE D 122 -7.14 -12.09 -15.09
C PHE D 122 -8.46 -12.70 -15.49
N GLY D 123 -8.88 -12.51 -16.73
CA GLY D 123 -10.07 -13.18 -17.24
C GLY D 123 -11.38 -12.60 -16.78
N LEU D 124 -11.39 -11.34 -16.37
CA LEU D 124 -12.62 -10.70 -15.92
C LEU D 124 -13.25 -9.93 -17.09
N ILE D 125 -14.55 -10.08 -17.24
CA ILE D 125 -15.29 -9.44 -18.32
C ILE D 125 -15.81 -8.08 -17.82
N PRO D 126 -15.67 -7.00 -18.59
CA PRO D 126 -16.11 -5.69 -18.09
C PRO D 126 -17.59 -5.59 -17.78
N GLU D 127 -18.41 -6.49 -18.30
CA GLU D 127 -19.84 -6.49 -18.01
C GLU D 127 -20.18 -6.92 -16.58
N ILE D 128 -19.20 -7.42 -15.82
CA ILE D 128 -19.46 -7.76 -14.42
C ILE D 128 -19.22 -6.59 -13.48
N ILE D 129 -18.92 -5.41 -14.02
CA ILE D 129 -18.81 -4.23 -13.18
C ILE D 129 -20.18 -3.87 -12.63
N GLY D 130 -20.25 -3.62 -11.32
CA GLY D 130 -21.52 -3.31 -10.70
C GLY D 130 -22.09 -2.00 -11.18
N ASP D 131 -23.40 -1.86 -11.01
CA ASP D 131 -24.11 -0.66 -11.46
C ASP D 131 -23.62 0.59 -10.74
N CYS D 132 -23.00 0.43 -9.56
CA CYS D 132 -22.44 1.56 -8.85
C CYS D 132 -21.33 2.23 -9.65
N CYS D 133 -20.57 1.46 -10.42
CA CYS D 133 -19.42 1.97 -11.14
C CYS D 133 -19.56 1.89 -12.65
N TYR D 134 -20.66 1.31 -13.14
CA TYR D 134 -20.75 1.02 -14.57
C TYR D 134 -20.83 2.28 -15.41
N GLU D 135 -21.59 3.27 -14.98
CA GLU D 135 -21.68 4.52 -15.75
C GLU D 135 -20.34 5.22 -15.82
N GLU D 136 -19.64 5.29 -14.69
CA GLU D 136 -18.30 5.85 -14.66
C GLU D 136 -17.37 5.13 -15.63
N TYR D 137 -17.36 3.80 -15.56
CA TYR D 137 -16.50 3.02 -16.43
C TYR D 137 -16.86 3.21 -17.89
N LYS D 138 -18.15 3.22 -18.21
CA LYS D 138 -18.59 3.37 -19.59
C LYS D 138 -18.19 4.73 -20.14
N ASP D 139 -18.35 5.78 -19.34
CA ASP D 139 -17.95 7.11 -19.80
C ASP D 139 -16.45 7.17 -20.06
N ARG D 140 -15.64 6.64 -19.15
CA ARG D 140 -14.20 6.67 -19.34
C ARG D 140 -13.79 5.86 -20.56
N ARG D 141 -14.39 4.69 -20.74
CA ARG D 141 -14.11 3.88 -21.91
C ARG D 141 -14.54 4.57 -23.19
N ARG D 142 -15.63 5.34 -23.15
CA ARG D 142 -16.05 6.10 -24.31
C ARG D 142 -15.02 7.18 -24.68
N GLU D 143 -14.50 7.91 -23.68
CA GLU D 143 -13.48 8.90 -24.00
C GLU D 143 -12.23 8.23 -24.59
N ASN D 144 -11.81 7.10 -24.02
CA ASN D 144 -10.61 6.45 -24.53
C ASN D 144 -10.83 5.84 -25.91
N ALA D 145 -12.04 5.31 -26.21
CA ALA D 145 -12.40 4.91 -27.59
C ALA D 145 -12.41 6.11 -28.54
N GLU D 146 -12.91 7.25 -28.09
CA GLU D 146 -12.90 8.43 -28.93
C GLU D 146 -11.48 8.85 -29.29
N ARG D 147 -10.58 8.81 -28.30
CA ARG D 147 -9.18 9.10 -28.58
C ARG D 147 -8.59 8.12 -29.59
N LEU D 148 -8.85 6.82 -29.39
CA LEU D 148 -8.28 5.82 -30.27
C LEU D 148 -8.81 5.96 -31.69
N GLN D 149 -10.10 6.26 -31.84
CA GLN D 149 -10.69 6.46 -33.17
C GLN D 149 -10.16 7.73 -33.83
N ASP D 150 -10.03 8.81 -33.06
CA ASP D 150 -9.48 10.03 -33.61
C ASP D 150 -8.05 9.82 -34.11
N ASP D 151 -7.28 8.99 -33.39
CA ASP D 151 -5.98 8.58 -33.92
C ASP D 151 -6.15 7.74 -35.18
N ALA D 152 -7.09 6.80 -35.18
CA ALA D 152 -7.24 5.89 -36.31
C ALA D 152 -7.60 6.64 -37.59
N ASP D 153 -8.50 7.62 -37.50
CA ASP D 153 -8.92 8.36 -38.67
C ASP D 153 -8.20 9.70 -38.77
N GLN D 425 -0.55 14.37 -34.32
CA GLN D 425 0.13 14.13 -33.05
C GLN D 425 0.57 12.66 -32.95
N LYS D 426 0.00 11.82 -33.81
CA LYS D 426 0.48 10.46 -33.97
C LYS D 426 1.89 10.45 -34.55
N LYS D 427 2.20 11.46 -35.38
CA LYS D 427 3.47 11.48 -36.10
C LYS D 427 4.66 11.54 -35.16
N ALA D 428 4.48 12.07 -33.94
CA ALA D 428 5.54 11.96 -32.94
C ALA D 428 5.78 10.50 -32.58
N ARG D 429 4.71 9.72 -32.39
CA ARG D 429 4.85 8.29 -32.12
C ARG D 429 5.51 7.58 -33.28
N LEU D 430 5.09 7.92 -34.50
CA LEU D 430 5.65 7.27 -35.69
C LEU D 430 7.13 7.58 -35.84
N ALA D 431 7.53 8.84 -35.63
CA ALA D 431 8.93 9.21 -35.67
C ALA D 431 9.72 8.49 -34.57
N ARG D 432 9.13 8.37 -33.38
CA ARG D 432 9.82 7.68 -32.29
C ARG D 432 10.04 6.21 -32.63
N ILE D 433 9.02 5.54 -33.18
CA ILE D 433 9.19 4.12 -33.48
C ILE D 433 10.17 3.92 -34.63
N ARG D 434 10.13 4.79 -35.64
CA ARG D 434 11.12 4.70 -36.71
C ARG D 434 12.53 4.95 -36.19
N ALA D 435 12.69 5.91 -35.28
CA ALA D 435 13.99 6.14 -34.67
C ALA D 435 14.44 4.94 -33.86
N ALA D 436 13.51 4.26 -33.20
CA ALA D 436 13.86 3.06 -32.45
C ALA D 436 14.34 1.94 -33.38
N LYS D 437 13.65 1.73 -34.51
CA LYS D 437 14.10 0.72 -35.45
C LYS D 437 15.46 1.09 -36.05
N SER D 438 15.65 2.37 -36.37
CA SER D 438 16.96 2.81 -36.88
C SER D 438 18.05 2.60 -35.84
N GLY D 439 17.74 2.85 -34.57
CA GLY D 439 18.71 2.62 -33.52
C GLY D 439 19.05 1.15 -33.35
N SER D 440 18.04 0.28 -33.47
CA SER D 440 18.30 -1.16 -33.40
C SER D 440 19.17 -1.62 -34.57
N ALA D 441 18.87 -1.14 -35.77
CA ALA D 441 19.69 -1.48 -36.93
C ALA D 441 21.11 -0.98 -36.78
N ASN D 442 21.27 0.26 -36.28
CA ASN D 442 22.61 0.80 -36.07
C ASN D 442 23.36 0.06 -34.97
N ALA D 443 22.65 -0.38 -33.93
CA ALA D 443 23.30 -1.17 -32.89
C ALA D 443 23.79 -2.50 -33.44
N TYR D 444 22.99 -3.14 -34.29
CA TYR D 444 23.46 -4.37 -34.92
C TYR D 444 24.65 -4.11 -35.84
N MET D 445 24.62 -3.00 -36.58
CA MET D 445 25.76 -2.64 -37.44
C MET D 445 27.02 -2.38 -36.62
N GLN D 446 26.88 -1.70 -35.48
CA GLN D 446 28.04 -1.44 -34.64
C GLN D 446 28.56 -2.72 -34.01
N SER D 447 27.66 -3.65 -33.68
CA SER D 447 28.08 -4.97 -33.22
C SER D 447 28.87 -5.68 -34.30
N LYS D 448 28.42 -5.57 -35.56
CA LYS D 448 29.17 -6.15 -36.67
C LYS D 448 30.54 -5.50 -36.80
N ARG D 449 30.61 -4.18 -36.67
CA ARG D 449 31.88 -3.47 -36.80
C ARG D 449 32.85 -3.89 -35.70
N ASN D 450 32.37 -4.01 -34.46
CA ASN D 450 33.24 -4.45 -33.38
C ASN D 450 33.72 -5.87 -33.60
N GLY D 451 32.84 -6.75 -34.07
CA GLY D 451 33.20 -8.12 -34.35
C GLY D 451 33.54 -8.93 -33.11
N SER D 472 23.19 -7.91 -21.43
CA SER D 472 22.87 -7.74 -22.84
C SER D 472 22.75 -9.09 -23.54
N SER D 473 22.24 -10.09 -22.84
CA SER D 473 22.03 -11.40 -23.45
C SER D 473 21.03 -11.30 -24.59
N PHE D 474 19.93 -10.57 -24.38
CA PHE D 474 18.93 -10.40 -25.43
C PHE D 474 19.53 -9.81 -26.69
N GLU D 475 20.37 -8.77 -26.54
CA GLU D 475 20.97 -8.14 -27.70
C GLU D 475 21.87 -9.11 -28.45
N THR D 476 22.63 -9.92 -27.72
CA THR D 476 23.51 -10.88 -28.36
C THR D 476 22.73 -11.94 -29.13
N GLN D 477 21.68 -12.50 -28.53
CA GLN D 477 20.88 -13.49 -29.24
C GLN D 477 20.15 -12.89 -30.43
N HIS D 478 19.64 -11.67 -30.29
CA HIS D 478 18.96 -11.02 -31.40
C HIS D 478 19.92 -10.75 -32.55
N HIS D 479 21.14 -10.29 -32.24
CA HIS D 479 22.13 -10.08 -33.28
C HIS D 479 22.55 -11.38 -33.93
N HIS D 480 22.60 -12.46 -33.17
CA HIS D 480 22.87 -13.77 -33.75
C HIS D 480 21.77 -14.17 -34.72
N LEU D 481 20.50 -13.90 -34.36
CA LEU D 481 19.40 -14.20 -35.27
C LEU D 481 19.50 -13.38 -36.54
N LEU D 482 19.86 -12.10 -36.43
CA LEU D 482 20.01 -11.26 -37.61
C LEU D 482 21.16 -11.73 -38.49
N HIS D 483 22.26 -12.15 -37.87
CA HIS D 483 23.38 -12.70 -38.64
C HIS D 483 22.97 -14.00 -39.34
N CYS D 484 22.15 -14.82 -38.68
CA CYS D 484 21.63 -16.02 -39.33
C CYS D 484 20.77 -15.66 -40.52
N LEU D 485 19.96 -14.60 -40.40
CA LEU D 485 19.19 -14.14 -41.55
C LEU D 485 20.10 -13.70 -42.69
N GLU D 486 21.17 -12.97 -42.36
CA GLU D 486 22.16 -12.60 -43.36
C GLU D 486 22.70 -13.83 -44.08
N LYS D 487 23.14 -14.83 -43.31
CA LYS D 487 23.70 -16.04 -43.91
C LYS D 487 22.66 -16.79 -44.73
N THR D 488 21.39 -16.70 -44.34
CA THR D 488 20.33 -17.34 -45.12
C THR D 488 20.19 -16.68 -46.48
N THR D 489 20.11 -15.36 -46.51
CA THR D 489 19.88 -14.66 -47.76
C THR D 489 21.17 -14.37 -48.54
N ASN D 490 22.33 -14.69 -47.98
CA ASN D 490 23.63 -14.39 -48.59
C ASN D 490 23.83 -12.90 -48.83
N HIS D 491 22.98 -12.07 -48.23
CA HIS D 491 23.07 -10.62 -48.29
C HIS D 491 23.41 -10.11 -46.90
N GLU D 492 24.03 -8.94 -46.86
CA GLU D 492 24.37 -8.29 -45.60
C GLU D 492 23.69 -6.94 -45.51
N PHE D 493 23.38 -6.53 -44.29
CA PHE D 493 22.87 -5.20 -44.06
C PHE D 493 23.99 -4.17 -44.23
N VAL D 494 23.60 -2.91 -44.41
CA VAL D 494 24.53 -1.80 -44.44
C VAL D 494 23.94 -0.65 -43.64
N ASP D 495 24.84 0.22 -43.16
CA ASP D 495 24.43 1.33 -42.31
C ASP D 495 23.58 2.32 -43.10
N GLU D 496 22.50 2.80 -42.48
CA GLU D 496 21.57 3.69 -43.17
C GLU D 496 22.16 5.08 -43.40
N GLN D 497 23.26 5.43 -42.72
CA GLN D 497 23.86 6.74 -42.88
C GLN D 497 25.37 6.63 -42.99
N PRO E 72 10.81 21.38 24.29
CA PRO E 72 10.25 20.08 24.67
C PRO E 72 11.28 19.19 25.37
N GLU E 73 11.02 18.83 26.63
CA GLU E 73 11.95 18.01 27.38
C GLU E 73 11.99 16.60 26.79
N GLY E 74 13.19 16.03 26.74
CA GLY E 74 13.34 14.71 26.16
C GLY E 74 12.85 13.60 27.07
N LEU E 75 12.85 12.39 26.52
CA LEU E 75 12.41 11.23 27.29
C LEU E 75 13.34 10.95 28.46
N GLU E 76 14.65 11.09 28.26
CA GLU E 76 15.61 10.83 29.33
C GLU E 76 15.49 11.86 30.45
N GLN E 77 15.35 13.13 30.08
CA GLN E 77 15.21 14.17 31.10
C GLN E 77 13.90 14.03 31.87
N LEU E 78 12.81 13.68 31.19
CA LEU E 78 11.57 13.42 31.90
C LEU E 78 11.67 12.19 32.78
N GLN E 79 12.44 11.19 32.35
CA GLN E 79 12.68 10.03 33.20
C GLN E 79 13.41 10.42 34.47
N GLU E 80 14.42 11.28 34.36
CA GLU E 80 15.19 11.67 35.54
C GLU E 80 14.48 12.72 36.39
N GLN E 81 13.47 13.40 35.84
CA GLN E 81 12.74 14.42 36.60
C GLN E 81 11.52 13.81 37.30
N THR E 82 10.66 13.13 36.54
CA THR E 82 9.48 12.52 37.09
C THR E 82 9.82 11.18 37.73
N LYS E 83 8.79 10.49 38.23
CA LYS E 83 8.95 9.17 38.83
C LYS E 83 8.38 8.07 37.95
N PHE E 84 8.14 8.36 36.68
CA PHE E 84 7.63 7.36 35.75
C PHE E 84 8.78 6.68 35.02
N THR E 85 8.53 5.44 34.59
CA THR E 85 9.52 4.70 33.82
C THR E 85 9.47 5.14 32.36
N ARG E 86 10.37 4.60 31.54
CA ARG E 86 10.38 4.94 30.12
C ARG E 86 9.09 4.48 29.43
N LYS E 87 8.63 3.28 29.74
CA LYS E 87 7.40 2.77 29.15
C LYS E 87 6.20 3.63 29.54
N GLU E 88 6.12 3.99 30.83
CA GLU E 88 4.99 4.80 31.29
C GLU E 88 4.98 6.17 30.64
N LEU E 89 6.16 6.80 30.52
CA LEU E 89 6.24 8.09 29.85
C LEU E 89 5.88 7.98 28.38
N GLN E 90 6.29 6.88 27.73
CA GLN E 90 5.94 6.69 26.33
C GLN E 90 4.44 6.53 26.14
N VAL E 91 3.78 5.76 27.02
CA VAL E 91 2.34 5.61 26.93
C VAL E 91 1.63 6.93 27.19
N LEU E 92 2.10 7.68 28.19
CA LEU E 92 1.50 8.98 28.49
C LEU E 92 1.66 9.94 27.33
N TYR E 93 2.84 9.97 26.70
CA TYR E 93 3.05 10.83 25.56
C TYR E 93 2.19 10.41 24.38
N ARG E 94 2.06 9.10 24.16
CA ARG E 94 1.21 8.60 23.10
C ARG E 94 -0.22 9.11 23.27
N GLY E 95 -0.78 8.98 24.47
CA GLY E 95 -2.13 9.47 24.70
C GLY E 95 -2.24 10.98 24.60
N PHE E 96 -1.27 11.69 25.17
CA PHE E 96 -1.29 13.15 25.16
C PHE E 96 -1.26 13.69 23.73
N LYS E 97 -0.40 13.12 22.88
CA LYS E 97 -0.31 13.57 21.51
C LYS E 97 -1.49 13.09 20.68
N ASN E 98 -2.10 11.95 21.06
CA ASN E 98 -3.31 11.53 20.38
C ASN E 98 -4.44 12.53 20.61
N GLU E 99 -4.51 13.11 21.81
CA GLU E 99 -5.50 14.15 22.04
C GLU E 99 -5.02 15.53 21.60
N CYS E 100 -3.73 15.81 21.73
CA CYS E 100 -3.17 17.14 21.41
C CYS E 100 -2.00 16.96 20.46
N PRO E 101 -2.26 16.87 19.15
CA PRO E 101 -1.16 16.61 18.19
C PRO E 101 -0.06 17.65 18.24
N SER E 102 -0.38 18.90 18.57
CA SER E 102 0.63 19.94 18.66
C SER E 102 1.58 19.75 19.83
N GLY E 103 1.25 18.89 20.80
CA GLY E 103 2.08 18.67 21.95
C GLY E 103 1.79 19.54 23.15
N ILE E 104 0.89 20.52 23.01
CA ILE E 104 0.46 21.37 24.11
C ILE E 104 -1.05 21.51 24.03
N VAL E 105 -1.66 21.84 25.18
CA VAL E 105 -3.11 21.99 25.26
C VAL E 105 -3.43 23.32 25.94
N ASN E 106 -4.39 24.05 25.36
CA ASN E 106 -4.86 25.28 25.95
C ASN E 106 -6.05 25.01 26.87
N GLU E 107 -6.55 26.05 27.52
CA GLU E 107 -7.60 25.88 28.52
C GLU E 107 -8.88 25.35 27.91
N GLU E 108 -9.23 25.82 26.72
CA GLU E 108 -10.48 25.38 26.09
C GLU E 108 -10.42 23.92 25.67
N ASN E 109 -9.34 23.51 25.01
CA ASN E 109 -9.20 22.11 24.64
C ASN E 109 -9.07 21.23 25.89
N PHE E 110 -8.44 21.75 26.93
CA PHE E 110 -8.38 21.05 28.20
C PHE E 110 -9.76 20.81 28.78
N LYS E 111 -10.61 21.83 28.75
CA LYS E 111 -11.99 21.68 29.21
C LYS E 111 -12.73 20.66 28.37
N GLN E 112 -12.55 20.71 27.05
CA GLN E 112 -13.23 19.78 26.17
C GLN E 112 -12.81 18.34 26.46
N ILE E 113 -11.52 18.14 26.73
CA ILE E 113 -11.04 16.81 27.10
C ILE E 113 -11.64 16.37 28.44
N TYR E 114 -11.59 17.24 29.45
CA TYR E 114 -11.99 16.85 30.79
C TYR E 114 -13.49 16.65 30.93
N SER E 115 -14.28 17.37 30.13
CA SER E 115 -15.74 17.32 30.29
C SER E 115 -16.29 15.93 29.99
N GLN E 116 -15.72 15.24 29.01
CA GLN E 116 -16.30 13.98 28.59
C GLN E 116 -16.06 12.84 29.56
N PHE E 117 -15.53 13.12 30.76
CA PHE E 117 -15.56 12.15 31.85
C PHE E 117 -16.73 12.35 32.77
N PHE E 118 -17.50 13.42 32.58
CA PHE E 118 -18.59 13.82 33.47
C PHE E 118 -19.82 14.13 32.62
N PRO E 119 -20.52 13.09 32.13
CA PRO E 119 -21.63 13.30 31.21
C PRO E 119 -22.93 13.73 31.87
N GLN E 120 -22.94 14.06 33.16
CA GLN E 120 -24.15 14.48 33.84
C GLN E 120 -23.94 15.74 34.65
N GLY E 121 -22.97 16.56 34.28
CA GLY E 121 -22.69 17.77 35.03
C GLY E 121 -21.85 18.73 34.21
N ASP E 122 -21.47 19.82 34.86
CA ASP E 122 -20.62 20.86 34.26
C ASP E 122 -19.31 20.91 35.02
N SER E 123 -18.23 20.49 34.36
CA SER E 123 -16.92 20.39 34.98
C SER E 123 -16.01 21.57 34.61
N SER E 124 -16.58 22.61 33.99
CA SER E 124 -15.76 23.69 33.42
C SER E 124 -14.98 24.44 34.49
N THR E 125 -15.61 24.74 35.63
CA THR E 125 -14.92 25.50 36.66
C THR E 125 -13.82 24.68 37.33
N TYR E 126 -14.11 23.43 37.66
CA TYR E 126 -13.09 22.56 38.22
C TYR E 126 -11.98 22.32 37.21
N ALA E 127 -12.33 22.21 35.92
CA ALA E 127 -11.32 22.07 34.89
C ALA E 127 -10.43 23.31 34.81
N THR E 128 -11.00 24.50 34.99
CA THR E 128 -10.20 25.71 35.04
C THR E 128 -9.23 25.68 36.22
N PHE E 129 -9.72 25.26 37.38
CA PHE E 129 -8.83 25.13 38.54
C PHE E 129 -7.70 24.16 38.26
N LEU E 130 -8.02 23.01 37.67
CA LEU E 130 -7.00 22.02 37.34
C LEU E 130 -5.99 22.58 36.35
N PHE E 131 -6.47 23.28 35.33
CA PHE E 131 -5.57 23.84 34.31
C PHE E 131 -4.62 24.85 34.93
N ASN E 132 -5.13 25.71 35.82
CA ASN E 132 -4.26 26.66 36.49
C ASN E 132 -3.25 25.96 37.40
N ALA E 133 -3.67 24.90 38.07
CA ALA E 133 -2.76 24.18 38.96
C ALA E 133 -1.67 23.46 38.18
N PHE E 134 -2.02 22.85 37.04
CA PHE E 134 -1.06 22.07 36.27
C PHE E 134 -0.10 22.95 35.51
N ASP E 135 -0.55 24.11 35.04
CA ASP E 135 0.26 24.96 34.17
C ASP E 135 1.09 25.87 35.06
N THR E 136 2.26 25.36 35.49
CA THR E 136 3.02 26.01 36.56
C THR E 136 3.61 27.33 36.10
N ASN E 137 4.13 27.40 34.88
CA ASN E 137 4.80 28.60 34.41
C ASN E 137 3.84 29.66 33.86
N HIS E 138 2.53 29.42 33.92
CA HIS E 138 1.52 30.41 33.58
C HIS E 138 1.70 30.93 32.16
N ASP E 139 1.99 30.01 31.24
CA ASP E 139 2.08 30.29 29.82
C ASP E 139 0.72 30.27 29.12
N GLY E 140 -0.34 29.91 29.83
CA GLY E 140 -1.62 29.68 29.22
C GLY E 140 -1.73 28.36 28.49
N SER E 141 -0.69 27.53 28.56
CA SER E 141 -0.65 26.26 27.88
C SER E 141 -0.05 25.20 28.81
N VAL E 142 -0.66 24.02 28.81
CA VAL E 142 -0.14 22.87 29.53
C VAL E 142 0.60 22.02 28.52
N SER E 143 1.91 21.88 28.70
CA SER E 143 2.72 21.05 27.84
C SER E 143 2.79 19.65 28.44
N PHE E 144 3.42 18.73 27.71
CA PHE E 144 3.62 17.39 28.26
C PHE E 144 4.46 17.42 29.53
N GLU E 145 5.36 18.40 29.63
CA GLU E 145 6.15 18.53 30.85
C GLU E 145 5.29 18.90 32.04
N ASP E 146 4.43 19.93 31.89
CA ASP E 146 3.44 20.23 32.93
C ASP E 146 2.61 19.00 33.28
N PHE E 147 2.16 18.30 32.24
CA PHE E 147 1.28 17.15 32.40
C PHE E 147 1.91 16.07 33.28
N VAL E 148 3.12 15.64 32.92
CA VAL E 148 3.73 14.54 33.67
C VAL E 148 4.30 15.02 34.98
N ALA E 149 4.68 16.29 35.10
CA ALA E 149 5.10 16.79 36.41
C ALA E 149 3.95 16.72 37.41
N GLY E 150 2.78 17.22 37.02
CA GLY E 150 1.63 17.12 37.90
C GLY E 150 1.22 15.69 38.17
N LEU E 151 1.22 14.85 37.12
CA LEU E 151 0.83 13.46 37.30
C LEU E 151 1.82 12.71 38.18
N SER E 152 3.09 13.08 38.13
CA SER E 152 4.09 12.42 38.97
C SER E 152 3.95 12.87 40.42
N VAL E 153 3.67 14.16 40.63
CA VAL E 153 3.45 14.63 42.00
C VAL E 153 2.24 13.94 42.61
N ILE E 154 1.15 13.82 41.86
CA ILE E 154 -0.08 13.27 42.42
C ILE E 154 0.01 11.74 42.54
N LEU E 155 0.31 11.07 41.43
CA LEU E 155 0.22 9.61 41.41
C LEU E 155 1.40 8.95 42.10
N ARG E 156 2.57 9.57 42.06
CA ARG E 156 3.79 8.95 42.56
C ARG E 156 4.37 9.63 43.79
N GLY E 157 3.94 10.84 44.12
CA GLY E 157 4.48 11.53 45.26
C GLY E 157 4.02 10.93 46.58
N THR E 158 4.60 11.44 47.66
CA THR E 158 4.19 11.02 48.99
C THR E 158 2.83 11.63 49.33
N VAL E 159 2.29 11.23 50.48
CA VAL E 159 1.00 11.76 50.90
C VAL E 159 1.10 13.26 51.16
N ASP E 160 2.23 13.70 51.69
CA ASP E 160 2.43 15.13 51.92
C ASP E 160 2.54 15.90 50.61
N ASP E 161 3.15 15.29 49.58
CA ASP E 161 3.20 15.94 48.28
C ASP E 161 1.81 16.13 47.69
N ARG E 162 0.97 15.09 47.77
CA ARG E 162 -0.40 15.20 47.28
C ARG E 162 -1.18 16.22 48.09
N LEU E 163 -0.95 16.25 49.41
CA LEU E 163 -1.68 17.20 50.25
C LEU E 163 -1.28 18.63 49.93
N ASN E 164 0.01 18.86 49.68
CA ASN E 164 0.45 20.18 49.24
C ASN E 164 -0.17 20.56 47.90
N TRP E 165 -0.24 19.60 46.97
CA TRP E 165 -0.85 19.88 45.67
C TRP E 165 -2.32 20.25 45.82
N ALA E 166 -3.06 19.51 46.66
CA ALA E 166 -4.47 19.81 46.88
C ALA E 166 -4.64 21.16 47.58
N PHE E 167 -3.80 21.46 48.56
CA PHE E 167 -3.88 22.75 49.24
C PHE E 167 -3.63 23.89 48.28
N ASN E 168 -2.64 23.73 47.39
CA ASN E 168 -2.39 24.76 46.38
C ASN E 168 -3.57 24.88 45.41
N LEU E 169 -4.24 23.76 45.12
CA LEU E 169 -5.44 23.83 44.30
C LEU E 169 -6.52 24.66 44.99
N TYR E 170 -6.71 24.47 46.29
CA TYR E 170 -7.74 25.21 47.01
C TYR E 170 -7.38 26.68 47.16
N ASP E 171 -6.11 26.97 47.47
CA ASP E 171 -5.66 28.34 47.65
C ASP E 171 -5.58 29.03 46.29
N LEU E 172 -6.65 29.71 45.91
CA LEU E 172 -6.74 30.25 44.55
C LEU E 172 -5.68 31.34 44.31
N ASN E 173 -5.50 32.23 45.28
CA ASN E 173 -4.53 33.30 45.12
C ASN E 173 -3.11 32.87 45.45
N LYS E 174 -2.92 31.64 45.92
CA LYS E 174 -1.61 31.08 46.23
C LYS E 174 -0.89 31.87 47.33
N ASP E 175 -1.65 32.60 48.16
CA ASP E 175 -1.04 33.43 49.18
C ASP E 175 -0.48 32.60 50.33
N GLY E 176 -1.12 31.47 50.63
CA GLY E 176 -0.65 30.60 51.70
C GLY E 176 -1.74 30.22 52.68
N CYS E 177 -2.98 30.56 52.36
CA CYS E 177 -4.11 30.25 53.24
C CYS E 177 -5.35 30.05 52.40
N ILE E 178 -6.31 29.33 52.98
CA ILE E 178 -7.58 29.03 52.33
C ILE E 178 -8.67 29.76 53.10
N THR E 179 -9.33 30.69 52.43
CA THR E 179 -10.46 31.39 53.01
C THR E 179 -11.75 30.66 52.71
N LYS E 180 -12.84 31.12 53.32
CA LYS E 180 -14.12 30.45 53.14
C LYS E 180 -14.68 30.69 51.74
N GLU E 181 -14.41 31.85 51.15
CA GLU E 181 -14.88 32.10 49.79
C GLU E 181 -14.06 31.31 48.76
N GLU E 182 -12.76 31.14 49.03
CA GLU E 182 -11.95 30.29 48.15
C GLU E 182 -12.49 28.86 48.15
N MET E 183 -12.74 28.31 49.33
CA MET E 183 -13.34 26.99 49.44
C MET E 183 -14.74 26.95 48.83
N LEU E 184 -15.48 28.06 48.93
CA LEU E 184 -16.81 28.10 48.31
C LEU E 184 -16.71 27.96 46.79
N ASP E 185 -15.72 28.62 46.18
CA ASP E 185 -15.51 28.45 44.75
C ASP E 185 -15.19 27.00 44.40
N ILE E 186 -14.34 26.35 45.22
CA ILE E 186 -13.96 24.97 44.93
C ILE E 186 -15.17 24.04 45.04
N MET E 187 -15.95 24.18 46.11
CA MET E 187 -17.11 23.30 46.26
C MET E 187 -18.19 23.60 45.23
N LYS E 188 -18.33 24.86 44.81
CA LYS E 188 -19.23 25.15 43.70
C LYS E 188 -18.80 24.42 42.45
N SER E 189 -17.49 24.45 42.16
CA SER E 189 -16.97 23.72 40.99
C SER E 189 -17.22 22.23 41.11
N ILE E 190 -17.03 21.66 42.31
CA ILE E 190 -17.20 20.23 42.49
C ILE E 190 -18.67 19.83 42.35
N TYR E 191 -19.56 20.59 42.98
CA TYR E 191 -20.98 20.30 42.90
C TYR E 191 -21.57 20.55 41.52
N ASP E 192 -20.92 21.39 40.71
CA ASP E 192 -21.35 21.56 39.33
C ASP E 192 -21.26 20.26 38.53
N MET E 193 -20.37 19.35 38.94
CA MET E 193 -20.33 18.05 38.27
C MET E 193 -21.49 17.16 38.66
N MET E 194 -22.06 17.37 39.85
CA MET E 194 -23.18 16.53 40.29
C MET E 194 -24.37 16.66 39.36
N GLY E 195 -24.48 17.78 38.66
CA GLY E 195 -25.60 18.04 37.79
C GLY E 195 -26.76 18.67 38.51
N LYS E 196 -27.72 19.17 37.73
CA LYS E 196 -28.89 19.82 38.27
C LYS E 196 -30.02 18.85 38.60
N TYR E 197 -29.82 17.56 38.35
CA TYR E 197 -30.87 16.56 38.54
C TYR E 197 -30.26 15.41 39.34
N THR E 198 -30.25 15.54 40.66
CA THR E 198 -29.62 14.60 41.57
C THR E 198 -30.65 14.03 42.53
N TYR E 199 -30.20 13.12 43.40
CA TYR E 199 -31.13 12.44 44.29
C TYR E 199 -31.71 13.34 45.38
N PRO E 200 -30.90 13.84 46.34
CA PRO E 200 -31.52 14.55 47.47
C PRO E 200 -32.23 15.83 47.08
N ALA E 201 -31.49 16.78 46.51
CA ALA E 201 -32.01 18.06 46.04
C ALA E 201 -30.84 18.88 45.51
N LEU E 202 -31.17 19.86 44.67
CA LEU E 202 -30.23 20.93 44.33
C LEU E 202 -30.51 22.09 45.27
N ARG E 203 -30.04 21.93 46.52
CA ARG E 203 -30.42 22.83 47.59
C ARG E 203 -29.93 24.26 47.41
N GLU E 204 -29.01 24.49 46.48
CA GLU E 204 -28.41 25.81 46.22
C GLU E 204 -27.66 26.34 47.42
N GLU E 205 -27.50 25.54 48.48
CA GLU E 205 -26.74 25.91 49.65
C GLU E 205 -25.84 24.78 50.14
N ALA E 206 -25.90 23.60 49.52
CA ALA E 206 -25.03 22.51 49.93
C ALA E 206 -23.54 22.86 49.88
N PRO E 207 -23.03 23.56 48.86
CA PRO E 207 -21.62 23.98 48.93
C PRO E 207 -21.30 24.85 50.12
N ARG E 208 -22.22 25.72 50.54
CA ARG E 208 -21.96 26.61 51.67
C ARG E 208 -21.75 25.81 52.96
N GLU E 209 -22.69 24.92 53.27
CA GLU E 209 -22.57 24.11 54.47
C GLU E 209 -21.48 23.05 54.36
N HIS E 210 -21.14 22.61 53.15
CA HIS E 210 -19.99 21.74 52.97
C HIS E 210 -18.69 22.49 53.28
N VAL E 211 -18.59 23.75 52.87
CA VAL E 211 -17.45 24.59 53.26
C VAL E 211 -17.40 24.73 54.76
N GLU E 212 -18.56 24.95 55.39
CA GLU E 212 -18.59 25.04 56.85
C GLU E 212 -18.06 23.77 57.50
N SER E 213 -18.49 22.61 57.02
CA SER E 213 -18.01 21.34 57.58
C SER E 213 -16.51 21.18 57.36
N PHE E 214 -16.04 21.51 56.15
CA PHE E 214 -14.62 21.42 55.85
C PHE E 214 -13.79 22.30 56.77
N PHE E 215 -14.28 23.52 57.04
CA PHE E 215 -13.54 24.42 57.92
C PHE E 215 -13.55 23.93 59.36
N GLN E 216 -14.71 23.49 59.86
CA GLN E 216 -14.78 23.03 61.24
C GLN E 216 -14.02 21.71 61.42
N LYS E 217 -13.72 21.00 60.34
CA LYS E 217 -12.86 19.82 60.44
C LYS E 217 -11.39 20.17 60.30
N MET E 218 -11.03 21.03 59.35
CA MET E 218 -9.64 21.34 59.04
C MET E 218 -9.06 22.41 59.96
N ASP E 219 -9.75 23.55 60.07
CA ASP E 219 -9.25 24.63 60.92
C ASP E 219 -9.24 24.19 62.38
N ARG E 220 -8.18 24.58 63.08
CA ARG E 220 -7.97 24.19 64.47
C ARG E 220 -7.88 25.38 65.42
N ASN E 221 -7.34 26.50 64.97
CA ASN E 221 -7.35 27.71 65.79
C ASN E 221 -8.58 28.57 65.56
N LYS E 222 -9.47 28.16 64.64
CA LYS E 222 -10.74 28.83 64.40
C LYS E 222 -10.54 30.31 64.06
N ASP E 223 -9.51 30.59 63.25
CA ASP E 223 -9.19 31.94 62.84
C ASP E 223 -9.94 32.37 61.59
N GLY E 224 -10.85 31.54 61.08
CA GLY E 224 -11.54 31.85 59.85
C GLY E 224 -10.75 31.54 58.59
N VAL E 225 -9.69 30.75 58.70
CA VAL E 225 -8.82 30.46 57.57
C VAL E 225 -8.12 29.12 57.83
N VAL E 226 -7.66 28.51 56.74
CA VAL E 226 -6.96 27.22 56.80
C VAL E 226 -5.53 27.43 56.36
N THR E 227 -4.59 27.00 57.20
CA THR E 227 -3.17 27.05 56.85
C THR E 227 -2.68 25.64 56.51
N ILE E 228 -1.50 25.57 55.90
CA ILE E 228 -0.96 24.29 55.46
C ILE E 228 -0.71 23.36 56.65
N GLU E 229 -0.31 23.91 57.79
CA GLU E 229 -0.09 23.08 58.97
C GLU E 229 -1.38 22.42 59.43
N GLU E 230 -2.44 23.21 59.58
CA GLU E 230 -3.73 22.65 59.99
C GLU E 230 -4.27 21.68 58.95
N PHE E 231 -4.17 22.03 57.66
CA PHE E 231 -4.59 21.12 56.60
C PHE E 231 -3.90 19.77 56.74
N ILE E 232 -2.57 19.79 56.82
CA ILE E 232 -1.82 18.54 56.95
C ILE E 232 -2.27 17.76 58.18
N GLU E 233 -2.14 18.36 59.37
CA GLU E 233 -2.34 17.58 60.60
C GLU E 233 -3.76 17.07 60.69
N SER E 234 -4.75 17.88 60.27
CA SER E 234 -6.11 17.38 60.22
C SER E 234 -6.27 16.25 59.21
N CYS E 235 -5.51 16.27 58.12
CA CYS E 235 -5.60 15.19 57.14
C CYS E 235 -5.05 13.89 57.70
N GLN E 236 -3.88 13.93 58.34
CA GLN E 236 -3.37 12.71 58.97
C GLN E 236 -4.23 12.25 60.13
N LYS E 237 -5.08 13.12 60.67
CA LYS E 237 -6.00 12.70 61.72
C LYS E 237 -7.33 12.17 61.19
N ASP E 238 -7.40 11.82 59.90
CA ASP E 238 -8.62 11.26 59.31
C ASP E 238 -8.24 9.99 58.55
N GLU E 239 -8.65 8.83 59.08
CA GLU E 239 -8.26 7.56 58.48
C GLU E 239 -8.85 7.40 57.09
N ASN E 240 -10.05 7.91 56.86
CA ASN E 240 -10.68 7.80 55.55
C ASN E 240 -9.87 8.52 54.50
N ILE E 241 -9.29 9.67 54.85
CA ILE E 241 -8.43 10.38 53.91
C ILE E 241 -7.20 9.55 53.57
N MET E 242 -6.60 8.88 54.56
CA MET E 242 -5.48 8.00 54.26
C MET E 242 -5.89 6.88 53.32
N ARG E 243 -7.01 6.21 53.60
CA ARG E 243 -7.45 5.14 52.72
C ARG E 243 -7.61 5.65 51.29
N SER E 244 -8.22 6.83 51.14
CA SER E 244 -8.44 7.41 49.82
C SER E 244 -7.13 7.75 49.13
N MET E 245 -6.16 8.30 49.87
CA MET E 245 -4.87 8.63 49.27
C MET E 245 -4.12 7.37 48.83
N GLN E 246 -3.97 6.39 49.73
CA GLN E 246 -3.18 5.22 49.39
C GLN E 246 -3.82 4.40 48.26
N LEU E 247 -5.14 4.24 48.28
CA LEU E 247 -5.74 3.31 47.33
C LEU E 247 -5.74 3.88 45.91
N PHE E 248 -6.46 5.00 45.71
CA PHE E 248 -6.79 5.42 44.36
C PHE E 248 -5.59 5.96 43.60
N ASP E 249 -4.77 6.77 44.26
CA ASP E 249 -3.67 7.42 43.57
C ASP E 249 -2.42 6.54 43.53
N ASN E 250 -2.50 5.30 44.00
CA ASN E 250 -1.42 4.36 43.85
C ASN E 250 -1.79 3.15 42.99
N VAL E 251 -3.07 2.82 42.86
CA VAL E 251 -3.43 1.70 41.99
C VAL E 251 -3.08 2.02 40.54
N ILE E 252 -3.23 3.28 40.13
CA ILE E 252 -2.91 3.69 38.76
C ILE E 252 -1.61 4.48 38.74
N PRO F 72 27.72 7.05 -18.39
CA PRO F 72 27.84 6.98 -16.93
C PRO F 72 28.74 5.84 -16.48
N GLU F 73 29.84 6.18 -15.80
CA GLU F 73 30.77 5.16 -15.36
C GLU F 73 30.14 4.30 -14.27
N GLY F 74 30.42 3.00 -14.32
CA GLY F 74 29.83 2.09 -13.36
C GLY F 74 30.46 2.17 -11.99
N LEU F 75 29.86 1.44 -11.06
CA LEU F 75 30.39 1.42 -9.69
C LEU F 75 31.77 0.77 -9.64
N GLU F 76 31.97 -0.31 -10.39
CA GLU F 76 33.26 -1.00 -10.37
C GLU F 76 34.36 -0.13 -11.00
N GLN F 77 34.05 0.53 -12.11
CA GLN F 77 35.05 1.39 -12.74
C GLN F 77 35.38 2.59 -11.86
N LEU F 78 34.38 3.18 -11.21
CA LEU F 78 34.66 4.27 -10.29
C LEU F 78 35.46 3.78 -9.08
N GLN F 79 35.22 2.54 -8.65
CA GLN F 79 36.02 1.97 -7.57
C GLN F 79 37.47 1.83 -7.99
N GLU F 80 37.72 1.38 -9.22
CA GLU F 80 39.10 1.21 -9.67
C GLU F 80 39.76 2.51 -10.09
N GLN F 81 38.98 3.56 -10.34
CA GLN F 81 39.56 4.85 -10.72
C GLN F 81 39.82 5.74 -9.52
N THR F 82 38.80 5.95 -8.69
CA THR F 82 38.93 6.78 -7.50
C THR F 82 39.56 5.98 -6.37
N LYS F 83 39.67 6.62 -5.20
CA LYS F 83 40.20 5.98 -4.01
C LYS F 83 39.13 5.70 -2.97
N PHE F 84 37.86 5.76 -3.37
CA PHE F 84 36.76 5.49 -2.47
C PHE F 84 36.36 4.01 -2.54
N THR F 85 35.80 3.52 -1.44
CA THR F 85 35.32 2.15 -1.40
C THR F 85 33.94 2.07 -2.05
N ARG F 86 33.39 0.87 -2.15
CA ARG F 86 32.07 0.70 -2.73
C ARG F 86 30.99 1.39 -1.90
N LYS F 87 31.08 1.26 -0.58
CA LYS F 87 30.11 1.92 0.30
C LYS F 87 30.18 3.42 0.18
N GLU F 88 31.40 3.98 0.14
CA GLU F 88 31.56 5.42 0.06
C GLU F 88 31.02 5.94 -1.26
N LEU F 89 31.31 5.25 -2.36
CA LEU F 89 30.78 5.66 -3.65
C LEU F 89 29.27 5.56 -3.69
N GLN F 90 28.69 4.54 -3.06
CA GLN F 90 27.24 4.41 -3.01
C GLN F 90 26.61 5.55 -2.24
N VAL F 91 27.20 5.92 -1.10
CA VAL F 91 26.67 7.04 -0.32
C VAL F 91 26.79 8.36 -1.10
N LEU F 92 27.93 8.55 -1.76
CA LEU F 92 28.13 9.76 -2.56
C LEU F 92 27.13 9.83 -3.70
N TYR F 93 26.89 8.71 -4.39
CA TYR F 93 25.90 8.69 -5.47
C TYR F 93 24.51 8.94 -4.94
N ARG F 94 24.18 8.35 -3.80
CA ARG F 94 22.88 8.59 -3.18
C ARG F 94 22.65 10.07 -2.95
N GLY F 95 23.61 10.75 -2.34
CA GLY F 95 23.45 12.18 -2.11
C GLY F 95 23.43 12.98 -3.39
N PHE F 96 24.31 12.66 -4.34
CA PHE F 96 24.39 13.39 -5.60
C PHE F 96 23.09 13.30 -6.36
N LYS F 97 22.49 12.10 -6.43
CA LYS F 97 21.23 11.93 -7.14
C LYS F 97 20.06 12.49 -6.35
N ASN F 98 20.17 12.53 -5.01
CA ASN F 98 19.13 13.19 -4.24
C ASN F 98 19.08 14.68 -4.55
N GLU F 99 20.24 15.29 -4.77
CA GLU F 99 20.22 16.70 -5.18
C GLU F 99 20.04 16.87 -6.69
N CYS F 100 20.57 15.96 -7.50
CA CYS F 100 20.52 16.06 -8.96
C CYS F 100 19.94 14.77 -9.52
N PRO F 101 18.62 14.64 -9.61
CA PRO F 101 18.03 13.37 -10.06
C PRO F 101 18.46 12.97 -11.46
N SER F 102 18.76 13.92 -12.33
CA SER F 102 19.22 13.61 -13.68
C SER F 102 20.61 12.98 -13.70
N GLY F 103 21.37 13.06 -12.61
CA GLY F 103 22.71 12.52 -12.55
C GLY F 103 23.81 13.47 -12.95
N ILE F 104 23.47 14.68 -13.41
CA ILE F 104 24.45 15.70 -13.74
C ILE F 104 23.94 17.03 -13.19
N VAL F 105 24.86 17.97 -12.98
CA VAL F 105 24.52 19.27 -12.43
C VAL F 105 25.15 20.36 -13.30
N ASN F 106 24.37 21.39 -13.61
CA ASN F 106 24.87 22.53 -14.36
C ASN F 106 25.37 23.60 -13.39
N GLU F 107 25.91 24.69 -13.95
CA GLU F 107 26.54 25.71 -13.13
C GLU F 107 25.54 26.38 -12.19
N GLU F 108 24.33 26.64 -12.69
CA GLU F 108 23.33 27.33 -11.87
C GLU F 108 22.84 26.47 -10.72
N ASN F 109 22.51 25.21 -10.99
CA ASN F 109 22.12 24.31 -9.91
C ASN F 109 23.28 24.06 -8.96
N PHE F 110 24.50 24.03 -9.47
CA PHE F 110 25.69 23.92 -8.64
C PHE F 110 25.80 25.10 -7.68
N LYS F 111 25.59 26.31 -8.19
CA LYS F 111 25.60 27.50 -7.34
C LYS F 111 24.51 27.43 -6.29
N GLN F 112 23.32 27.00 -6.69
CA GLN F 112 22.21 26.90 -5.74
C GLN F 112 22.52 25.91 -4.63
N ILE F 113 23.16 24.79 -4.98
CA ILE F 113 23.56 23.82 -3.96
C ILE F 113 24.63 24.41 -3.05
N TYR F 114 25.66 25.04 -3.63
CA TYR F 114 26.79 25.49 -2.84
C TYR F 114 26.46 26.68 -1.96
N SER F 115 25.51 27.52 -2.37
CA SER F 115 25.23 28.75 -1.65
C SER F 115 24.69 28.47 -0.25
N GLN F 116 23.88 27.42 -0.11
CA GLN F 116 23.22 27.19 1.17
C GLN F 116 24.15 26.65 2.25
N PHE F 117 25.46 26.62 2.01
CA PHE F 117 26.42 26.42 3.08
C PHE F 117 26.96 27.73 3.62
N PHE F 118 26.61 28.85 3.00
CA PHE F 118 27.17 30.16 3.33
C PHE F 118 26.02 31.15 3.45
N PRO F 119 25.28 31.11 4.56
CA PRO F 119 24.08 31.95 4.69
C PRO F 119 24.34 33.40 5.05
N GLN F 120 25.59 33.86 5.02
CA GLN F 120 25.90 35.25 5.35
C GLN F 120 26.82 35.88 4.31
N GLY F 121 26.81 35.36 3.09
CA GLY F 121 27.68 35.91 2.06
C GLY F 121 27.23 35.48 0.68
N ASP F 122 28.03 35.85 -0.31
CA ASP F 122 27.78 35.51 -1.70
C ASP F 122 28.90 34.60 -2.19
N SER F 123 28.56 33.34 -2.44
CA SER F 123 29.54 32.34 -2.84
C SER F 123 29.54 32.07 -4.34
N SER F 124 28.85 32.91 -5.12
CA SER F 124 28.62 32.62 -6.53
C SER F 124 29.93 32.57 -7.33
N THR F 125 30.83 33.52 -7.08
CA THR F 125 32.07 33.55 -7.84
C THR F 125 32.98 32.38 -7.49
N TYR F 126 33.13 32.09 -6.20
CA TYR F 126 33.91 30.93 -5.80
C TYR F 126 33.26 29.64 -6.29
N ALA F 127 31.93 29.59 -6.30
CA ALA F 127 31.24 28.43 -6.85
C ALA F 127 31.51 28.27 -8.33
N THR F 128 31.59 29.38 -9.08
CA THR F 128 31.95 29.31 -10.49
C THR F 128 33.36 28.75 -10.65
N PHE F 129 34.30 29.23 -9.84
CA PHE F 129 35.65 28.69 -9.89
C PHE F 129 35.66 27.19 -9.61
N LEU F 130 34.93 26.77 -8.59
CA LEU F 130 34.86 25.34 -8.26
C LEU F 130 34.25 24.54 -9.40
N PHE F 131 33.18 25.05 -10.01
CA PHE F 131 32.53 24.34 -11.09
C PHE F 131 33.46 24.18 -12.28
N ASN F 132 34.21 25.24 -12.62
CA ASN F 132 35.17 25.12 -13.71
C ASN F 132 36.28 24.14 -13.37
N ALA F 133 36.74 24.13 -12.11
CA ALA F 133 37.81 23.21 -11.73
C ALA F 133 37.35 21.76 -11.75
N PHE F 134 36.12 21.51 -11.29
CA PHE F 134 35.62 20.14 -11.20
C PHE F 134 35.25 19.57 -12.56
N ASP F 135 34.73 20.41 -13.46
CA ASP F 135 34.21 19.96 -14.73
C ASP F 135 35.37 19.91 -15.73
N THR F 136 36.08 18.78 -15.73
CA THR F 136 37.36 18.70 -16.41
C THR F 136 37.19 18.75 -17.92
N ASN F 137 36.19 18.06 -18.46
CA ASN F 137 36.03 17.99 -19.91
C ASN F 137 35.29 19.18 -20.50
N HIS F 138 34.94 20.18 -19.69
CA HIS F 138 34.37 21.44 -20.16
C HIS F 138 33.11 21.21 -20.99
N ASP F 139 32.26 20.31 -20.50
CA ASP F 139 30.95 20.04 -21.06
C ASP F 139 29.89 21.01 -20.58
N GLY F 140 30.22 21.89 -19.64
CA GLY F 140 29.24 22.71 -18.98
C GLY F 140 28.43 21.99 -17.94
N SER F 141 28.75 20.73 -17.67
CA SER F 141 28.03 19.90 -16.71
C SER F 141 29.03 19.11 -15.89
N VAL F 142 28.77 19.04 -14.59
CA VAL F 142 29.54 18.20 -13.68
C VAL F 142 28.73 16.92 -13.48
N SER F 143 29.29 15.81 -13.92
CA SER F 143 28.66 14.51 -13.72
C SER F 143 29.17 13.90 -12.42
N PHE F 144 28.59 12.75 -12.05
CA PHE F 144 29.08 12.05 -10.88
C PHE F 144 30.54 11.66 -11.02
N GLU F 145 30.98 11.40 -12.26
CA GLU F 145 32.39 11.08 -12.49
C GLU F 145 33.29 12.27 -12.18
N ASP F 146 32.95 13.46 -12.71
CA ASP F 146 33.67 14.68 -12.32
C ASP F 146 33.67 14.85 -10.80
N PHE F 147 32.50 14.65 -10.19
CA PHE F 147 32.31 14.86 -8.77
C PHE F 147 33.27 14.00 -7.95
N VAL F 148 33.26 12.69 -8.19
CA VAL F 148 34.08 11.81 -7.36
C VAL F 148 35.54 11.87 -7.76
N ALA F 149 35.84 12.20 -9.01
CA ALA F 149 37.24 12.40 -9.38
C ALA F 149 37.85 13.55 -8.60
N GLY F 150 37.17 14.70 -8.58
CA GLY F 150 37.65 15.82 -7.79
C GLY F 150 37.68 15.51 -6.31
N LEU F 151 36.64 14.86 -5.79
CA LEU F 151 36.60 14.56 -4.37
C LEU F 151 37.69 13.55 -3.99
N SER F 152 38.05 12.64 -4.90
CA SER F 152 39.10 11.69 -4.62
C SER F 152 40.47 12.35 -4.65
N VAL F 153 40.67 13.27 -5.59
CA VAL F 153 41.94 14.00 -5.62
C VAL F 153 42.12 14.83 -4.36
N ILE F 154 41.06 15.50 -3.91
CA ILE F 154 41.19 16.39 -2.76
C ILE F 154 41.23 15.60 -1.46
N LEU F 155 40.22 14.76 -1.23
CA LEU F 155 40.07 14.12 0.08
C LEU F 155 41.04 12.96 0.26
N ARG F 156 41.40 12.27 -0.83
CA ARG F 156 42.20 11.07 -0.73
C ARG F 156 43.58 11.19 -1.33
N GLY F 157 43.85 12.22 -2.13
CA GLY F 157 45.14 12.37 -2.74
C GLY F 157 46.22 12.77 -1.75
N THR F 158 47.46 12.78 -2.23
CA THR F 158 48.57 13.22 -1.42
C THR F 158 48.53 14.74 -1.26
N VAL F 159 49.44 15.26 -0.43
CA VAL F 159 49.49 16.71 -0.23
C VAL F 159 49.87 17.42 -1.52
N ASP F 160 50.74 16.80 -2.32
CA ASP F 160 51.11 17.39 -3.60
C ASP F 160 49.94 17.37 -4.57
N ASP F 161 49.11 16.34 -4.53
CA ASP F 161 47.92 16.30 -5.38
C ASP F 161 46.96 17.43 -5.03
N ARG F 162 46.72 17.64 -3.74
CA ARG F 162 45.86 18.73 -3.31
C ARG F 162 46.45 20.08 -3.69
N LEU F 163 47.77 20.21 -3.55
CA LEU F 163 48.42 21.48 -3.87
C LEU F 163 48.33 21.77 -5.37
N ASN F 164 48.49 20.75 -6.20
CA ASN F 164 48.30 20.92 -7.64
C ASN F 164 46.86 21.32 -7.95
N TRP F 165 45.89 20.70 -7.27
CA TRP F 165 44.49 21.05 -7.50
C TRP F 165 44.21 22.50 -7.12
N ALA F 166 44.74 22.95 -5.98
CA ALA F 166 44.55 24.33 -5.56
C ALA F 166 45.25 25.30 -6.51
N PHE F 167 46.46 24.96 -6.96
CA PHE F 167 47.17 25.81 -7.90
C PHE F 167 46.40 25.94 -9.20
N ASN F 168 45.84 24.84 -9.70
CA ASN F 168 45.02 24.90 -10.89
C ASN F 168 43.76 25.71 -10.66
N LEU F 169 43.21 25.67 -9.45
CA LEU F 169 42.07 26.52 -9.13
C LEU F 169 42.46 28.00 -9.23
N TYR F 170 43.63 28.35 -8.71
CA TYR F 170 44.04 29.76 -8.75
C TYR F 170 44.41 30.21 -10.15
N ASP F 171 45.09 29.36 -10.91
CA ASP F 171 45.50 29.70 -12.28
C ASP F 171 44.26 29.64 -13.18
N LEU F 172 43.62 30.79 -13.37
CA LEU F 172 42.34 30.82 -14.07
C LEU F 172 42.49 30.41 -15.54
N ASN F 173 43.53 30.92 -16.21
CA ASN F 173 43.74 30.59 -17.60
C ASN F 173 44.46 29.27 -17.81
N LYS F 174 44.87 28.61 -16.73
CA LYS F 174 45.53 27.30 -16.77
C LYS F 174 46.84 27.34 -17.56
N ASP F 175 47.45 28.53 -17.68
CA ASP F 175 48.65 28.66 -18.48
C ASP F 175 49.86 28.05 -17.77
N GLY F 176 49.88 28.09 -16.44
CA GLY F 176 50.99 27.53 -15.70
C GLY F 176 51.58 28.48 -14.66
N CYS F 177 50.92 29.62 -14.47
CA CYS F 177 51.40 30.61 -13.51
C CYS F 177 50.21 31.37 -12.94
N ILE F 178 50.43 31.95 -11.77
CA ILE F 178 49.42 32.72 -11.05
C ILE F 178 49.87 34.17 -11.05
N THR F 179 49.10 35.03 -11.70
CA THR F 179 49.36 36.46 -11.68
C THR F 179 48.63 37.11 -10.51
N LYS F 180 48.92 38.40 -10.29
CA LYS F 180 48.32 39.11 -9.18
C LYS F 180 46.84 39.37 -9.41
N GLU F 181 46.43 39.57 -10.66
CA GLU F 181 45.01 39.77 -10.94
C GLU F 181 44.24 38.47 -10.84
N GLU F 182 44.85 37.35 -11.21
CA GLU F 182 44.21 36.05 -11.02
C GLU F 182 43.95 35.80 -9.54
N MET F 183 44.98 36.02 -8.71
CA MET F 183 44.80 35.89 -7.26
C MET F 183 43.81 36.91 -6.72
N LEU F 184 43.74 38.10 -7.32
CA LEU F 184 42.77 39.09 -6.90
C LEU F 184 41.35 38.59 -7.12
N ASP F 185 41.10 37.95 -8.26
CA ASP F 185 39.78 37.35 -8.51
C ASP F 185 39.45 36.29 -7.46
N ILE F 186 40.45 35.45 -7.12
CA ILE F 186 40.20 34.39 -6.15
C ILE F 186 39.87 34.97 -4.77
N MET F 187 40.67 35.94 -4.31
CA MET F 187 40.41 36.51 -3.00
C MET F 187 39.13 37.34 -2.97
N LYS F 188 38.77 37.98 -4.09
CA LYS F 188 37.47 38.62 -4.16
C LYS F 188 36.35 37.60 -3.98
N SER F 189 36.46 36.45 -4.65
CA SER F 189 35.47 35.40 -4.49
C SER F 189 35.40 34.90 -3.06
N ILE F 190 36.56 34.73 -2.41
CA ILE F 190 36.60 34.22 -1.05
C ILE F 190 36.00 35.22 -0.06
N TYR F 191 36.38 36.50 -0.20
CA TYR F 191 35.86 37.52 0.69
C TYR F 191 34.38 37.83 0.45
N ASP F 192 33.87 37.50 -0.74
CA ASP F 192 32.43 37.64 -0.97
C ASP F 192 31.62 36.74 -0.05
N MET F 193 32.21 35.63 0.43
CA MET F 193 31.50 34.81 1.40
C MET F 193 31.47 35.44 2.79
N MET F 194 32.44 36.29 3.10
CA MET F 194 32.47 36.92 4.42
C MET F 194 31.24 37.77 4.66
N GLY F 195 30.61 38.25 3.60
CA GLY F 195 29.46 39.12 3.70
C GLY F 195 29.84 40.57 3.82
N LYS F 196 28.85 41.43 3.67
CA LYS F 196 29.05 42.88 3.74
C LYS F 196 28.96 43.42 5.16
N TYR F 197 28.70 42.56 6.15
CA TYR F 197 28.51 42.99 7.53
C TYR F 197 29.37 42.10 8.42
N THR F 198 30.64 42.46 8.55
CA THR F 198 31.64 41.67 9.27
C THR F 198 32.21 42.49 10.43
N TYR F 199 33.11 41.86 11.19
CA TYR F 199 33.63 42.52 12.39
C TYR F 199 34.55 43.69 12.08
N PRO F 200 35.76 43.48 11.47
CA PRO F 200 36.69 44.61 11.36
C PRO F 200 36.17 45.74 10.49
N ALA F 201 35.93 45.45 9.21
CA ALA F 201 35.40 46.41 8.26
C ALA F 201 35.30 45.72 6.90
N LEU F 202 34.47 46.28 6.02
CA LEU F 202 34.49 45.93 4.60
C LEU F 202 35.39 46.96 3.91
N ARG F 203 36.70 46.77 4.09
CA ARG F 203 37.68 47.78 3.71
C ARG F 203 37.73 48.03 2.20
N GLU F 204 37.13 47.15 1.39
CA GLU F 204 37.16 47.23 -0.07
C GLU F 204 38.57 47.14 -0.64
N GLU F 205 39.56 46.86 0.20
CA GLU F 205 40.94 46.67 -0.22
C GLU F 205 41.59 45.47 0.44
N ALA F 206 40.91 44.80 1.37
CA ALA F 206 41.48 43.62 2.01
C ALA F 206 41.90 42.54 1.02
N PRO F 207 41.13 42.21 -0.02
CA PRO F 207 41.64 41.25 -1.01
C PRO F 207 42.94 41.69 -1.67
N ARG F 208 43.11 42.98 -1.93
CA ARG F 208 44.33 43.47 -2.58
C ARG F 208 45.56 43.19 -1.73
N GLU F 209 45.52 43.61 -0.47
CA GLU F 209 46.64 43.39 0.43
C GLU F 209 46.80 41.93 0.83
N HIS F 210 45.71 41.15 0.81
CA HIS F 210 45.84 39.71 1.01
C HIS F 210 46.57 39.06 -0.16
N VAL F 211 46.28 39.51 -1.39
CA VAL F 211 47.05 39.05 -2.54
C VAL F 211 48.52 39.42 -2.40
N GLU F 212 48.78 40.64 -1.93
CA GLU F 212 50.16 41.06 -1.70
C GLU F 212 50.86 40.13 -0.72
N SER F 213 50.21 39.82 0.40
CA SER F 213 50.79 38.92 1.40
C SER F 213 51.01 37.53 0.81
N PHE F 214 50.04 37.02 0.07
CA PHE F 214 50.16 35.71 -0.56
C PHE F 214 51.34 35.66 -1.51
N PHE F 215 51.54 36.73 -2.29
CA PHE F 215 52.64 36.75 -3.23
C PHE F 215 53.98 36.84 -2.51
N GLN F 216 54.08 37.73 -1.51
CA GLN F 216 55.35 37.86 -0.80
C GLN F 216 55.67 36.63 0.05
N LYS F 217 54.68 35.79 0.32
CA LYS F 217 54.96 34.51 0.96
C LYS F 217 55.29 33.40 -0.02
N MET F 218 54.55 33.30 -1.12
CA MET F 218 54.68 32.23 -2.10
C MET F 218 55.79 32.48 -3.10
N ASP F 219 55.78 33.63 -3.76
CA ASP F 219 56.80 33.94 -4.74
C ASP F 219 58.17 34.05 -4.08
N ARG F 220 59.18 33.51 -4.75
CA ARG F 220 60.54 33.47 -4.23
C ARG F 220 61.55 34.19 -5.11
N ASN F 221 61.36 34.19 -6.42
CA ASN F 221 62.21 34.97 -7.31
C ASN F 221 61.68 36.38 -7.53
N LYS F 222 60.51 36.72 -6.97
CA LYS F 222 59.95 38.06 -7.03
C LYS F 222 59.78 38.53 -8.48
N ASP F 223 59.33 37.62 -9.33
CA ASP F 223 59.13 37.93 -10.74
C ASP F 223 57.74 38.48 -11.03
N GLY F 224 56.93 38.72 -10.00
CA GLY F 224 55.57 39.17 -10.20
C GLY F 224 54.60 38.06 -10.55
N VAL F 225 54.96 36.80 -10.32
CA VAL F 225 54.13 35.67 -10.68
C VAL F 225 54.49 34.49 -9.79
N VAL F 226 53.55 33.55 -9.68
CA VAL F 226 53.73 32.35 -8.87
C VAL F 226 53.76 31.14 -9.79
N THR F 227 54.82 30.33 -9.68
CA THR F 227 54.91 29.09 -10.42
C THR F 227 54.64 27.90 -9.49
N ILE F 228 54.42 26.73 -10.10
CA ILE F 228 54.07 25.55 -9.30
C ILE F 228 55.21 25.16 -8.37
N GLU F 229 56.45 25.36 -8.80
CA GLU F 229 57.59 25.04 -7.94
C GLU F 229 57.59 25.90 -6.69
N GLU F 230 57.48 27.23 -6.86
CA GLU F 230 57.44 28.12 -5.72
C GLU F 230 56.22 27.85 -4.84
N PHE F 231 55.05 27.64 -5.44
CA PHE F 231 53.86 27.31 -4.69
C PHE F 231 54.10 26.10 -3.79
N ILE F 232 54.59 25.01 -4.39
CA ILE F 232 54.85 23.79 -3.63
C ILE F 232 55.83 24.08 -2.49
N GLU F 233 57.04 24.52 -2.83
CA GLU F 233 58.10 24.60 -1.82
C GLU F 233 57.73 25.58 -0.71
N SER F 234 57.09 26.69 -1.05
CA SER F 234 56.60 27.59 -0.02
C SER F 234 55.52 26.93 0.84
N CYS F 235 54.70 26.06 0.25
CA CYS F 235 53.67 25.37 1.03
C CYS F 235 54.29 24.40 2.03
N GLN F 236 55.26 23.58 1.59
CA GLN F 236 55.93 22.69 2.55
C GLN F 236 56.75 23.46 3.57
N LYS F 237 57.07 24.72 3.31
CA LYS F 237 57.75 25.54 4.31
C LYS F 237 56.82 26.27 5.26
N ASP F 238 55.55 25.87 5.34
CA ASP F 238 54.58 26.47 6.25
C ASP F 238 53.89 25.36 7.02
N GLU F 239 54.19 25.26 8.33
CA GLU F 239 53.67 24.17 9.14
C GLU F 239 52.15 24.25 9.26
N ASN F 240 51.61 25.48 9.31
CA ASN F 240 50.17 25.64 9.44
C ASN F 240 49.45 25.07 8.23
N ILE F 241 50.03 25.23 7.04
CA ILE F 241 49.44 24.64 5.84
C ILE F 241 49.43 23.12 5.94
N MET F 242 50.51 22.52 6.45
CA MET F 242 50.51 21.07 6.66
C MET F 242 49.41 20.66 7.62
N ARG F 243 49.30 21.34 8.76
CA ARG F 243 48.26 20.97 9.71
C ARG F 243 46.89 21.03 9.04
N SER F 244 46.64 22.09 8.29
CA SER F 244 45.35 22.26 7.60
C SER F 244 45.11 21.16 6.58
N MET F 245 46.14 20.78 5.81
CA MET F 245 45.97 19.72 4.82
C MET F 245 45.70 18.38 5.49
N GLN F 246 46.54 17.98 6.45
CA GLN F 246 46.37 16.66 7.04
C GLN F 246 45.06 16.53 7.81
N LEU F 247 44.66 17.57 8.55
CA LEU F 247 43.52 17.40 9.44
C LEU F 247 42.21 17.35 8.67
N PHE F 248 41.88 18.45 7.97
CA PHE F 248 40.52 18.64 7.49
C PHE F 248 40.19 17.72 6.32
N ASP F 249 41.12 17.58 5.37
CA ASP F 249 40.84 16.80 4.18
C ASP F 249 41.11 15.32 4.36
N ASN F 250 41.46 14.89 5.58
CA ASN F 250 41.57 13.47 5.87
C ASN F 250 40.57 12.99 6.92
N VAL F 251 40.03 13.88 7.75
CA VAL F 251 39.02 13.43 8.72
C VAL F 251 37.76 12.97 7.98
N ILE F 252 37.41 13.61 6.88
CA ILE F 252 36.24 13.23 6.11
C ILE F 252 36.66 12.52 4.82
N PRO G 72 -8.66 -24.01 -22.45
CA PRO G 72 -7.24 -23.83 -22.13
C PRO G 72 -6.63 -25.04 -21.46
N GLU G 73 -5.63 -25.64 -22.10
CA GLU G 73 -5.01 -26.84 -21.55
C GLU G 73 -4.23 -26.49 -20.28
N GLY G 74 -4.29 -27.37 -19.30
CA GLY G 74 -3.62 -27.10 -18.03
C GLY G 74 -2.13 -27.30 -18.10
N LEU G 75 -1.47 -26.94 -17.00
CA LEU G 75 -0.01 -27.08 -16.93
C LEU G 75 0.39 -28.55 -16.98
N GLU G 76 -0.35 -29.43 -16.29
CA GLU G 76 0.00 -30.84 -16.28
C GLU G 76 -0.20 -31.48 -17.65
N GLN G 77 -1.30 -31.15 -18.32
CA GLN G 77 -1.53 -31.69 -19.66
C GLN G 77 -0.51 -31.19 -20.66
N LEU G 78 -0.14 -29.91 -20.58
CA LEU G 78 0.91 -29.41 -21.46
C LEU G 78 2.25 -30.05 -21.13
N GLN G 79 2.49 -30.36 -19.87
CA GLN G 79 3.72 -31.08 -19.50
C GLN G 79 3.75 -32.46 -20.13
N GLU G 80 2.61 -33.17 -20.11
CA GLU G 80 2.59 -34.52 -20.67
C GLU G 80 2.47 -34.52 -22.19
N GLN G 81 2.09 -33.41 -22.81
CA GLN G 81 1.99 -33.35 -24.26
C GLN G 81 3.29 -32.85 -24.89
N THR G 82 3.79 -31.71 -24.44
CA THR G 82 5.02 -31.15 -24.97
C THR G 82 6.23 -31.82 -24.32
N LYS G 83 7.42 -31.34 -24.68
CA LYS G 83 8.66 -31.84 -24.11
C LYS G 83 9.31 -30.83 -23.16
N PHE G 84 8.56 -29.83 -22.72
CA PHE G 84 9.07 -28.83 -21.81
C PHE G 84 8.77 -29.23 -20.37
N THR G 85 9.60 -28.77 -19.45
CA THR G 85 9.40 -29.02 -18.03
C THR G 85 8.37 -28.04 -17.48
N ARG G 86 8.01 -28.19 -16.21
CA ARG G 86 7.05 -27.30 -15.59
C ARG G 86 7.57 -25.87 -15.54
N LYS G 87 8.85 -25.70 -15.18
CA LYS G 87 9.44 -24.37 -15.12
C LYS G 87 9.46 -23.72 -16.50
N GLU G 88 9.84 -24.48 -17.52
CA GLU G 88 9.92 -23.92 -18.87
C GLU G 88 8.54 -23.51 -19.36
N LEU G 89 7.52 -24.34 -19.12
CA LEU G 89 6.17 -23.98 -19.51
C LEU G 89 5.68 -22.76 -18.74
N GLN G 90 6.03 -22.65 -17.47
CA GLN G 90 5.63 -21.48 -16.69
C GLN G 90 6.27 -20.21 -17.23
N VAL G 91 7.55 -20.26 -17.59
CA VAL G 91 8.22 -19.09 -18.16
C VAL G 91 7.62 -18.73 -19.51
N LEU G 92 7.35 -19.74 -20.33
CA LEU G 92 6.74 -19.49 -21.63
C LEU G 92 5.36 -18.87 -21.49
N TYR G 93 4.55 -19.36 -20.55
CA TYR G 93 3.23 -18.79 -20.32
C TYR G 93 3.33 -17.38 -19.80
N ARG G 94 4.28 -17.13 -18.90
CA ARG G 94 4.49 -15.78 -18.39
C ARG G 94 4.76 -14.81 -19.52
N GLY G 95 5.68 -15.16 -20.42
CA GLY G 95 5.96 -14.27 -21.54
C GLY G 95 4.80 -14.13 -22.49
N PHE G 96 4.14 -15.25 -22.80
CA PHE G 96 3.01 -15.24 -23.74
C PHE G 96 1.89 -14.35 -23.24
N LYS G 97 1.56 -14.45 -21.94
CA LYS G 97 0.50 -13.64 -21.37
C LYS G 97 0.94 -12.20 -21.17
N ASN G 98 2.24 -11.97 -20.98
CA ASN G 98 2.72 -10.60 -20.91
C ASN G 98 2.53 -9.89 -22.25
N GLU G 99 2.70 -10.62 -23.35
CA GLU G 99 2.42 -10.01 -24.65
C GLU G 99 0.95 -10.11 -25.04
N CYS G 100 0.26 -11.18 -24.65
CA CYS G 100 -1.13 -11.41 -25.03
C CYS G 100 -1.94 -11.70 -23.77
N PRO G 101 -2.42 -10.66 -23.08
CA PRO G 101 -3.13 -10.88 -21.80
C PRO G 101 -4.36 -11.77 -21.94
N SER G 102 -5.03 -11.74 -23.09
CA SER G 102 -6.20 -12.58 -23.31
C SER G 102 -5.85 -14.07 -23.41
N GLY G 103 -4.58 -14.42 -23.58
CA GLY G 103 -4.17 -15.80 -23.70
C GLY G 103 -4.14 -16.35 -25.11
N ILE G 104 -4.60 -15.58 -26.10
CA ILE G 104 -4.53 -15.96 -27.50
C ILE G 104 -4.07 -14.76 -28.31
N VAL G 105 -3.52 -15.03 -29.49
CA VAL G 105 -3.00 -13.98 -30.35
C VAL G 105 -3.54 -14.17 -31.75
N ASN G 106 -4.01 -13.08 -32.37
CA ASN G 106 -4.48 -13.10 -33.74
C ASN G 106 -3.32 -12.78 -34.68
N GLU G 107 -3.61 -12.82 -35.99
CA GLU G 107 -2.56 -12.67 -36.99
C GLU G 107 -1.92 -11.29 -36.92
N GLU G 108 -2.73 -10.25 -36.71
CA GLU G 108 -2.20 -8.89 -36.69
C GLU G 108 -1.31 -8.65 -35.47
N ASN G 109 -1.77 -9.05 -34.28
CA ASN G 109 -0.92 -8.92 -33.10
C ASN G 109 0.31 -9.80 -33.21
N PHE G 110 0.18 -10.96 -33.85
CA PHE G 110 1.32 -11.83 -34.10
C PHE G 110 2.35 -11.14 -34.98
N LYS G 111 1.90 -10.47 -36.04
CA LYS G 111 2.80 -9.72 -36.90
C LYS G 111 3.47 -8.59 -36.12
N GLN G 112 2.71 -7.88 -35.29
CA GLN G 112 3.27 -6.78 -34.52
C GLN G 112 4.34 -7.29 -33.56
N ILE G 113 4.12 -8.46 -32.95
CA ILE G 113 5.13 -9.05 -32.07
C ILE G 113 6.36 -9.45 -32.88
N TYR G 114 6.17 -10.13 -34.00
CA TYR G 114 7.29 -10.69 -34.73
C TYR G 114 8.12 -9.63 -35.44
N SER G 115 7.51 -8.51 -35.82
CA SER G 115 8.21 -7.50 -36.61
C SER G 115 9.35 -6.87 -35.83
N GLN G 116 9.17 -6.68 -34.52
CA GLN G 116 10.17 -5.95 -33.75
C GLN G 116 11.43 -6.76 -33.48
N PHE G 117 11.58 -7.93 -34.10
CA PHE G 117 12.88 -8.59 -34.13
C PHE G 117 13.66 -8.29 -35.40
N PHE G 118 13.06 -7.58 -36.34
CA PHE G 118 13.63 -7.33 -37.66
C PHE G 118 13.48 -5.84 -37.98
N PRO G 119 14.31 -5.00 -37.37
CA PRO G 119 14.14 -3.55 -37.53
C PRO G 119 14.67 -2.97 -38.83
N GLN G 120 15.05 -3.81 -39.79
CA GLN G 120 15.56 -3.32 -41.07
C GLN G 120 14.90 -4.01 -42.25
N GLY G 121 13.69 -4.52 -42.07
CA GLY G 121 13.02 -5.22 -43.14
C GLY G 121 11.54 -5.36 -42.85
N ASP G 122 10.86 -6.07 -43.74
CA ASP G 122 9.43 -6.34 -43.64
C ASP G 122 9.23 -7.83 -43.45
N SER G 123 8.80 -8.23 -42.26
CA SER G 123 8.63 -9.64 -41.91
C SER G 123 7.18 -10.10 -42.00
N SER G 124 6.30 -9.28 -42.58
CA SER G 124 4.87 -9.54 -42.52
C SER G 124 4.50 -10.84 -43.25
N THR G 125 5.08 -11.08 -44.42
CA THR G 125 4.72 -12.28 -45.18
C THR G 125 5.24 -13.54 -44.48
N TYR G 126 6.49 -13.52 -44.03
CA TYR G 126 7.01 -14.66 -43.29
C TYR G 126 6.24 -14.86 -41.99
N ALA G 127 5.84 -13.77 -41.34
CA ALA G 127 5.02 -13.89 -40.14
C ALA G 127 3.68 -14.52 -40.45
N THR G 128 3.08 -14.20 -41.59
CA THR G 128 1.84 -14.86 -42.00
C THR G 128 2.05 -16.36 -42.18
N PHE G 129 3.16 -16.73 -42.84
CA PHE G 129 3.46 -18.15 -43.00
C PHE G 129 3.61 -18.83 -41.65
N LEU G 130 4.33 -18.19 -40.72
CA LEU G 130 4.52 -18.75 -39.40
C LEU G 130 3.19 -18.89 -38.66
N PHE G 131 2.34 -17.88 -38.75
CA PHE G 131 1.05 -17.93 -38.07
C PHE G 131 0.19 -19.06 -38.60
N ASN G 132 0.17 -19.24 -39.92
CA ASN G 132 -0.59 -20.36 -40.49
C ASN G 132 -0.01 -21.70 -40.08
N ALA G 133 1.33 -21.80 -40.00
CA ALA G 133 1.93 -23.07 -39.61
C ALA G 133 1.67 -23.39 -38.15
N PHE G 134 1.71 -22.39 -37.28
CA PHE G 134 1.55 -22.62 -35.84
C PHE G 134 0.10 -22.87 -35.47
N ASP G 135 -0.84 -22.24 -36.16
CA ASP G 135 -2.25 -22.31 -35.80
C ASP G 135 -2.85 -23.53 -36.49
N THR G 136 -2.72 -24.68 -35.83
CA THR G 136 -3.01 -25.96 -36.48
C THR G 136 -4.49 -26.13 -36.78
N ASN G 137 -5.35 -25.75 -35.84
CA ASN G 137 -6.78 -25.97 -36.00
C ASN G 137 -7.47 -24.89 -36.82
N HIS G 138 -6.72 -23.93 -37.36
CA HIS G 138 -7.24 -22.93 -38.30
C HIS G 138 -8.43 -22.16 -37.71
N ASP G 139 -8.29 -21.79 -36.45
CA ASP G 139 -9.24 -20.94 -35.74
C ASP G 139 -9.02 -19.46 -36.01
N GLY G 140 -7.95 -19.10 -36.72
CA GLY G 140 -7.56 -17.72 -36.85
C GLY G 140 -6.87 -17.17 -35.63
N SER G 141 -6.61 -18.00 -34.62
CA SER G 141 -5.98 -17.58 -33.39
C SER G 141 -4.96 -18.63 -32.96
N VAL G 142 -3.80 -18.15 -32.52
CA VAL G 142 -2.77 -19.00 -31.94
C VAL G 142 -2.92 -18.91 -30.43
N SER G 143 -3.26 -20.03 -29.81
CA SER G 143 -3.37 -20.10 -28.36
C SER G 143 -2.01 -20.52 -27.78
N PHE G 144 -1.92 -20.53 -26.45
CA PHE G 144 -0.71 -21.02 -25.81
C PHE G 144 -0.45 -22.47 -26.16
N GLU G 145 -1.51 -23.25 -26.40
CA GLU G 145 -1.34 -24.64 -26.81
C GLU G 145 -0.69 -24.74 -28.17
N ASP G 146 -1.19 -24.00 -29.17
CA ASP G 146 -0.52 -23.91 -30.46
C ASP G 146 0.94 -23.49 -30.29
N PHE G 147 1.15 -22.47 -29.47
CA PHE G 147 2.48 -21.89 -29.26
C PHE G 147 3.47 -22.94 -28.78
N VAL G 148 3.13 -23.63 -27.69
CA VAL G 148 4.10 -24.55 -27.12
C VAL G 148 4.16 -25.85 -27.91
N ALA G 149 3.08 -26.22 -28.60
CA ALA G 149 3.17 -27.39 -29.48
C ALA G 149 4.18 -27.15 -30.59
N GLY G 150 4.08 -26.01 -31.27
CA GLY G 150 5.07 -25.69 -32.29
C GLY G 150 6.46 -25.54 -31.73
N LEU G 151 6.59 -24.86 -30.58
CA LEU G 151 7.92 -24.67 -30.00
C LEU G 151 8.52 -25.99 -29.54
N SER G 152 7.69 -26.94 -29.11
CA SER G 152 8.20 -28.23 -28.69
C SER G 152 8.63 -29.05 -29.89
N VAL G 153 7.86 -29.00 -30.98
CA VAL G 153 8.26 -29.71 -32.19
C VAL G 153 9.58 -29.16 -32.72
N ILE G 154 9.75 -27.84 -32.74
CA ILE G 154 10.95 -27.26 -33.32
C ILE G 154 12.14 -27.39 -32.38
N LEU G 155 12.00 -26.91 -31.14
CA LEU G 155 13.15 -26.81 -30.25
C LEU G 155 13.51 -28.15 -29.64
N ARG G 156 12.53 -29.03 -29.43
CA ARG G 156 12.78 -30.28 -28.72
C ARG G 156 12.62 -31.52 -29.58
N GLY G 157 12.02 -31.41 -30.77
CA GLY G 157 11.83 -32.56 -31.62
C GLY G 157 13.12 -33.05 -32.23
N THR G 158 13.04 -34.19 -32.90
CA THR G 158 14.18 -34.73 -33.62
C THR G 158 14.43 -33.92 -34.88
N VAL G 159 15.52 -34.24 -35.57
CA VAL G 159 15.85 -33.52 -36.81
C VAL G 159 14.80 -33.78 -37.86
N ASP G 160 14.24 -35.00 -37.89
CA ASP G 160 13.18 -35.31 -38.84
C ASP G 160 11.90 -34.55 -38.50
N ASP G 161 11.61 -34.35 -37.21
CA ASP G 161 10.45 -33.56 -36.83
C ASP G 161 10.58 -32.12 -37.31
N ARG G 162 11.76 -31.52 -37.11
CA ARG G 162 11.99 -30.16 -37.57
C ARG G 162 11.92 -30.09 -39.09
N LEU G 163 12.46 -31.10 -39.77
CA LEU G 163 12.43 -31.09 -41.23
C LEU G 163 11.01 -31.21 -41.76
N ASN G 164 10.19 -32.04 -41.11
CA ASN G 164 8.78 -32.10 -41.49
C ASN G 164 8.09 -30.77 -41.24
N TRP G 165 8.39 -30.11 -40.12
CA TRP G 165 7.79 -28.81 -39.84
C TRP G 165 8.17 -27.79 -40.91
N ALA G 166 9.45 -27.76 -41.29
CA ALA G 166 9.90 -26.82 -42.31
C ALA G 166 9.28 -27.13 -43.67
N PHE G 167 9.19 -28.42 -44.02
CA PHE G 167 8.56 -28.81 -45.28
C PHE G 167 7.11 -28.39 -45.31
N ASN G 168 6.39 -28.57 -44.21
CA ASN G 168 5.01 -28.12 -44.14
C ASN G 168 4.91 -26.60 -44.24
N LEU G 169 5.90 -25.89 -43.69
CA LEU G 169 5.93 -24.44 -43.86
C LEU G 169 6.07 -24.06 -45.33
N TYR G 170 6.93 -24.76 -46.06
CA TYR G 170 7.13 -24.43 -47.46
C TYR G 170 5.93 -24.83 -48.32
N ASP G 171 5.35 -25.99 -48.05
CA ASP G 171 4.20 -26.47 -48.81
C ASP G 171 2.97 -25.66 -48.40
N LEU G 172 2.69 -24.59 -49.15
CA LEU G 172 1.64 -23.66 -48.74
C LEU G 172 0.27 -24.32 -48.77
N ASN G 173 -0.03 -25.09 -49.82
CA ASN G 173 -1.33 -25.74 -49.93
C ASN G 173 -1.41 -27.05 -49.14
N LYS G 174 -0.30 -27.47 -48.52
CA LYS G 174 -0.25 -28.69 -47.70
C LYS G 174 -0.61 -29.94 -48.50
N ASP G 175 -0.45 -29.89 -49.81
CA ASP G 175 -0.84 -31.02 -50.65
C ASP G 175 0.15 -32.18 -50.52
N GLY G 176 1.42 -31.88 -50.28
CA GLY G 176 2.41 -32.92 -50.13
C GLY G 176 3.65 -32.71 -51.00
N CYS G 177 3.73 -31.56 -51.66
CA CYS G 177 4.85 -31.26 -52.53
C CYS G 177 5.11 -29.76 -52.53
N ILE G 178 6.33 -29.40 -52.88
CA ILE G 178 6.77 -28.01 -52.94
C ILE G 178 7.02 -27.68 -54.40
N THR G 179 6.23 -26.74 -54.94
CA THR G 179 6.44 -26.25 -56.30
C THR G 179 7.39 -25.06 -56.29
N LYS G 180 7.78 -24.63 -57.49
CA LYS G 180 8.72 -23.52 -57.60
C LYS G 180 8.07 -22.20 -57.20
N GLU G 181 6.78 -22.04 -57.46
CA GLU G 181 6.10 -20.81 -57.05
C GLU G 181 5.87 -20.78 -55.54
N GLU G 182 5.61 -21.92 -54.93
CA GLU G 182 5.50 -21.98 -53.48
C GLU G 182 6.81 -21.56 -52.83
N MET G 183 7.93 -22.12 -53.31
CA MET G 183 9.24 -21.71 -52.82
C MET G 183 9.54 -20.26 -53.14
N LEU G 184 9.04 -19.75 -54.26
CA LEU G 184 9.23 -18.34 -54.59
C LEU G 184 8.55 -17.46 -53.56
N ASP G 185 7.34 -17.82 -53.14
CA ASP G 185 6.68 -17.06 -52.08
C ASP G 185 7.49 -17.07 -50.80
N ILE G 186 8.04 -18.23 -50.44
CA ILE G 186 8.83 -18.33 -49.19
C ILE G 186 10.08 -17.47 -49.27
N MET G 187 10.82 -17.56 -50.36
CA MET G 187 12.04 -16.75 -50.47
C MET G 187 11.74 -15.28 -50.61
N LYS G 188 10.62 -14.90 -51.23
CA LYS G 188 10.22 -13.50 -51.22
C LYS G 188 9.99 -13.03 -49.79
N SER G 189 9.29 -13.83 -48.99
CA SER G 189 9.06 -13.48 -47.60
C SER G 189 10.38 -13.35 -46.82
N ILE G 190 11.32 -14.27 -47.07
CA ILE G 190 12.58 -14.24 -46.34
C ILE G 190 13.41 -13.04 -46.74
N TYR G 191 13.50 -12.75 -48.05
CA TYR G 191 14.27 -11.61 -48.53
C TYR G 191 13.62 -10.28 -48.16
N ASP G 192 12.31 -10.26 -47.89
CA ASP G 192 11.68 -9.04 -47.43
C ASP G 192 12.26 -8.59 -46.08
N MET G 193 12.79 -9.52 -45.29
CA MET G 193 13.44 -9.12 -44.05
C MET G 193 14.79 -8.47 -44.29
N MET G 194 15.45 -8.80 -45.40
CA MET G 194 16.77 -8.23 -45.67
C MET G 194 16.70 -6.71 -45.81
N GLY G 195 15.52 -6.19 -46.18
CA GLY G 195 15.35 -4.77 -46.38
C GLY G 195 15.70 -4.35 -47.78
N LYS G 196 15.32 -3.12 -48.12
CA LYS G 196 15.56 -2.57 -49.45
C LYS G 196 16.93 -1.91 -49.58
N TYR G 197 17.72 -1.89 -48.51
CA TYR G 197 19.01 -1.21 -48.50
C TYR G 197 20.05 -2.18 -47.93
N THR G 198 20.59 -3.04 -48.79
CA THR G 198 21.50 -4.10 -48.40
C THR G 198 22.83 -3.92 -49.12
N TYR G 199 23.78 -4.82 -48.83
CA TYR G 199 25.12 -4.67 -49.36
C TYR G 199 25.20 -4.94 -50.87
N PRO G 200 24.96 -6.18 -51.36
CA PRO G 200 25.22 -6.44 -52.78
C PRO G 200 24.32 -5.64 -53.72
N ALA G 201 23.02 -5.86 -53.63
CA ALA G 201 22.02 -5.16 -54.42
C ALA G 201 20.64 -5.73 -54.06
N LEU G 202 19.61 -4.95 -54.35
CA LEU G 202 18.24 -5.45 -54.37
C LEU G 202 17.93 -5.85 -55.80
N ARG G 203 18.46 -7.00 -56.19
CA ARG G 203 18.48 -7.42 -57.59
C ARG G 203 17.08 -7.68 -58.15
N GLU G 204 16.06 -7.79 -57.30
CA GLU G 204 14.69 -8.09 -57.68
C GLU G 204 14.56 -9.46 -58.35
N GLU G 205 15.64 -10.24 -58.38
CA GLU G 205 15.62 -11.59 -58.93
C GLU G 205 16.35 -12.58 -58.05
N ALA G 206 16.98 -12.12 -56.96
CA ALA G 206 17.68 -13.05 -56.06
C ALA G 206 16.77 -14.15 -55.52
N PRO G 207 15.52 -13.89 -55.11
CA PRO G 207 14.66 -15.03 -54.72
C PRO G 207 14.46 -16.05 -55.82
N ARG G 208 14.36 -15.62 -57.08
CA ARG G 208 14.14 -16.56 -58.18
C ARG G 208 15.30 -17.53 -58.32
N GLU G 209 16.53 -17.00 -58.40
CA GLU G 209 17.69 -17.86 -58.52
C GLU G 209 18.00 -18.62 -57.23
N HIS G 210 17.60 -18.09 -56.08
CA HIS G 210 17.72 -18.86 -54.85
C HIS G 210 16.77 -20.05 -54.86
N VAL G 211 15.55 -19.88 -55.38
CA VAL G 211 14.64 -21.00 -55.57
C VAL G 211 15.26 -22.01 -56.52
N GLU G 212 15.87 -21.54 -57.60
CA GLU G 212 16.53 -22.44 -58.53
C GLU G 212 17.60 -23.27 -57.83
N SER G 213 18.44 -22.61 -57.03
CA SER G 213 19.50 -23.33 -56.31
C SER G 213 18.91 -24.34 -55.33
N PHE G 214 17.86 -23.93 -54.59
CA PHE G 214 17.20 -24.82 -53.64
C PHE G 214 16.65 -26.05 -54.34
N PHE G 215 16.05 -25.86 -55.52
CA PHE G 215 15.48 -27.00 -56.24
C PHE G 215 16.58 -27.92 -56.78
N GLN G 216 17.63 -27.34 -57.38
CA GLN G 216 18.69 -28.18 -57.91
C GLN G 216 19.49 -28.85 -56.81
N LYS G 217 19.38 -28.38 -55.57
CA LYS G 217 19.99 -29.10 -54.45
C LYS G 217 19.06 -30.14 -53.85
N MET G 218 17.78 -29.81 -53.67
CA MET G 218 16.82 -30.67 -52.99
C MET G 218 16.21 -31.71 -53.93
N ASP G 219 15.66 -31.29 -55.06
CA ASP G 219 15.05 -32.21 -56.00
C ASP G 219 16.11 -33.16 -56.57
N ARG G 220 15.73 -34.42 -56.70
CA ARG G 220 16.63 -35.47 -57.17
C ARG G 220 16.14 -36.16 -58.43
N ASN G 221 14.84 -36.30 -58.62
CA ASN G 221 14.31 -36.83 -59.88
C ASN G 221 14.05 -35.74 -60.91
N LYS G 222 14.27 -34.47 -60.55
CA LYS G 222 14.15 -33.34 -61.47
C LYS G 222 12.75 -33.29 -62.11
N ASP G 223 11.73 -33.55 -61.30
CA ASP G 223 10.36 -33.54 -61.78
C ASP G 223 9.72 -32.17 -61.68
N GLY G 224 10.47 -31.14 -61.31
CA GLY G 224 9.91 -29.83 -61.12
C GLY G 224 9.21 -29.62 -59.81
N VAL G 225 9.44 -30.50 -58.83
CA VAL G 225 8.75 -30.44 -57.54
C VAL G 225 9.62 -31.12 -56.50
N VAL G 226 9.37 -30.78 -55.24
CA VAL G 226 10.10 -31.34 -54.11
C VAL G 226 9.14 -32.16 -53.27
N THR G 227 9.50 -33.41 -53.01
CA THR G 227 8.73 -34.28 -52.14
C THR G 227 9.44 -34.43 -50.79
N ILE G 228 8.71 -34.94 -49.80
CA ILE G 228 9.26 -35.05 -48.45
C ILE G 228 10.46 -35.99 -48.43
N GLU G 229 10.44 -37.05 -49.26
CA GLU G 229 11.57 -37.97 -49.30
C GLU G 229 12.82 -37.26 -49.80
N GLU G 230 12.73 -36.56 -50.93
CA GLU G 230 13.87 -35.82 -51.44
C GLU G 230 14.33 -34.74 -50.47
N PHE G 231 13.39 -34.00 -49.89
CA PHE G 231 13.73 -32.98 -48.90
C PHE G 231 14.56 -33.59 -47.78
N ILE G 232 14.05 -34.66 -47.18
CA ILE G 232 14.76 -35.30 -46.08
C ILE G 232 16.15 -35.75 -46.53
N GLU G 233 16.23 -36.62 -47.54
CA GLU G 233 17.51 -37.25 -47.87
C GLU G 233 18.53 -36.21 -48.30
N SER G 234 18.11 -35.20 -49.06
CA SER G 234 19.01 -34.11 -49.40
C SER G 234 19.45 -33.33 -48.16
N CYS G 235 18.58 -33.21 -47.16
CA CYS G 235 18.97 -32.51 -45.94
C CYS G 235 20.03 -33.28 -45.16
N GLN G 236 19.83 -34.59 -44.98
CA GLN G 236 20.87 -35.38 -44.31
C GLN G 236 22.16 -35.46 -45.13
N LYS G 237 22.10 -35.16 -46.42
CA LYS G 237 23.31 -35.13 -47.23
C LYS G 237 24.00 -33.76 -47.24
N ASP G 238 23.66 -32.87 -46.30
CA ASP G 238 24.29 -31.56 -46.20
C ASP G 238 24.74 -31.35 -44.75
N GLU G 239 26.06 -31.36 -44.53
CA GLU G 239 26.59 -31.28 -43.17
C GLU G 239 26.26 -29.93 -42.54
N ASN G 240 26.24 -28.86 -43.35
CA ASN G 240 25.94 -27.55 -42.81
C ASN G 240 24.53 -27.49 -42.25
N ILE G 241 23.58 -28.16 -42.91
CA ILE G 241 22.23 -28.23 -42.38
C ILE G 241 22.20 -28.94 -41.03
N MET G 242 22.96 -30.03 -40.90
CA MET G 242 23.04 -30.69 -39.60
C MET G 242 23.60 -29.77 -38.52
N ARG G 243 24.71 -29.08 -38.83
CA ARG G 243 25.27 -28.17 -37.84
C ARG G 243 24.23 -27.13 -37.41
N SER G 244 23.52 -26.57 -38.39
CA SER G 244 22.50 -25.57 -38.10
C SER G 244 21.37 -26.13 -37.25
N MET G 245 20.92 -27.35 -37.55
CA MET G 245 19.84 -27.96 -36.76
C MET G 245 20.29 -28.24 -35.33
N GLN G 246 21.43 -28.92 -35.17
CA GLN G 246 21.84 -29.30 -33.81
C GLN G 246 22.17 -28.08 -32.95
N LEU G 247 22.83 -27.08 -33.51
CA LEU G 247 23.33 -26.01 -32.67
C LEU G 247 22.20 -25.09 -32.20
N PHE G 248 21.53 -24.43 -33.15
CA PHE G 248 20.67 -23.30 -32.81
C PHE G 248 19.39 -23.74 -32.11
N ASP G 249 18.76 -24.80 -32.60
CA ASP G 249 17.48 -25.21 -32.06
C ASP G 249 17.62 -26.13 -30.85
N ASN G 250 18.84 -26.36 -30.38
CA ASN G 250 19.06 -27.08 -29.13
C ASN G 250 19.71 -26.24 -28.05
N VAL G 251 20.42 -25.17 -28.40
CA VAL G 251 20.99 -24.33 -27.35
C VAL G 251 19.89 -23.66 -26.53
N ILE G 252 18.78 -23.29 -27.18
CA ILE G 252 17.66 -22.67 -26.47
C ILE G 252 16.51 -23.66 -26.32
N PRO H 72 -25.50 -9.87 20.26
CA PRO H 72 -24.77 -10.89 19.50
C PRO H 72 -24.02 -11.86 20.40
N GLU H 73 -24.36 -13.15 20.33
CA GLU H 73 -23.73 -14.14 21.17
C GLU H 73 -22.27 -14.33 20.76
N GLY H 74 -21.39 -14.48 21.74
CA GLY H 74 -19.98 -14.61 21.46
C GLY H 74 -19.61 -15.98 20.92
N LEU H 75 -18.35 -16.10 20.52
CA LEU H 75 -17.86 -17.36 19.98
C LEU H 75 -17.87 -18.45 21.05
N GLU H 76 -17.48 -18.12 22.28
CA GLU H 76 -17.46 -19.12 23.35
C GLU H 76 -18.86 -19.59 23.71
N GLN H 77 -19.81 -18.66 23.81
CA GLN H 77 -21.17 -19.05 24.12
C GLN H 77 -21.81 -19.87 23.01
N LEU H 78 -21.54 -19.52 21.75
CA LEU H 78 -22.03 -20.34 20.65
C LEU H 78 -21.37 -21.71 20.64
N GLN H 79 -20.10 -21.77 21.05
CA GLN H 79 -19.43 -23.07 21.18
C GLN H 79 -20.10 -23.94 22.23
N GLU H 80 -20.47 -23.35 23.36
CA GLU H 80 -21.09 -24.13 24.42
C GLU H 80 -22.57 -24.39 24.18
N GLN H 81 -23.20 -23.65 23.28
CA GLN H 81 -24.62 -23.86 22.97
C GLN H 81 -24.81 -24.84 21.82
N THR H 82 -24.15 -24.58 20.69
CA THR H 82 -24.27 -25.44 19.53
C THR H 82 -23.32 -26.64 19.67
N LYS H 83 -23.29 -27.47 18.63
CA LYS H 83 -22.40 -28.63 18.59
C LYS H 83 -21.25 -28.44 17.61
N PHE H 84 -20.99 -27.21 17.18
CA PHE H 84 -19.90 -26.93 16.28
C PHE H 84 -18.64 -26.55 17.05
N THR H 85 -17.49 -26.80 16.44
CA THR H 85 -16.22 -26.43 17.04
C THR H 85 -15.96 -24.95 16.79
N ARG H 86 -14.85 -24.45 17.35
CA ARG H 86 -14.49 -23.04 17.14
C ARG H 86 -14.20 -22.75 15.68
N LYS H 87 -13.46 -23.65 15.01
CA LYS H 87 -13.15 -23.46 13.60
C LYS H 87 -14.42 -23.47 12.75
N GLU H 88 -15.33 -24.40 13.02
CA GLU H 88 -16.56 -24.48 12.24
C GLU H 88 -17.41 -23.24 12.43
N LEU H 89 -17.52 -22.76 13.66
CA LEU H 89 -18.29 -21.54 13.91
C LEU H 89 -17.63 -20.34 13.24
N GLN H 90 -16.29 -20.29 13.24
CA GLN H 90 -15.61 -19.19 12.57
C GLN H 90 -15.86 -19.20 11.07
N VAL H 91 -15.81 -20.38 10.45
CA VAL H 91 -16.09 -20.47 9.01
C VAL H 91 -17.53 -20.09 8.71
N LEU H 92 -18.46 -20.57 9.54
CA LEU H 92 -19.87 -20.23 9.34
C LEU H 92 -20.11 -18.74 9.48
N TYR H 93 -19.48 -18.11 10.47
CA TYR H 93 -19.62 -16.67 10.65
C TYR H 93 -19.00 -15.91 9.49
N ARG H 94 -17.85 -16.37 9.01
CA ARG H 94 -17.21 -15.76 7.85
C ARG H 94 -18.16 -15.74 6.66
N GLY H 95 -18.76 -16.89 6.35
CA GLY H 95 -19.69 -16.93 5.24
C GLY H 95 -20.94 -16.11 5.46
N PHE H 96 -21.50 -16.19 6.67
CA PHE H 96 -22.73 -15.47 7.00
C PHE H 96 -22.52 -13.97 6.86
N LYS H 97 -21.39 -13.46 7.37
CA LYS H 97 -21.13 -12.02 7.27
C LYS H 97 -20.72 -11.63 5.87
N ASN H 98 -20.12 -12.55 5.10
CA ASN H 98 -19.84 -12.25 3.70
C ASN H 98 -21.12 -12.04 2.92
N GLU H 99 -22.17 -12.79 3.24
CA GLU H 99 -23.45 -12.55 2.59
C GLU H 99 -24.27 -11.45 3.29
N CYS H 100 -24.17 -11.35 4.61
CA CYS H 100 -24.95 -10.38 5.38
C CYS H 100 -24.01 -9.56 6.26
N PRO H 101 -23.44 -8.49 5.72
CA PRO H 101 -22.44 -7.71 6.51
C PRO H 101 -22.99 -7.17 7.80
N SER H 102 -24.30 -6.87 7.87
CA SER H 102 -24.90 -6.37 9.10
C SER H 102 -24.98 -7.41 10.20
N GLY H 103 -24.79 -8.69 9.87
CA GLY H 103 -24.86 -9.76 10.85
C GLY H 103 -26.23 -10.37 11.02
N ILE H 104 -27.26 -9.84 10.37
CA ILE H 104 -28.60 -10.40 10.39
C ILE H 104 -29.15 -10.37 8.98
N VAL H 105 -30.13 -11.24 8.71
CA VAL H 105 -30.73 -11.35 7.40
C VAL H 105 -32.26 -11.29 7.54
N ASN H 106 -32.90 -10.51 6.69
CA ASN H 106 -34.35 -10.43 6.65
C ASN H 106 -34.89 -11.45 5.65
N GLU H 107 -36.22 -11.53 5.57
CA GLU H 107 -36.85 -12.56 4.74
C GLU H 107 -36.52 -12.37 3.26
N GLU H 108 -36.48 -11.13 2.79
CA GLU H 108 -36.23 -10.88 1.37
C GLU H 108 -34.79 -11.22 0.99
N ASN H 109 -33.82 -10.78 1.79
CA ASN H 109 -32.43 -11.14 1.51
C ASN H 109 -32.22 -12.64 1.68
N PHE H 110 -32.94 -13.26 2.62
CA PHE H 110 -32.89 -14.71 2.78
C PHE H 110 -33.38 -15.41 1.52
N LYS H 111 -34.49 -14.95 0.95
CA LYS H 111 -34.98 -15.51 -0.30
C LYS H 111 -33.98 -15.33 -1.42
N GLN H 112 -33.37 -14.14 -1.50
CA GLN H 112 -32.41 -13.89 -2.56
C GLN H 112 -31.20 -14.81 -2.43
N ILE H 113 -30.76 -15.07 -1.20
CA ILE H 113 -29.66 -16.01 -0.99
C ILE H 113 -30.08 -17.42 -1.38
N TYR H 114 -31.25 -17.86 -0.93
CA TYR H 114 -31.65 -19.25 -1.11
C TYR H 114 -32.01 -19.56 -2.56
N SER H 115 -32.50 -18.58 -3.31
CA SER H 115 -32.97 -18.84 -4.67
C SER H 115 -31.85 -19.29 -5.58
N GLN H 116 -30.65 -18.74 -5.40
CA GLN H 116 -29.58 -19.03 -6.35
C GLN H 116 -28.99 -20.43 -6.18
N PHE H 117 -29.60 -21.29 -5.37
CA PHE H 117 -29.28 -22.71 -5.41
C PHE H 117 -30.24 -23.50 -6.28
N PHE H 118 -31.28 -22.85 -6.80
CA PHE H 118 -32.35 -23.51 -7.56
C PHE H 118 -32.60 -22.70 -8.82
N PRO H 119 -31.73 -22.83 -9.82
CA PRO H 119 -31.84 -21.99 -11.02
C PRO H 119 -32.89 -22.44 -12.02
N GLN H 120 -33.75 -23.40 -11.68
CA GLN H 120 -34.77 -23.87 -12.60
C GLN H 120 -36.15 -23.94 -11.93
N GLY H 121 -36.36 -23.14 -10.88
CA GLY H 121 -37.62 -23.18 -10.19
C GLY H 121 -37.80 -21.96 -9.32
N ASP H 122 -38.89 -21.95 -8.57
CA ASP H 122 -39.23 -20.88 -7.65
C ASP H 122 -39.20 -21.42 -6.23
N SER H 123 -38.22 -20.98 -5.44
CA SER H 123 -38.03 -21.48 -4.08
C SER H 123 -38.57 -20.52 -3.03
N SER H 124 -39.34 -19.51 -3.45
CA SER H 124 -39.73 -18.43 -2.52
C SER H 124 -40.60 -18.94 -1.39
N THR H 125 -41.56 -19.82 -1.68
CA THR H 125 -42.46 -20.30 -0.63
C THR H 125 -41.73 -21.21 0.35
N TYR H 126 -40.92 -22.13 -0.16
CA TYR H 126 -40.13 -22.97 0.73
C TYR H 126 -39.12 -22.14 1.52
N ALA H 127 -38.56 -21.11 0.89
CA ALA H 127 -37.67 -20.21 1.61
C ALA H 127 -38.40 -19.48 2.72
N THR H 128 -39.65 -19.08 2.50
CA THR H 128 -40.44 -18.48 3.58
C THR H 128 -40.64 -19.45 4.72
N PHE H 129 -40.97 -20.70 4.40
CA PHE H 129 -41.12 -21.71 5.45
C PHE H 129 -39.82 -21.87 6.24
N LEU H 130 -38.69 -21.94 5.53
CA LEU H 130 -37.41 -22.07 6.20
C LEU H 130 -37.11 -20.87 7.08
N PHE H 131 -37.39 -19.67 6.59
CA PHE H 131 -37.13 -18.47 7.36
C PHE H 131 -37.95 -18.43 8.64
N ASN H 132 -39.23 -18.81 8.54
CA ASN H 132 -40.07 -18.87 9.73
C ASN H 132 -39.58 -19.94 10.70
N ALA H 133 -39.12 -21.08 10.19
CA ALA H 133 -38.64 -22.14 11.07
C ALA H 133 -37.35 -21.75 11.77
N PHE H 134 -36.44 -21.08 11.06
CA PHE H 134 -35.14 -20.73 11.63
C PHE H 134 -35.23 -19.57 12.60
N ASP H 135 -36.13 -18.62 12.35
CA ASP H 135 -36.21 -17.40 13.14
C ASP H 135 -37.12 -17.68 14.33
N THR H 136 -36.52 -18.21 15.40
CA THR H 136 -37.31 -18.77 16.49
C THR H 136 -38.04 -17.69 17.27
N ASN H 137 -37.38 -16.56 17.53
CA ASN H 137 -37.97 -15.51 18.35
C ASN H 137 -38.90 -14.59 17.59
N HIS H 138 -39.13 -14.85 16.30
CA HIS H 138 -40.12 -14.12 15.50
C HIS H 138 -39.86 -12.62 15.51
N ASP H 139 -38.59 -12.26 15.37
CA ASP H 139 -38.15 -10.87 15.23
C ASP H 139 -38.24 -10.38 13.79
N GLY H 140 -38.59 -11.25 12.85
CA GLY H 140 -38.51 -10.90 11.45
C GLY H 140 -37.11 -10.93 10.89
N SER H 141 -36.12 -11.33 11.69
CA SER H 141 -34.73 -11.36 11.28
C SER H 141 -34.09 -12.64 11.79
N VAL H 142 -33.29 -13.27 10.94
CA VAL H 142 -32.49 -14.42 11.31
C VAL H 142 -31.09 -13.91 11.60
N SER H 143 -30.66 -14.05 12.84
CA SER H 143 -29.32 -13.66 13.24
C SER H 143 -28.39 -14.87 13.09
N PHE H 144 -27.10 -14.65 13.32
CA PHE H 144 -26.16 -15.75 13.30
C PHE H 144 -26.50 -16.78 14.37
N GLU H 145 -27.10 -16.35 15.47
CA GLU H 145 -27.51 -17.28 16.52
C GLU H 145 -28.62 -18.20 16.03
N ASP H 146 -29.68 -17.62 15.42
CA ASP H 146 -30.70 -18.44 14.78
C ASP H 146 -30.08 -19.39 13.77
N PHE H 147 -29.17 -18.87 12.95
CA PHE H 147 -28.55 -19.64 11.87
C PHE H 147 -27.85 -20.88 12.41
N VAL H 148 -26.96 -20.70 13.39
CA VAL H 148 -26.18 -21.84 13.85
C VAL H 148 -27.00 -22.72 14.78
N ALA H 149 -28.01 -22.17 15.46
CA ALA H 149 -28.88 -23.03 16.24
C ALA H 149 -29.62 -24.01 15.36
N GLY H 150 -30.23 -23.50 14.28
CA GLY H 150 -30.89 -24.39 13.34
C GLY H 150 -29.93 -25.36 12.67
N LEU H 151 -28.76 -24.87 12.25
CA LEU H 151 -27.80 -25.73 11.59
C LEU H 151 -27.26 -26.80 12.53
N SER H 152 -27.15 -26.48 13.82
CA SER H 152 -26.68 -27.47 14.79
C SER H 152 -27.75 -28.52 15.06
N VAL H 153 -29.01 -28.10 15.15
CA VAL H 153 -30.08 -29.06 15.33
C VAL H 153 -30.17 -30.02 14.14
N ILE H 154 -30.05 -29.49 12.92
CA ILE H 154 -30.22 -30.33 11.74
C ILE H 154 -28.97 -31.18 11.48
N LEU H 155 -27.81 -30.52 11.38
CA LEU H 155 -26.61 -31.22 10.94
C LEU H 155 -26.00 -32.07 12.05
N ARG H 156 -26.15 -31.65 13.30
CA ARG H 156 -25.48 -32.32 14.41
C ARG H 156 -26.42 -33.01 15.38
N GLY H 157 -27.72 -32.72 15.32
CA GLY H 157 -28.65 -33.34 16.23
C GLY H 157 -28.88 -34.82 15.93
N THR H 158 -29.61 -35.47 16.82
CA THR H 158 -29.99 -36.85 16.61
C THR H 158 -31.06 -36.94 15.54
N VAL H 159 -31.41 -38.17 15.16
CA VAL H 159 -32.45 -38.37 14.15
C VAL H 159 -33.79 -37.86 14.66
N ASP H 160 -34.05 -38.01 15.95
CA ASP H 160 -35.29 -37.50 16.53
C ASP H 160 -35.31 -35.97 16.53
N ASP H 161 -34.15 -35.35 16.76
CA ASP H 161 -34.10 -33.89 16.69
C ASP H 161 -34.41 -33.38 15.29
N ARG H 162 -33.84 -34.01 14.27
CA ARG H 162 -34.13 -33.63 12.89
C ARG H 162 -35.59 -33.88 12.56
N LEU H 163 -36.14 -34.98 13.05
CA LEU H 163 -37.54 -35.30 12.77
C LEU H 163 -38.47 -34.30 13.42
N ASN H 164 -38.16 -33.88 14.65
CA ASN H 164 -38.92 -32.82 15.29
C ASN H 164 -38.83 -31.52 14.52
N TRP H 165 -37.63 -31.18 14.02
CA TRP H 165 -37.47 -29.96 13.25
C TRP H 165 -38.30 -30.01 11.97
N ALA H 166 -38.29 -31.15 11.27
CA ALA H 166 -39.07 -31.28 10.04
C ALA H 166 -40.57 -31.24 10.34
N PHE H 167 -41.00 -31.89 11.42
CA PHE H 167 -42.41 -31.86 11.79
C PHE H 167 -42.86 -30.43 12.10
N ASN H 168 -42.03 -29.68 12.82
CA ASN H 168 -42.35 -28.28 13.08
C ASN H 168 -42.38 -27.46 11.80
N LEU H 169 -41.52 -27.80 10.84
CA LEU H 169 -41.57 -27.13 9.54
C LEU H 169 -42.91 -27.38 8.86
N TYR H 170 -43.39 -28.63 8.91
CA TYR H 170 -44.66 -28.95 8.25
C TYR H 170 -45.85 -28.35 8.97
N ASP H 171 -45.84 -28.38 10.31
CA ASP H 171 -46.93 -27.84 11.10
C ASP H 171 -46.86 -26.32 11.07
N LEU H 172 -47.59 -25.71 10.13
CA LEU H 172 -47.47 -24.28 9.89
C LEU H 172 -47.94 -23.47 11.09
N ASN H 173 -49.08 -23.86 11.69
CA ASN H 173 -49.61 -23.13 12.83
C ASN H 173 -48.96 -23.53 14.15
N LYS H 174 -48.07 -24.53 14.13
CA LYS H 174 -47.34 -25.00 15.30
C LYS H 174 -48.27 -25.51 16.39
N ASP H 175 -49.49 -25.92 16.01
CA ASP H 175 -50.46 -26.36 17.01
C ASP H 175 -50.11 -27.74 17.57
N GLY H 176 -49.50 -28.59 16.77
CA GLY H 176 -49.12 -29.91 17.22
C GLY H 176 -49.56 -31.03 16.31
N CYS H 177 -50.10 -30.67 15.14
CA CYS H 177 -50.58 -31.66 14.18
C CYS H 177 -50.41 -31.11 12.77
N ILE H 178 -50.35 -32.03 11.81
CA ILE H 178 -50.20 -31.71 10.40
C ILE H 178 -51.50 -32.08 9.71
N THR H 179 -52.19 -31.08 9.16
CA THR H 179 -53.38 -31.31 8.38
C THR H 179 -53.03 -31.49 6.90
N LYS H 180 -54.03 -31.88 6.11
CA LYS H 180 -53.79 -32.12 4.70
C LYS H 180 -53.52 -30.84 3.93
N GLU H 181 -54.14 -29.73 4.36
CA GLU H 181 -53.88 -28.46 3.69
C GLU H 181 -52.51 -27.90 4.06
N GLU H 182 -52.07 -28.12 5.31
CA GLU H 182 -50.72 -27.74 5.70
C GLU H 182 -49.69 -28.47 4.84
N MET H 183 -49.85 -29.78 4.72
CA MET H 183 -48.96 -30.55 3.85
C MET H 183 -49.09 -30.15 2.40
N LEU H 184 -50.29 -29.74 1.97
CA LEU H 184 -50.46 -29.26 0.60
C LEU H 184 -49.62 -28.01 0.35
N ASP H 185 -49.60 -27.09 1.32
CA ASP H 185 -48.74 -25.91 1.18
C ASP H 185 -47.27 -26.31 1.07
N ILE H 186 -46.84 -27.27 1.89
CA ILE H 186 -45.44 -27.68 1.86
C ILE H 186 -45.08 -28.30 0.52
N MET H 187 -45.91 -29.22 0.03
CA MET H 187 -45.59 -29.86 -1.25
C MET H 187 -45.72 -28.89 -2.42
N LYS H 188 -46.63 -27.91 -2.34
CA LYS H 188 -46.66 -26.88 -3.36
C LYS H 188 -45.34 -26.11 -3.38
N SER H 189 -44.83 -25.75 -2.19
CA SER H 189 -43.54 -25.07 -2.12
C SER H 189 -42.41 -25.93 -2.68
N ILE H 190 -42.42 -27.23 -2.38
CA ILE H 190 -41.35 -28.11 -2.85
C ILE H 190 -41.42 -28.27 -4.36
N TYR H 191 -42.61 -28.50 -4.90
CA TYR H 191 -42.76 -28.67 -6.34
C TYR H 191 -42.54 -27.38 -7.11
N ASP H 192 -42.67 -26.23 -6.46
CA ASP H 192 -42.34 -24.98 -7.12
C ASP H 192 -40.86 -24.91 -7.50
N MET H 193 -40.00 -25.65 -6.80
CA MET H 193 -38.60 -25.71 -7.21
C MET H 193 -38.38 -26.56 -8.44
N MET H 194 -39.27 -27.53 -8.69
CA MET H 194 -39.10 -28.40 -9.85
C MET H 194 -39.16 -27.61 -11.15
N GLY H 195 -39.82 -26.46 -11.13
CA GLY H 195 -39.98 -25.64 -12.31
C GLY H 195 -41.20 -26.04 -13.11
N LYS H 196 -41.55 -25.18 -14.06
CA LYS H 196 -42.71 -25.40 -14.91
C LYS H 196 -42.39 -26.24 -16.15
N TYR H 197 -41.14 -26.65 -16.32
CA TYR H 197 -40.71 -27.38 -17.52
C TYR H 197 -39.91 -28.59 -17.05
N THR H 198 -40.62 -29.68 -16.72
CA THR H 198 -40.04 -30.89 -16.15
C THR H 198 -40.31 -32.07 -17.07
N TYR H 199 -39.82 -33.24 -16.69
CA TYR H 199 -39.92 -34.41 -17.55
C TYR H 199 -41.35 -34.95 -17.66
N PRO H 200 -41.96 -35.49 -16.57
CA PRO H 200 -43.25 -36.17 -16.76
C PRO H 200 -44.36 -35.24 -17.21
N ALA H 201 -44.68 -34.23 -16.39
CA ALA H 201 -45.69 -33.23 -16.69
C ALA H 201 -45.79 -32.28 -15.49
N LEU H 202 -46.33 -31.10 -15.74
CA LEU H 202 -46.78 -30.21 -14.67
C LEU H 202 -48.27 -30.48 -14.47
N ARG H 203 -48.55 -31.61 -13.80
CA ARG H 203 -49.91 -32.14 -13.73
C ARG H 203 -50.87 -31.24 -12.96
N GLU H 204 -50.36 -30.25 -12.22
CA GLU H 204 -51.15 -29.35 -11.39
C GLU H 204 -51.91 -30.07 -10.30
N GLU H 205 -51.67 -31.37 -10.13
CA GLU H 205 -52.27 -32.16 -9.07
C GLU H 205 -51.28 -33.08 -8.38
N ALA H 206 -50.03 -33.13 -8.85
CA ALA H 206 -49.02 -33.96 -8.20
C ALA H 206 -48.84 -33.64 -6.72
N PRO H 207 -48.80 -32.38 -6.27
CA PRO H 207 -48.76 -32.14 -4.82
C PRO H 207 -49.93 -32.74 -4.06
N ARG H 208 -51.14 -32.73 -4.64
CA ARG H 208 -52.30 -33.26 -3.95
C ARG H 208 -52.15 -34.75 -3.68
N GLU H 209 -51.84 -35.52 -4.72
CA GLU H 209 -51.65 -36.96 -4.55
C GLU H 209 -50.38 -37.30 -3.78
N HIS H 210 -49.37 -36.44 -3.82
CA HIS H 210 -48.21 -36.65 -2.97
C HIS H 210 -48.57 -36.46 -1.50
N VAL H 211 -49.41 -35.48 -1.19
CA VAL H 211 -49.93 -35.33 0.17
C VAL H 211 -50.72 -36.56 0.57
N GLU H 212 -51.54 -37.08 -0.36
CA GLU H 212 -52.29 -38.30 -0.06
C GLU H 212 -51.35 -39.46 0.28
N SER H 213 -50.29 -39.65 -0.51
CA SER H 213 -49.34 -40.72 -0.24
C SER H 213 -48.63 -40.50 1.10
N PHE H 214 -48.23 -39.26 1.38
CA PHE H 214 -47.57 -38.95 2.64
C PHE H 214 -48.47 -39.26 3.83
N PHE H 215 -49.76 -38.94 3.71
CA PHE H 215 -50.69 -39.20 4.81
C PHE H 215 -50.93 -40.70 4.98
N GLN H 216 -51.14 -41.42 3.87
CA GLN H 216 -51.40 -42.85 4.00
C GLN H 216 -50.15 -43.60 4.42
N LYS H 217 -48.97 -43.00 4.32
CA LYS H 217 -47.77 -43.61 4.87
C LYS H 217 -47.54 -43.22 6.33
N MET H 218 -47.72 -41.95 6.68
CA MET H 218 -47.42 -41.43 8.00
C MET H 218 -48.55 -41.66 8.99
N ASP H 219 -49.77 -41.25 8.65
CA ASP H 219 -50.90 -41.42 9.54
C ASP H 219 -51.19 -42.90 9.76
N ARG H 220 -51.50 -43.26 11.00
CA ARG H 220 -51.74 -44.64 11.39
C ARG H 220 -53.13 -44.88 11.95
N ASN H 221 -53.71 -43.89 12.64
CA ASN H 221 -55.09 -44.01 13.10
C ASN H 221 -56.08 -43.48 12.07
N LYS H 222 -55.61 -42.94 10.95
CA LYS H 222 -56.46 -42.48 9.85
C LYS H 222 -57.47 -41.44 10.32
N ASP H 223 -57.02 -40.55 11.19
CA ASP H 223 -57.88 -39.50 11.73
C ASP H 223 -57.90 -38.25 10.86
N GLY H 224 -57.25 -38.28 9.71
CA GLY H 224 -57.17 -37.10 8.86
C GLY H 224 -56.11 -36.11 9.28
N VAL H 225 -55.17 -36.52 10.13
CA VAL H 225 -54.14 -35.63 10.65
C VAL H 225 -52.92 -36.46 11.04
N VAL H 226 -51.78 -35.78 11.12
CA VAL H 226 -50.52 -36.43 11.48
C VAL H 226 -50.06 -35.84 12.81
N THR H 227 -49.78 -36.72 13.77
CA THR H 227 -49.23 -36.31 15.05
C THR H 227 -47.74 -36.67 15.12
N ILE H 228 -47.05 -36.09 16.10
CA ILE H 228 -45.61 -36.30 16.22
C ILE H 228 -45.29 -37.77 16.47
N GLU H 229 -46.14 -38.47 17.21
CA GLU H 229 -45.91 -39.89 17.47
C GLU H 229 -45.96 -40.70 16.19
N GLU H 230 -47.02 -40.52 15.39
CA GLU H 230 -47.13 -41.22 14.12
C GLU H 230 -46.00 -40.84 13.17
N PHE H 231 -45.69 -39.53 13.09
CA PHE H 231 -44.58 -39.09 12.26
C PHE H 231 -43.29 -39.82 12.61
N ILE H 232 -42.94 -39.80 13.89
CA ILE H 232 -41.72 -40.47 14.33
C ILE H 232 -41.76 -41.95 13.98
N GLU H 233 -42.76 -42.69 14.49
CA GLU H 233 -42.72 -44.15 14.37
C GLU H 233 -42.77 -44.58 12.91
N SER H 234 -43.56 -43.88 12.09
CA SER H 234 -43.55 -44.16 10.65
C SER H 234 -42.19 -43.85 10.04
N CYS H 235 -41.49 -42.84 10.53
CA CYS H 235 -40.17 -42.54 9.99
C CYS H 235 -39.15 -43.63 10.32
N GLN H 236 -39.12 -44.08 11.58
CA GLN H 236 -38.22 -45.19 11.90
C GLN H 236 -38.63 -46.49 11.21
N LYS H 237 -39.86 -46.59 10.73
CA LYS H 237 -40.26 -47.76 9.96
C LYS H 237 -39.98 -47.64 8.47
N ASP H 238 -39.14 -46.71 8.05
CA ASP H 238 -38.77 -46.55 6.64
C ASP H 238 -37.26 -46.48 6.54
N GLU H 239 -36.65 -47.54 5.99
CA GLU H 239 -35.19 -47.63 5.93
C GLU H 239 -34.60 -46.53 5.05
N ASN H 240 -35.31 -46.16 3.98
CA ASN H 240 -34.81 -45.12 3.09
C ASN H 240 -34.69 -43.79 3.81
N ILE H 241 -35.64 -43.50 4.70
CA ILE H 241 -35.55 -42.28 5.50
C ILE H 241 -34.32 -42.31 6.40
N MET H 242 -34.02 -43.46 7.01
CA MET H 242 -32.80 -43.56 7.80
C MET H 242 -31.57 -43.32 6.95
N ARG H 243 -31.48 -43.96 5.79
CA ARG H 243 -30.31 -43.74 4.94
C ARG H 243 -30.15 -42.27 4.62
N SER H 244 -31.26 -41.61 4.27
CA SER H 244 -31.22 -40.19 3.94
C SER H 244 -30.79 -39.33 5.12
N MET H 245 -31.28 -39.64 6.32
CA MET H 245 -30.90 -38.87 7.51
C MET H 245 -29.42 -39.06 7.82
N GLN H 246 -28.96 -40.31 7.92
CA GLN H 246 -27.57 -40.54 8.32
C GLN H 246 -26.58 -40.00 7.29
N LEU H 247 -26.85 -40.17 6.00
CA LEU H 247 -25.84 -39.86 5.01
C LEU H 247 -25.67 -38.35 4.85
N PHE H 248 -26.73 -37.67 4.41
CA PHE H 248 -26.59 -36.31 3.90
C PHE H 248 -26.33 -35.30 5.01
N ASP H 249 -27.06 -35.42 6.12
CA ASP H 249 -26.94 -34.44 7.18
C ASP H 249 -25.81 -34.75 8.14
N ASN H 250 -25.01 -35.77 7.87
CA ASN H 250 -23.80 -36.04 8.65
C ASN H 250 -22.53 -35.90 7.84
N VAL H 251 -22.58 -36.03 6.51
CA VAL H 251 -21.37 -35.85 5.72
C VAL H 251 -20.87 -34.41 5.83
N ILE H 252 -21.79 -33.46 5.90
CA ILE H 252 -21.42 -32.05 6.03
C ILE H 252 -21.68 -31.55 7.45
#